data_8E2C
# 
_entry.id   8E2C 
# 
_audit_conform.dict_name       mmcif_pdbx.dic 
_audit_conform.dict_version    5.391 
_audit_conform.dict_location   http://mmcif.pdb.org/dictionaries/ascii/mmcif_pdbx.dic 
# 
loop_
_database_2.database_id 
_database_2.database_code 
_database_2.pdbx_database_accession 
_database_2.pdbx_DOI 
PDB   8E2C         pdb_00008e2c 10.2210/pdb8e2c/pdb 
WWPDB D_1000267678 ?            ?                   
# 
loop_
_pdbx_audit_revision_history.ordinal 
_pdbx_audit_revision_history.data_content_type 
_pdbx_audit_revision_history.major_revision 
_pdbx_audit_revision_history.minor_revision 
_pdbx_audit_revision_history.revision_date 
1 'Structure model' 1 0 2023-08-09 
2 'Structure model' 1 1 2024-05-08 
# 
_pdbx_audit_revision_details.ordinal             1 
_pdbx_audit_revision_details.revision_ordinal    1 
_pdbx_audit_revision_details.data_content_type   'Structure model' 
_pdbx_audit_revision_details.provider            repository 
_pdbx_audit_revision_details.type                'Initial release' 
_pdbx_audit_revision_details.description         ? 
_pdbx_audit_revision_details.details             ? 
# 
loop_
_pdbx_audit_revision_group.ordinal 
_pdbx_audit_revision_group.revision_ordinal 
_pdbx_audit_revision_group.data_content_type 
_pdbx_audit_revision_group.group 
1 2 'Structure model' 'Data collection'     
2 2 'Structure model' 'Database references' 
# 
loop_
_pdbx_audit_revision_category.ordinal 
_pdbx_audit_revision_category.revision_ordinal 
_pdbx_audit_revision_category.data_content_type 
_pdbx_audit_revision_category.category 
1 2 'Structure model' chem_comp_atom  
2 2 'Structure model' chem_comp_bond  
3 2 'Structure model' citation        
4 2 'Structure model' citation_author 
# 
loop_
_pdbx_audit_revision_item.ordinal 
_pdbx_audit_revision_item.revision_ordinal 
_pdbx_audit_revision_item.data_content_type 
_pdbx_audit_revision_item.item 
1 2 'Structure model' '_citation.country'                 
2 2 'Structure model' '_citation.journal_abbrev'          
3 2 'Structure model' '_citation.journal_id_CSD'          
4 2 'Structure model' '_citation.journal_id_ISSN'         
5 2 'Structure model' '_citation.journal_volume'          
6 2 'Structure model' '_citation.pdbx_database_id_DOI'    
7 2 'Structure model' '_citation.pdbx_database_id_PubMed' 
8 2 'Structure model' '_citation.title'                   
9 2 'Structure model' '_citation.year'                    
# 
_pdbx_database_status.status_code                     REL 
_pdbx_database_status.status_code_sf                  REL 
_pdbx_database_status.status_code_mr                  ? 
_pdbx_database_status.entry_id                        8E2C 
_pdbx_database_status.recvd_initial_deposition_date   2022-08-14 
_pdbx_database_status.SG_entry                        N 
_pdbx_database_status.deposit_site                    RCSB 
_pdbx_database_status.process_site                    RCSB 
_pdbx_database_status.status_code_cs                  ? 
_pdbx_database_status.status_code_nmr_data            ? 
_pdbx_database_status.methods_development_category    ? 
_pdbx_database_status.pdb_format_compatible           Y 
# 
_pdbx_contact_author.id                 2 
_pdbx_contact_author.email              ychen1@usf.edu 
_pdbx_contact_author.name_first         Yu 
_pdbx_contact_author.name_last          Chen 
_pdbx_contact_author.name_mi            ? 
_pdbx_contact_author.role               'principal investigator/group leader' 
_pdbx_contact_author.identifier_ORCID   0000-0002-5115-3600 
# 
loop_
_audit_author.name 
_audit_author.pdbx_ordinal 
_audit_author.identifier_ORCID 
'Sacco, M.' 1 ? 
'Chen, Y.'  2 ? 
# 
_citation.abstract                  ? 
_citation.abstract_id_CAS           ? 
_citation.book_id_ISBN              ? 
_citation.book_publisher            ? 
_citation.book_publisher_city       ? 
_citation.book_title                ? 
_citation.coordinate_linkage        ? 
_citation.country                   US 
_citation.database_id_Medline       ? 
_citation.details                   ? 
_citation.id                        primary 
_citation.journal_abbrev            Elife 
_citation.journal_id_ASTM           ? 
_citation.journal_id_CSD            ? 
_citation.journal_id_ISSN           2050-084X 
_citation.journal_full              ? 
_citation.journal_issue             ? 
_citation.journal_volume            13 
_citation.language                  ? 
_citation.page_first                ? 
_citation.page_last                 ? 
_citation.title                     
'Staphylococcus aureus FtsZ and PBP4 bind to the conformationally dynamic N-terminal domain of GpsB.' 
_citation.year                      2024 
_citation.database_id_CSD           ? 
_citation.pdbx_database_id_DOI      10.7554/eLife.85579 
_citation.pdbx_database_id_PubMed   38639993 
_citation.pdbx_database_id_patent   ? 
_citation.unpublished_flag          ? 
# 
loop_
_citation_author.citation_id 
_citation_author.name 
_citation_author.ordinal 
_citation_author.identifier_ORCID 
primary 'Sacco, M.D.'          1  ?                   
primary 'Hammond, L.R.'        2  ?                   
primary 'Noor, R.E.'           3  ?                   
primary 'Bhattacharya, D.'     4  ?                   
primary 'McKnight, L.J.'       5  ?                   
primary 'Madsen, J.J.'         6  0000-0003-1411-9080 
primary 'Zhang, X.'            7  ?                   
primary 'Butler, S.G.'         8  ?                   
primary 'Kemp, M.T.'           9  ?                   
primary 'Jaskolka-Brown, A.C.' 10 ?                   
primary 'Khan, S.J.'           11 ?                   
primary 'Gelis, I.'            12 ?                   
primary 'Eswara, P.'           13 0000-0003-4430-261X 
primary 'Chen, Y.'             14 0000-0002-5115-3600 
# 
loop_
_entity.id 
_entity.type 
_entity.src_method 
_entity.pdbx_description 
_entity.formula_weight 
_entity.pdbx_number_of_molecules 
_entity.pdbx_ec 
_entity.pdbx_mutation 
_entity.pdbx_fragment 
_entity.details 
1 polymer man 'Cell cycle protein GpsB' 8328.440 2 ? ? 'N-terminal domain' ? 
2 polymer man PBP4                      993.211  1 ? ? ?                   ? 
3 water   nat water                     18.015   4 ? ? ?                   ? 
# 
_entity_name_com.entity_id   1 
_entity_name_com.name        'Guiding PBP1-shuttling protein' 
# 
loop_
_entity_poly.entity_id 
_entity_poly.type 
_entity_poly.nstd_linkage 
_entity_poly.nstd_monomer 
_entity_poly.pdbx_seq_one_letter_code 
_entity_poly.pdbx_seq_one_letter_code_can 
_entity_poly.pdbx_strand_id 
_entity_poly.pdbx_target_identifier 
1 'polypeptide(L)' no no MSDVSLKLSAKDIYEKDFEKTMARGYRREEVDAFLDDIIADYQKMADMNNEVVKLSEENHKLKKELEELR 
MSDVSLKLSAKDIYEKDFEKTMARGYRREEVDAFLDDIIADYQKMADMNNEVVKLSEENHKLKKELEELR A,B ? 
2 'polypeptide(L)' no no NRLFRKR                                                                NRLFRKR C   ? 
# 
_pdbx_entity_nonpoly.entity_id   3 
_pdbx_entity_nonpoly.name        water 
_pdbx_entity_nonpoly.comp_id     HOH 
# 
loop_
_entity_poly_seq.entity_id 
_entity_poly_seq.num 
_entity_poly_seq.mon_id 
_entity_poly_seq.hetero 
1 1  MET n 
1 2  SER n 
1 3  ASP n 
1 4  VAL n 
1 5  SER n 
1 6  LEU n 
1 7  LYS n 
1 8  LEU n 
1 9  SER n 
1 10 ALA n 
1 11 LYS n 
1 12 ASP n 
1 13 ILE n 
1 14 TYR n 
1 15 GLU n 
1 16 LYS n 
1 17 ASP n 
1 18 PHE n 
1 19 GLU n 
1 20 LYS n 
1 21 THR n 
1 22 MET n 
1 23 ALA n 
1 24 ARG n 
1 25 GLY n 
1 26 TYR n 
1 27 ARG n 
1 28 ARG n 
1 29 GLU n 
1 30 GLU n 
1 31 VAL n 
1 32 ASP n 
1 33 ALA n 
1 34 PHE n 
1 35 LEU n 
1 36 ASP n 
1 37 ASP n 
1 38 ILE n 
1 39 ILE n 
1 40 ALA n 
1 41 ASP n 
1 42 TYR n 
1 43 GLN n 
1 44 LYS n 
1 45 MET n 
1 46 ALA n 
1 47 ASP n 
1 48 MET n 
1 49 ASN n 
1 50 ASN n 
1 51 GLU n 
1 52 VAL n 
1 53 VAL n 
1 54 LYS n 
1 55 LEU n 
1 56 SER n 
1 57 GLU n 
1 58 GLU n 
1 59 ASN n 
1 60 HIS n 
1 61 LYS n 
1 62 LEU n 
1 63 LYS n 
1 64 LYS n 
1 65 GLU n 
1 66 LEU n 
1 67 GLU n 
1 68 GLU n 
1 69 LEU n 
1 70 ARG n 
2 1  ASN n 
2 2  ARG n 
2 3  LEU n 
2 4  PHE n 
2 5  ARG n 
2 6  LYS n 
2 7  ARG n 
# 
loop_
_entity_src_gen.entity_id 
_entity_src_gen.pdbx_src_id 
_entity_src_gen.pdbx_alt_source_flag 
_entity_src_gen.pdbx_seq_type 
_entity_src_gen.pdbx_beg_seq_num 
_entity_src_gen.pdbx_end_seq_num 
_entity_src_gen.gene_src_common_name 
_entity_src_gen.gene_src_genus 
_entity_src_gen.pdbx_gene_src_gene 
_entity_src_gen.gene_src_species 
_entity_src_gen.gene_src_strain 
_entity_src_gen.gene_src_tissue 
_entity_src_gen.gene_src_tissue_fraction 
_entity_src_gen.gene_src_details 
_entity_src_gen.pdbx_gene_src_fragment 
_entity_src_gen.pdbx_gene_src_scientific_name 
_entity_src_gen.pdbx_gene_src_ncbi_taxonomy_id 
_entity_src_gen.pdbx_gene_src_variant 
_entity_src_gen.pdbx_gene_src_cell_line 
_entity_src_gen.pdbx_gene_src_atcc 
_entity_src_gen.pdbx_gene_src_organ 
_entity_src_gen.pdbx_gene_src_organelle 
_entity_src_gen.pdbx_gene_src_cell 
_entity_src_gen.pdbx_gene_src_cellular_location 
_entity_src_gen.host_org_common_name 
_entity_src_gen.pdbx_host_org_scientific_name 
_entity_src_gen.pdbx_host_org_ncbi_taxonomy_id 
_entity_src_gen.host_org_genus 
_entity_src_gen.pdbx_host_org_gene 
_entity_src_gen.pdbx_host_org_organ 
_entity_src_gen.host_org_species 
_entity_src_gen.pdbx_host_org_tissue 
_entity_src_gen.pdbx_host_org_tissue_fraction 
_entity_src_gen.pdbx_host_org_strain 
_entity_src_gen.pdbx_host_org_variant 
_entity_src_gen.pdbx_host_org_cell_line 
_entity_src_gen.pdbx_host_org_atcc 
_entity_src_gen.pdbx_host_org_culture_collection 
_entity_src_gen.pdbx_host_org_cell 
_entity_src_gen.pdbx_host_org_organelle 
_entity_src_gen.pdbx_host_org_cellular_location 
_entity_src_gen.pdbx_host_org_vector_type 
_entity_src_gen.pdbx_host_org_vector 
_entity_src_gen.host_org_details 
_entity_src_gen.expression_system_id 
_entity_src_gen.plasmid_name 
_entity_src_gen.plasmid_details 
_entity_src_gen.pdbx_description 
1 1 sample 'Biological sequence' 1 70 ? ? 'gpsB, SACOL1484' ? COL ? ? ? ? 'Staphylococcus aureus subsp. aureus COL' 93062 ? ? ? ? 
? ? ? ? 
;Escherichia coli 'BL21-Gold(DE3)pLysS AG'
;
866768 ? ? ? ? ? ? ? ? ? ? ? ? ? ? ? ? ? ? ? ? ? 
2 1 sample 'Biological sequence' 1 7  ? ? pbp4              ? ?   ? ? ? ? 'Staphylococcus aureus subsp. aureus COL' 93062 ? ? ? ? 
? ? ? ? 
;Escherichia coli 'BL21-Gold(DE3)pLysS AG'
;
866768 ? ? ? ? ? ? ? ? ? ? ? ? ? ? ? ? ? ? ? ? ? 
# 
loop_
_chem_comp.id 
_chem_comp.type 
_chem_comp.mon_nstd_flag 
_chem_comp.name 
_chem_comp.pdbx_synonyms 
_chem_comp.formula 
_chem_comp.formula_weight 
ALA 'L-peptide linking' y ALANINE         ? 'C3 H7 N O2'     89.093  
ARG 'L-peptide linking' y ARGININE        ? 'C6 H15 N4 O2 1' 175.209 
ASN 'L-peptide linking' y ASPARAGINE      ? 'C4 H8 N2 O3'    132.118 
ASP 'L-peptide linking' y 'ASPARTIC ACID' ? 'C4 H7 N O4'     133.103 
GLN 'L-peptide linking' y GLUTAMINE       ? 'C5 H10 N2 O3'   146.144 
GLU 'L-peptide linking' y 'GLUTAMIC ACID' ? 'C5 H9 N O4'     147.129 
GLY 'peptide linking'   y GLYCINE         ? 'C2 H5 N O2'     75.067  
HIS 'L-peptide linking' y HISTIDINE       ? 'C6 H10 N3 O2 1' 156.162 
HOH non-polymer         . WATER           ? 'H2 O'           18.015  
ILE 'L-peptide linking' y ISOLEUCINE      ? 'C6 H13 N O2'    131.173 
LEU 'L-peptide linking' y LEUCINE         ? 'C6 H13 N O2'    131.173 
LYS 'L-peptide linking' y LYSINE          ? 'C6 H15 N2 O2 1' 147.195 
MET 'L-peptide linking' y METHIONINE      ? 'C5 H11 N O2 S'  149.211 
PHE 'L-peptide linking' y PHENYLALANINE   ? 'C9 H11 N O2'    165.189 
SER 'L-peptide linking' y SERINE          ? 'C3 H7 N O3'     105.093 
THR 'L-peptide linking' y THREONINE       ? 'C4 H9 N O3'     119.119 
TYR 'L-peptide linking' y TYROSINE        ? 'C9 H11 N O3'    181.189 
VAL 'L-peptide linking' y VALINE          ? 'C5 H11 N O2'    117.146 
# 
loop_
_pdbx_poly_seq_scheme.asym_id 
_pdbx_poly_seq_scheme.entity_id 
_pdbx_poly_seq_scheme.seq_id 
_pdbx_poly_seq_scheme.mon_id 
_pdbx_poly_seq_scheme.ndb_seq_num 
_pdbx_poly_seq_scheme.pdb_seq_num 
_pdbx_poly_seq_scheme.auth_seq_num 
_pdbx_poly_seq_scheme.pdb_mon_id 
_pdbx_poly_seq_scheme.auth_mon_id 
_pdbx_poly_seq_scheme.pdb_strand_id 
_pdbx_poly_seq_scheme.pdb_ins_code 
_pdbx_poly_seq_scheme.hetero 
A 1 1  MET 1  1   ?   ?   ?   A . n 
A 1 2  SER 2  2   ?   ?   ?   A . n 
A 1 3  ASP 3  3   ?   ?   ?   A . n 
A 1 4  VAL 4  4   ?   ?   ?   A . n 
A 1 5  SER 5  5   ?   ?   ?   A . n 
A 1 6  LEU 6  6   6   LEU LEU A . n 
A 1 7  LYS 7  7   7   LYS LYS A . n 
A 1 8  LEU 8  8   8   LEU LEU A . n 
A 1 9  SER 9  9   9   SER SER A . n 
A 1 10 ALA 10 10  10  ALA ALA A . n 
A 1 11 LYS 11 11  11  LYS LYS A . n 
A 1 12 ASP 12 12  12  ASP ASP A . n 
A 1 13 ILE 13 13  13  ILE ILE A . n 
A 1 14 TYR 14 14  14  TYR TYR A . n 
A 1 15 GLU 15 15  15  GLU GLU A . n 
A 1 16 LYS 16 16  16  LYS LYS A . n 
A 1 17 ASP 17 17  17  ASP ASP A . n 
A 1 18 PHE 18 18  18  PHE PHE A . n 
A 1 19 GLU 19 19  19  GLU GLU A . n 
A 1 20 LYS 20 20  20  LYS LYS A . n 
A 1 21 THR 21 21  21  THR THR A . n 
A 1 22 MET 22 22  22  MET MET A . n 
A 1 23 ALA 23 23  23  ALA ALA A . n 
A 1 24 ARG 24 24  24  ARG ALA A . n 
A 1 25 GLY 25 25  25  GLY GLY A . n 
A 1 26 TYR 26 26  26  TYR TYR A . n 
A 1 27 ARG 27 27  27  ARG ARG A . n 
A 1 28 ARG 28 28  28  ARG ARG A . n 
A 1 29 GLU 29 29  29  GLU GLU A . n 
A 1 30 GLU 30 30  30  GLU GLU A . n 
A 1 31 VAL 31 31  31  VAL VAL A . n 
A 1 32 ASP 32 32  32  ASP ASP A . n 
A 1 33 ALA 33 33  33  ALA ALA A . n 
A 1 34 PHE 34 34  34  PHE PHE A . n 
A 1 35 LEU 35 35  35  LEU LEU A . n 
A 1 36 ASP 36 36  36  ASP ASP A . n 
A 1 37 ASP 37 37  37  ASP ASP A . n 
A 1 38 ILE 38 38  38  ILE ILE A . n 
A 1 39 ILE 39 39  39  ILE ILE A . n 
A 1 40 ALA 40 40  40  ALA ALA A . n 
A 1 41 ASP 41 41  41  ASP ASP A . n 
A 1 42 TYR 42 42  42  TYR TYR A . n 
A 1 43 GLN 43 43  43  GLN GLN A . n 
A 1 44 LYS 44 44  44  LYS LYS A . n 
A 1 45 MET 45 45  45  MET MET A . n 
A 1 46 ALA 46 46  46  ALA ALA A . n 
A 1 47 ASP 47 47  47  ASP ASP A . n 
A 1 48 MET 48 48  48  MET MET A . n 
A 1 49 ASN 49 49  49  ASN ASN A . n 
A 1 50 ASN 50 50  50  ASN ASN A . n 
A 1 51 GLU 51 51  51  GLU GLU A . n 
A 1 52 VAL 52 52  52  VAL VAL A . n 
A 1 53 VAL 53 53  53  VAL VAL A . n 
A 1 54 LYS 54 54  54  LYS LYS A . n 
A 1 55 LEU 55 55  55  LEU LEU A . n 
A 1 56 SER 56 56  56  SER SER A . n 
A 1 57 GLU 57 57  57  GLU GLU A . n 
A 1 58 GLU 58 58  58  GLU GLU A . n 
A 1 59 ASN 59 59  59  ASN ASN A . n 
A 1 60 HIS 60 60  60  HIS HIS A . n 
A 1 61 LYS 61 61  61  LYS LYS A . n 
A 1 62 LEU 62 62  62  LEU LEU A . n 
A 1 63 LYS 63 63  63  LYS LYS A . n 
A 1 64 LYS 64 64  64  LYS LYS A . n 
A 1 65 GLU 65 65  65  GLU GLU A . n 
A 1 66 LEU 66 66  66  LEU LEU A . n 
A 1 67 GLU 67 67  67  GLU GLU A . n 
A 1 68 GLU 68 68  68  GLU GLU A . n 
A 1 69 LEU 69 69  69  LEU LEU A . n 
A 1 70 ARG 70 70  70  ARG ARG A . n 
B 1 1  MET 1  1   ?   ?   ?   B . n 
B 1 2  SER 2  2   ?   ?   ?   B . n 
B 1 3  ASP 3  3   3   ASP ASP B . n 
B 1 4  VAL 4  4   4   VAL VAL B . n 
B 1 5  SER 5  5   5   SER SER B . n 
B 1 6  LEU 6  6   6   LEU LEU B . n 
B 1 7  LYS 7  7   7   LYS LYS B . n 
B 1 8  LEU 8  8   8   LEU LEU B . n 
B 1 9  SER 9  9   9   SER SER B . n 
B 1 10 ALA 10 10  10  ALA ALA B . n 
B 1 11 LYS 11 11  11  LYS LYS B . n 
B 1 12 ASP 12 12  12  ASP ASP B . n 
B 1 13 ILE 13 13  13  ILE ILE B . n 
B 1 14 TYR 14 14  14  TYR TYR B . n 
B 1 15 GLU 15 15  15  GLU GLU B . n 
B 1 16 LYS 16 16  16  LYS LYS B . n 
B 1 17 ASP 17 17  17  ASP ASP B . n 
B 1 18 PHE 18 18  18  PHE PHE B . n 
B 1 19 GLU 19 19  19  GLU GLU B . n 
B 1 20 LYS 20 20  20  LYS LYS B . n 
B 1 21 THR 21 21  21  THR THR B . n 
B 1 22 MET 22 22  22  MET MET B . n 
B 1 23 ALA 23 23  23  ALA ALA B . n 
B 1 24 ARG 24 24  24  ARG ALA B . n 
B 1 25 GLY 25 25  25  GLY GLY B . n 
B 1 26 TYR 26 26  26  TYR TYR B . n 
B 1 27 ARG 27 27  27  ARG ARG B . n 
B 1 28 ARG 28 28  28  ARG ARG B . n 
B 1 29 GLU 29 29  29  GLU GLU B . n 
B 1 30 GLU 30 30  30  GLU GLU B . n 
B 1 31 VAL 31 31  31  VAL VAL B . n 
B 1 32 ASP 32 32  32  ASP ASP B . n 
B 1 33 ALA 33 33  33  ALA ALA B . n 
B 1 34 PHE 34 34  34  PHE PHE B . n 
B 1 35 LEU 35 35  35  LEU LEU B . n 
B 1 36 ASP 36 36  36  ASP ASP B . n 
B 1 37 ASP 37 37  37  ASP ASP B . n 
B 1 38 ILE 38 38  38  ILE ILE B . n 
B 1 39 ILE 39 39  39  ILE ILE B . n 
B 1 40 ALA 40 40  40  ALA ALA B . n 
B 1 41 ASP 41 41  41  ASP ASP B . n 
B 1 42 TYR 42 42  42  TYR TYR B . n 
B 1 43 GLN 43 43  43  GLN GLN B . n 
B 1 44 LYS 44 44  44  LYS LYS B . n 
B 1 45 MET 45 45  45  MET MET B . n 
B 1 46 ALA 46 46  46  ALA ALA B . n 
B 1 47 ASP 47 47  47  ASP ASP B . n 
B 1 48 MET 48 48  48  MET MET B . n 
B 1 49 ASN 49 49  49  ASN ASN B . n 
B 1 50 ASN 50 50  50  ASN ASN B . n 
B 1 51 GLU 51 51  51  GLU GLU B . n 
B 1 52 VAL 52 52  52  VAL VAL B . n 
B 1 53 VAL 53 53  53  VAL VAL B . n 
B 1 54 LYS 54 54  54  LYS LYS B . n 
B 1 55 LEU 55 55  55  LEU LEU B . n 
B 1 56 SER 56 56  56  SER SER B . n 
B 1 57 GLU 57 57  57  GLU GLU B . n 
B 1 58 GLU 58 58  58  GLU GLU B . n 
B 1 59 ASN 59 59  59  ASN ASN B . n 
B 1 60 HIS 60 60  60  HIS HIS B . n 
B 1 61 LYS 61 61  61  LYS LYS B . n 
B 1 62 LEU 62 62  62  LEU LEU B . n 
B 1 63 LYS 63 63  63  LYS LYS B . n 
B 1 64 LYS 64 64  64  LYS LYS B . n 
B 1 65 GLU 65 65  65  GLU GLU B . n 
B 1 66 LEU 66 66  66  LEU LEU B . n 
B 1 67 GLU 67 67  67  GLU GLU B . n 
B 1 68 GLU 68 68  68  GLU GLU B . n 
B 1 69 LEU 69 69  69  LEU LEU B . n 
B 1 70 ARG 70 70  ?   ?   ?   B . n 
C 2 1  ASN 1  424 424 ASN ASN C . n 
C 2 2  ARG 2  425 425 ARG ARG C . n 
C 2 3  LEU 3  426 426 LEU LEU C . n 
C 2 4  PHE 4  427 427 PHE PHE C . n 
C 2 5  ARG 5  428 428 ARG ARG C . n 
C 2 6  LYS 6  429 429 LYS LYS C . n 
C 2 7  ARG 7  430 430 ARG ARG C . n 
# 
loop_
_pdbx_nonpoly_scheme.asym_id 
_pdbx_nonpoly_scheme.entity_id 
_pdbx_nonpoly_scheme.mon_id 
_pdbx_nonpoly_scheme.ndb_seq_num 
_pdbx_nonpoly_scheme.pdb_seq_num 
_pdbx_nonpoly_scheme.auth_seq_num 
_pdbx_nonpoly_scheme.pdb_mon_id 
_pdbx_nonpoly_scheme.auth_mon_id 
_pdbx_nonpoly_scheme.pdb_strand_id 
_pdbx_nonpoly_scheme.pdb_ins_code 
D 3 HOH 1 101 4 HOH HOH A . 
D 3 HOH 2 102 1 HOH HOH A . 
E 3 HOH 1 101 2 HOH HOH B . 
E 3 HOH 2 102 3 HOH HOH B . 
# 
loop_
_pdbx_unobs_or_zero_occ_atoms.id 
_pdbx_unobs_or_zero_occ_atoms.PDB_model_num 
_pdbx_unobs_or_zero_occ_atoms.polymer_flag 
_pdbx_unobs_or_zero_occ_atoms.occupancy_flag 
_pdbx_unobs_or_zero_occ_atoms.auth_asym_id 
_pdbx_unobs_or_zero_occ_atoms.auth_comp_id 
_pdbx_unobs_or_zero_occ_atoms.auth_seq_id 
_pdbx_unobs_or_zero_occ_atoms.PDB_ins_code 
_pdbx_unobs_or_zero_occ_atoms.auth_atom_id 
_pdbx_unobs_or_zero_occ_atoms.label_alt_id 
_pdbx_unobs_or_zero_occ_atoms.label_asym_id 
_pdbx_unobs_or_zero_occ_atoms.label_comp_id 
_pdbx_unobs_or_zero_occ_atoms.label_seq_id 
_pdbx_unobs_or_zero_occ_atoms.label_atom_id 
1  1 Y 1 A ARG 24 ? CG  ? A ARG 24 CG  
2  1 Y 1 A ARG 24 ? CD  ? A ARG 24 CD  
3  1 Y 1 A ARG 24 ? NE  ? A ARG 24 NE  
4  1 Y 1 A ARG 24 ? CZ  ? A ARG 24 CZ  
5  1 Y 1 A ARG 24 ? NH1 ? A ARG 24 NH1 
6  1 Y 1 A ARG 24 ? NH2 ? A ARG 24 NH2 
7  1 Y 1 B ARG 24 ? CG  ? B ARG 24 CG  
8  1 Y 1 B ARG 24 ? CD  ? B ARG 24 CD  
9  1 Y 1 B ARG 24 ? NE  ? B ARG 24 NE  
10 1 Y 1 B ARG 24 ? CZ  ? B ARG 24 CZ  
11 1 Y 1 B ARG 24 ? NH1 ? B ARG 24 NH1 
12 1 Y 1 B ARG 24 ? NH2 ? B ARG 24 NH2 
# 
loop_
_software.citation_id 
_software.classification 
_software.compiler_name 
_software.compiler_version 
_software.contact_author 
_software.contact_author_email 
_software.date 
_software.description 
_software.dependencies 
_software.hardware 
_software.language 
_software.location 
_software.mods 
_software.name 
_software.os 
_software.os_version 
_software.type 
_software.version 
_software.pdbx_ordinal 
? refinement        ? ? ? ? ? ? ? ? ? ? ? REFMAC      ? ? ? 5.8.0266 1 
? 'data extraction' ? ? ? ? ? ? ? ? ? ? ? PDB_EXTRACT ? ? ? 3.27     2 
? 'data reduction'  ? ? ? ? ? ? ? ? ? ? ? iMOSFLM     ? ? ? .        3 
? 'data scaling'    ? ? ? ? ? ? ? ? ? ? ? Aimless     ? ? ? .        4 
# 
_cell.angle_alpha                  90.000 
_cell.angle_alpha_esd              ? 
_cell.angle_beta                   103.560 
_cell.angle_beta_esd               ? 
_cell.angle_gamma                  90.000 
_cell.angle_gamma_esd              ? 
_cell.entry_id                     8E2C 
_cell.details                      ? 
_cell.formula_units_Z              ? 
_cell.length_a                     29.350 
_cell.length_a_esd                 ? 
_cell.length_b                     73.760 
_cell.length_b_esd                 ? 
_cell.length_c                     42.370 
_cell.length_c_esd                 ? 
_cell.volume                       ? 
_cell.volume_esd                   ? 
_cell.Z_PDB                        4 
_cell.reciprocal_angle_alpha       ? 
_cell.reciprocal_angle_beta        ? 
_cell.reciprocal_angle_gamma       ? 
_cell.reciprocal_angle_alpha_esd   ? 
_cell.reciprocal_angle_beta_esd    ? 
_cell.reciprocal_angle_gamma_esd   ? 
_cell.reciprocal_length_a          ? 
_cell.reciprocal_length_b          ? 
_cell.reciprocal_length_c          ? 
_cell.reciprocal_length_a_esd      ? 
_cell.reciprocal_length_b_esd      ? 
_cell.reciprocal_length_c_esd      ? 
_cell.pdbx_unique_axis             ? 
_cell.pdbx_esd_method              ? 
# 
_symmetry.entry_id                         8E2C 
_symmetry.cell_setting                     ? 
_symmetry.Int_Tables_number                4 
_symmetry.space_group_name_Hall            ? 
_symmetry.space_group_name_H-M             'P 1 21 1' 
_symmetry.pdbx_full_space_group_name_H-M   ? 
# 
_exptl.absorpt_coefficient_mu     ? 
_exptl.absorpt_correction_T_max   ? 
_exptl.absorpt_correction_T_min   ? 
_exptl.absorpt_correction_type    ? 
_exptl.absorpt_process_details    ? 
_exptl.entry_id                   8E2C 
_exptl.crystals_number            1 
_exptl.details                    ? 
_exptl.method                     'X-RAY DIFFRACTION' 
_exptl.method_details             ? 
# 
_exptl_crystal.colour                       ? 
_exptl_crystal.density_diffrn               ? 
_exptl_crystal.density_Matthews             2.53 
_exptl_crystal.density_method               ? 
_exptl_crystal.density_percent_sol          51.31 
_exptl_crystal.description                  Plate-like 
_exptl_crystal.F_000                        ? 
_exptl_crystal.id                           1 
_exptl_crystal.preparation                  ? 
_exptl_crystal.size_max                     ? 
_exptl_crystal.size_mid                     ? 
_exptl_crystal.size_min                     ? 
_exptl_crystal.size_rad                     ? 
_exptl_crystal.colour_lustre                ? 
_exptl_crystal.colour_modifier              ? 
_exptl_crystal.colour_primary               ? 
_exptl_crystal.density_meas                 ? 
_exptl_crystal.density_meas_esd             ? 
_exptl_crystal.density_meas_gt              ? 
_exptl_crystal.density_meas_lt              ? 
_exptl_crystal.density_meas_temp            ? 
_exptl_crystal.density_meas_temp_esd        ? 
_exptl_crystal.density_meas_temp_gt         ? 
_exptl_crystal.density_meas_temp_lt         ? 
_exptl_crystal.pdbx_crystal_image_url       ? 
_exptl_crystal.pdbx_crystal_image_format    ? 
_exptl_crystal.pdbx_mosaicity               ? 
_exptl_crystal.pdbx_mosaicity_esd           ? 
_exptl_crystal.pdbx_mosaic_method           ? 
_exptl_crystal.pdbx_mosaic_block_size       ? 
_exptl_crystal.pdbx_mosaic_block_size_esd   ? 
# 
_exptl_crystal_grow.apparatus       ? 
_exptl_crystal_grow.atmosphere      ? 
_exptl_crystal_grow.crystal_id      1 
_exptl_crystal_grow.details         ? 
_exptl_crystal_grow.method          'VAPOR DIFFUSION, HANGING DROP' 
_exptl_crystal_grow.method_ref      ? 
_exptl_crystal_grow.pH              ? 
_exptl_crystal_grow.pressure        ? 
_exptl_crystal_grow.pressure_esd    ? 
_exptl_crystal_grow.seeding         ? 
_exptl_crystal_grow.seeding_ref     ? 
_exptl_crystal_grow.temp            293 
_exptl_crystal_grow.temp_details    ? 
_exptl_crystal_grow.temp_esd        ? 
_exptl_crystal_grow.time            ? 
_exptl_crystal_grow.pdbx_details    '25 % PEG 4000, 0.1 M Tris pH 8.0, and 0.2 M Na Acetate' 
_exptl_crystal_grow.pdbx_pH_range   ? 
# 
_diffrn.ambient_environment              ? 
_diffrn.ambient_temp                     100 
_diffrn.ambient_temp_details             ? 
_diffrn.ambient_temp_esd                 ? 
_diffrn.crystal_id                       1 
_diffrn.crystal_support                  ? 
_diffrn.crystal_treatment                ? 
_diffrn.details                          ? 
_diffrn.id                               1 
_diffrn.ambient_pressure                 ? 
_diffrn.ambient_pressure_esd             ? 
_diffrn.ambient_pressure_gt              ? 
_diffrn.ambient_pressure_lt              ? 
_diffrn.ambient_temp_gt                  ? 
_diffrn.ambient_temp_lt                  ? 
_diffrn.pdbx_serial_crystal_experiment   N 
# 
_diffrn_detector.details                      ? 
_diffrn_detector.detector                     PIXEL 
_diffrn_detector.diffrn_id                    1 
_diffrn_detector.type                         'DECTRIS PILATUS3 6M' 
_diffrn_detector.area_resol_mean              ? 
_diffrn_detector.dtime                        ? 
_diffrn_detector.pdbx_frames_total            ? 
_diffrn_detector.pdbx_collection_time_total   ? 
_diffrn_detector.pdbx_collection_date         2022-03-17 
_diffrn_detector.pdbx_frequency               ? 
# 
_diffrn_radiation.collimation                      ? 
_diffrn_radiation.diffrn_id                        1 
_diffrn_radiation.filter_edge                      ? 
_diffrn_radiation.inhomogeneity                    ? 
_diffrn_radiation.monochromator                    ? 
_diffrn_radiation.polarisn_norm                    ? 
_diffrn_radiation.polarisn_ratio                   ? 
_diffrn_radiation.probe                            ? 
_diffrn_radiation.type                             ? 
_diffrn_radiation.xray_symbol                      ? 
_diffrn_radiation.wavelength_id                    1 
_diffrn_radiation.pdbx_monochromatic_or_laue_m_l   M 
_diffrn_radiation.pdbx_wavelength_list             ? 
_diffrn_radiation.pdbx_wavelength                  ? 
_diffrn_radiation.pdbx_diffrn_protocol             'SINGLE WAVELENGTH' 
_diffrn_radiation.pdbx_analyzer                    ? 
_diffrn_radiation.pdbx_scattering_type             x-ray 
# 
_diffrn_radiation_wavelength.id           1 
_diffrn_radiation_wavelength.wavelength   0.97934 
_diffrn_radiation_wavelength.wt           1.0 
# 
_diffrn_source.current                     ? 
_diffrn_source.details                     ? 
_diffrn_source.diffrn_id                   1 
_diffrn_source.power                       ? 
_diffrn_source.size                        ? 
_diffrn_source.source                      SYNCHROTRON 
_diffrn_source.target                      ? 
_diffrn_source.type                        'APS BEAMLINE 19-ID' 
_diffrn_source.voltage                     ? 
_diffrn_source.take-off_angle              ? 
_diffrn_source.pdbx_wavelength_list        0.97934 
_diffrn_source.pdbx_wavelength             ? 
_diffrn_source.pdbx_synchrotron_beamline   19-ID 
_diffrn_source.pdbx_synchrotron_site       APS 
# 
_reflns.B_iso_Wilson_estimate                          ? 
_reflns.entry_id                                       8E2C 
_reflns.data_reduction_details                         ? 
_reflns.data_reduction_method                          ? 
_reflns.d_resolution_high                              2.400 
_reflns.d_resolution_low                               41.190 
_reflns.details                                        ? 
_reflns.limit_h_max                                    ? 
_reflns.limit_h_min                                    ? 
_reflns.limit_k_max                                    ? 
_reflns.limit_k_min                                    ? 
_reflns.limit_l_max                                    ? 
_reflns.limit_l_min                                    ? 
_reflns.number_all                                     ? 
_reflns.number_obs                                     6596 
_reflns.observed_criterion                             ? 
_reflns.observed_criterion_F_max                       ? 
_reflns.observed_criterion_F_min                       ? 
_reflns.observed_criterion_I_max                       ? 
_reflns.observed_criterion_I_min                       ? 
_reflns.observed_criterion_sigma_F                     ? 
_reflns.observed_criterion_sigma_I                     ? 
_reflns.percent_possible_obs                           95.700 
_reflns.R_free_details                                 ? 
_reflns.Rmerge_F_all                                   ? 
_reflns.Rmerge_F_obs                                   ? 
_reflns.Friedel_coverage                               ? 
_reflns.number_gt                                      ? 
_reflns.threshold_expression                           ? 
_reflns.pdbx_redundancy                                5.200 
_reflns.pdbx_Rmerge_I_obs                              0.101 
_reflns.pdbx_Rmerge_I_all                              ? 
_reflns.pdbx_Rsym_value                                ? 
_reflns.pdbx_netI_over_av_sigmaI                       ? 
_reflns.pdbx_netI_over_sigmaI                          10.800 
_reflns.pdbx_res_netI_over_av_sigmaI_2                 ? 
_reflns.pdbx_res_netI_over_sigmaI_2                    ? 
_reflns.pdbx_chi_squared                               ? 
_reflns.pdbx_scaling_rejects                           198 
_reflns.pdbx_d_res_high_opt                            ? 
_reflns.pdbx_d_res_low_opt                             ? 
_reflns.pdbx_d_res_opt_method                          ? 
_reflns.phase_calculation_details                      ? 
_reflns.pdbx_Rrim_I_all                                0.113 
_reflns.pdbx_Rpim_I_all                                0.048 
_reflns.pdbx_d_opt                                     ? 
_reflns.pdbx_number_measured_all                       34441 
_reflns.pdbx_diffrn_id                                 1 
_reflns.pdbx_ordinal                                   1 
_reflns.pdbx_CC_half                                   0.991 
_reflns.pdbx_CC_star                                   ? 
_reflns.pdbx_R_split                                   ? 
_reflns.pdbx_aniso_diffraction_limit_axis_1_ortho[1]   ? 
_reflns.pdbx_aniso_diffraction_limit_axis_1_ortho[2]   ? 
_reflns.pdbx_aniso_diffraction_limit_axis_1_ortho[3]   ? 
_reflns.pdbx_aniso_diffraction_limit_axis_2_ortho[1]   ? 
_reflns.pdbx_aniso_diffraction_limit_axis_2_ortho[2]   ? 
_reflns.pdbx_aniso_diffraction_limit_axis_2_ortho[3]   ? 
_reflns.pdbx_aniso_diffraction_limit_axis_3_ortho[1]   ? 
_reflns.pdbx_aniso_diffraction_limit_axis_3_ortho[2]   ? 
_reflns.pdbx_aniso_diffraction_limit_axis_3_ortho[3]   ? 
_reflns.pdbx_aniso_diffraction_limit_1                 ? 
_reflns.pdbx_aniso_diffraction_limit_2                 ? 
_reflns.pdbx_aniso_diffraction_limit_3                 ? 
_reflns.pdbx_aniso_B_tensor_eigenvector_1_ortho[1]     ? 
_reflns.pdbx_aniso_B_tensor_eigenvector_1_ortho[2]     ? 
_reflns.pdbx_aniso_B_tensor_eigenvector_1_ortho[3]     ? 
_reflns.pdbx_aniso_B_tensor_eigenvector_2_ortho[1]     ? 
_reflns.pdbx_aniso_B_tensor_eigenvector_2_ortho[2]     ? 
_reflns.pdbx_aniso_B_tensor_eigenvector_2_ortho[3]     ? 
_reflns.pdbx_aniso_B_tensor_eigenvector_3_ortho[1]     ? 
_reflns.pdbx_aniso_B_tensor_eigenvector_3_ortho[2]     ? 
_reflns.pdbx_aniso_B_tensor_eigenvector_3_ortho[3]     ? 
_reflns.pdbx_aniso_B_tensor_eigenvalue_1               ? 
_reflns.pdbx_aniso_B_tensor_eigenvalue_2               ? 
_reflns.pdbx_aniso_B_tensor_eigenvalue_3               ? 
_reflns.pdbx_orthogonalization_convention              ? 
_reflns.pdbx_percent_possible_ellipsoidal              ? 
_reflns.pdbx_percent_possible_spherical                ? 
_reflns.pdbx_percent_possible_ellipsoidal_anomalous    ? 
_reflns.pdbx_percent_possible_spherical_anomalous      ? 
_reflns.pdbx_redundancy_anomalous                      ? 
_reflns.pdbx_CC_half_anomalous                         ? 
_reflns.pdbx_absDiff_over_sigma_anomalous              ? 
_reflns.pdbx_percent_possible_anomalous                ? 
_reflns.pdbx_observed_signal_threshold                 ? 
_reflns.pdbx_signal_type                               ? 
_reflns.pdbx_signal_details                            ? 
_reflns.pdbx_signal_software_id                        ? 
_reflns.pdbx_CC_split_method                           ? 
# 
loop_
_reflns_shell.d_res_high 
_reflns_shell.d_res_low 
_reflns_shell.meanI_over_sigI_all 
_reflns_shell.meanI_over_sigI_obs 
_reflns_shell.number_measured_all 
_reflns_shell.number_measured_obs 
_reflns_shell.number_possible 
_reflns_shell.number_unique_all 
_reflns_shell.number_unique_obs 
_reflns_shell.percent_possible_all 
_reflns_shell.percent_possible_obs 
_reflns_shell.Rmerge_F_all 
_reflns_shell.Rmerge_F_obs 
_reflns_shell.Rmerge_I_all 
_reflns_shell.Rmerge_I_obs 
_reflns_shell.meanI_over_sigI_gt 
_reflns_shell.meanI_over_uI_all 
_reflns_shell.meanI_over_uI_gt 
_reflns_shell.number_measured_gt 
_reflns_shell.number_unique_gt 
_reflns_shell.percent_possible_gt 
_reflns_shell.Rmerge_F_gt 
_reflns_shell.Rmerge_I_gt 
_reflns_shell.pdbx_redundancy 
_reflns_shell.pdbx_Rsym_value 
_reflns_shell.pdbx_chi_squared 
_reflns_shell.pdbx_netI_over_sigmaI_all 
_reflns_shell.pdbx_netI_over_sigmaI_obs 
_reflns_shell.pdbx_Rrim_I_all 
_reflns_shell.pdbx_Rpim_I_all 
_reflns_shell.pdbx_rejects 
_reflns_shell.pdbx_ordinal 
_reflns_shell.pdbx_diffrn_id 
_reflns_shell.pdbx_CC_half 
_reflns_shell.pdbx_CC_star 
_reflns_shell.pdbx_R_split 
_reflns_shell.pdbx_percent_possible_ellipsoidal 
_reflns_shell.pdbx_percent_possible_spherical 
_reflns_shell.pdbx_percent_possible_ellipsoidal_anomalous 
_reflns_shell.pdbx_percent_possible_spherical_anomalous 
_reflns_shell.pdbx_redundancy_anomalous 
_reflns_shell.pdbx_CC_half_anomalous 
_reflns_shell.pdbx_absDiff_over_sigma_anomalous 
_reflns_shell.pdbx_percent_possible_anomalous 
2.400 2.490  ? ? 3670 ? ? ? 711 96.600 ? ? ? ? 0.434 ? ? ? ? ? ? ? ? 5.200 ? ? ? 4.900  0.483 0.206 ? 1 1 0.885 ? ? ? ? ? ? ? ? ? 
? 
8.980 41.190 ? ? 654  ? ? ? 131 92.200 ? ? ? ? 0.087 ? ? ? ? ? ? ? ? 5.000 ? ? ? 17.500 0.100 0.048 ? 2 1 0.990 ? ? ? ? ? ? ? ? ? 
? 
# 
_refine.aniso_B[1][1]                            0.6300 
_refine.aniso_B[1][2]                            -0.0000 
_refine.aniso_B[1][3]                            -2.9000 
_refine.aniso_B[2][2]                            4.4100 
_refine.aniso_B[2][3]                            -0.0000 
_refine.aniso_B[3][3]                            -3.2600 
_refine.B_iso_max                                107.330 
_refine.B_iso_mean                               38.6190 
_refine.B_iso_min                                19.710 
_refine.correlation_coeff_Fo_to_Fc               0.9270 
_refine.correlation_coeff_Fo_to_Fc_free          0.9180 
_refine.details                                  
'HYDROGENS HAVE BEEN ADDED IN THE RIDING POSITIONS U VALUES      : REFINED INDIVIDUALLY' 
_refine.diff_density_max                         ? 
_refine.diff_density_max_esd                     ? 
_refine.diff_density_min                         ? 
_refine.diff_density_min_esd                     ? 
_refine.diff_density_rms                         ? 
_refine.diff_density_rms_esd                     ? 
_refine.entry_id                                 8E2C 
_refine.pdbx_refine_id                           'X-RAY DIFFRACTION' 
_refine.ls_abs_structure_details                 ? 
_refine.ls_abs_structure_Flack                   ? 
_refine.ls_abs_structure_Flack_esd               ? 
_refine.ls_abs_structure_Rogers                  ? 
_refine.ls_abs_structure_Rogers_esd              ? 
_refine.ls_d_res_high                            2.4000 
_refine.ls_d_res_low                             36.9100 
_refine.ls_extinction_coef                       ? 
_refine.ls_extinction_coef_esd                   ? 
_refine.ls_extinction_expression                 ? 
_refine.ls_extinction_method                     ? 
_refine.ls_goodness_of_fit_all                   ? 
_refine.ls_goodness_of_fit_all_esd               ? 
_refine.ls_goodness_of_fit_obs                   ? 
_refine.ls_goodness_of_fit_obs_esd               ? 
_refine.ls_hydrogen_treatment                    ? 
_refine.ls_matrix_type                           ? 
_refine.ls_number_constraints                    ? 
_refine.ls_number_parameters                     ? 
_refine.ls_number_reflns_all                     ? 
_refine.ls_number_reflns_obs                     5949 
_refine.ls_number_reflns_R_free                  634 
_refine.ls_number_reflns_R_work                  ? 
_refine.ls_number_restraints                     ? 
_refine.ls_percent_reflns_obs                    95.0800 
_refine.ls_percent_reflns_R_free                 9.6000 
_refine.ls_R_factor_all                          ? 
_refine.ls_R_factor_obs                          0.2235 
_refine.ls_R_factor_R_free                       0.2575 
_refine.ls_R_factor_R_free_error                 ? 
_refine.ls_R_factor_R_free_error_details         ? 
_refine.ls_R_factor_R_work                       0.2197 
_refine.ls_R_Fsqd_factor_obs                     ? 
_refine.ls_R_I_factor_obs                        ? 
_refine.ls_redundancy_reflns_all                 ? 
_refine.ls_redundancy_reflns_obs                 ? 
_refine.ls_restrained_S_all                      ? 
_refine.ls_restrained_S_obs                      ? 
_refine.ls_shift_over_esd_max                    ? 
_refine.ls_shift_over_esd_mean                   ? 
_refine.ls_structure_factor_coef                 ? 
_refine.ls_weighting_details                     ? 
_refine.ls_weighting_scheme                      ? 
_refine.ls_wR_factor_all                         ? 
_refine.ls_wR_factor_obs                         ? 
_refine.ls_wR_factor_R_free                      ? 
_refine.ls_wR_factor_R_work                      ? 
_refine.occupancy_max                            ? 
_refine.occupancy_min                            ? 
_refine.solvent_model_details                    MASK 
_refine.solvent_model_param_bsol                 ? 
_refine.solvent_model_param_ksol                 ? 
_refine.pdbx_R_complete                          ? 
_refine.ls_R_factor_gt                           ? 
_refine.ls_goodness_of_fit_gt                    ? 
_refine.ls_goodness_of_fit_ref                   ? 
_refine.ls_shift_over_su_max                     ? 
_refine.ls_shift_over_su_max_lt                  ? 
_refine.ls_shift_over_su_mean                    ? 
_refine.ls_shift_over_su_mean_lt                 ? 
_refine.pdbx_ls_sigma_I                          ? 
_refine.pdbx_ls_sigma_F                          0.000 
_refine.pdbx_ls_sigma_Fsqd                       ? 
_refine.pdbx_data_cutoff_high_absF               ? 
_refine.pdbx_data_cutoff_high_rms_absF           ? 
_refine.pdbx_data_cutoff_low_absF                ? 
_refine.pdbx_isotropic_thermal_model             ? 
_refine.pdbx_ls_cross_valid_method               THROUGHOUT 
_refine.pdbx_method_to_determine_struct          'MOLECULAR REPLACEMENT' 
_refine.pdbx_starting_model                      4UG3 
_refine.pdbx_stereochemistry_target_values       'MAXIMUM LIKELIHOOD' 
_refine.pdbx_R_Free_selection_details            RANDOM 
_refine.pdbx_stereochem_target_val_spec_case     ? 
_refine.pdbx_overall_ESU_R                       0.5230 
_refine.pdbx_overall_ESU_R_Free                  0.2870 
_refine.pdbx_solvent_vdw_probe_radii             1.2000 
_refine.pdbx_solvent_ion_probe_radii             0.8000 
_refine.pdbx_solvent_shrinkage_radii             0.8000 
_refine.pdbx_real_space_R                        ? 
_refine.pdbx_density_correlation                 ? 
_refine.pdbx_pd_number_of_powder_patterns        ? 
_refine.pdbx_pd_number_of_points                 ? 
_refine.pdbx_pd_meas_number_of_points            ? 
_refine.pdbx_pd_proc_ls_prof_R_factor            ? 
_refine.pdbx_pd_proc_ls_prof_wR_factor           ? 
_refine.pdbx_pd_Marquardt_correlation_coeff      ? 
_refine.pdbx_pd_Fsqrd_R_factor                   ? 
_refine.pdbx_pd_ls_matrix_band_width             ? 
_refine.pdbx_overall_phase_error                 ? 
_refine.pdbx_overall_SU_R_free_Cruickshank_DPI   ? 
_refine.pdbx_overall_SU_R_free_Blow_DPI          ? 
_refine.pdbx_overall_SU_R_Blow_DPI               ? 
_refine.pdbx_TLS_residual_ADP_flag               ? 
_refine.pdbx_diffrn_id                           1 
_refine.overall_SU_B                             10.7270 
_refine.overall_SU_ML                            0.2440 
_refine.overall_SU_R_Cruickshank_DPI             ? 
_refine.overall_SU_R_free                        ? 
_refine.overall_FOM_free_R_set                   ? 
_refine.overall_FOM_work_R_set                   ? 
_refine.pdbx_average_fsc_overall                 ? 
_refine.pdbx_average_fsc_work                    ? 
_refine.pdbx_average_fsc_free                    ? 
# 
_refine_hist.pdbx_refine_id                   'X-RAY DIFFRACTION' 
_refine_hist.cycle_id                         final 
_refine_hist.details                          ? 
_refine_hist.d_res_high                       2.4000 
_refine_hist.d_res_low                        36.9100 
_refine_hist.number_atoms_solvent             4 
_refine_hist.number_atoms_total               1161 
_refine_hist.number_reflns_all                ? 
_refine_hist.number_reflns_obs                ? 
_refine_hist.number_reflns_R_free             ? 
_refine_hist.number_reflns_R_work             ? 
_refine_hist.R_factor_all                     ? 
_refine_hist.R_factor_obs                     ? 
_refine_hist.R_factor_R_free                  ? 
_refine_hist.R_factor_R_work                  ? 
_refine_hist.pdbx_number_residues_total       139 
_refine_hist.pdbx_B_iso_mean_ligand           ? 
_refine_hist.pdbx_B_iso_mean_solvent          33.33 
_refine_hist.pdbx_number_atoms_protein        1157 
_refine_hist.pdbx_number_atoms_nucleic_acid   0 
_refine_hist.pdbx_number_atoms_ligand         0 
_refine_hist.pdbx_number_atoms_lipid          ? 
_refine_hist.pdbx_number_atoms_carb           ? 
_refine_hist.pdbx_pseudo_atom_details         ? 
# 
loop_
_refine_ls_restr.pdbx_refine_id 
_refine_ls_restr.criterion 
_refine_ls_restr.dev_ideal 
_refine_ls_restr.dev_ideal_target 
_refine_ls_restr.number 
_refine_ls_restr.rejects 
_refine_ls_restr.type 
_refine_ls_restr.weight 
_refine_ls_restr.pdbx_restraint_function 
'X-RAY DIFFRACTION' ? 0.007  0.013  1167 ? r_bond_refined_d       ? ? 
'X-RAY DIFFRACTION' ? 0.001  0.017  1146 ? r_bond_other_d         ? ? 
'X-RAY DIFFRACTION' ? 1.315  1.650  1551 ? r_angle_refined_deg    ? ? 
'X-RAY DIFFRACTION' ? 1.213  1.611  2653 ? r_angle_other_deg      ? ? 
'X-RAY DIFFRACTION' ? 5.398  5.000  136  ? r_dihedral_angle_1_deg ? ? 
'X-RAY DIFFRACTION' ? 30.869 23.836 73   ? r_dihedral_angle_2_deg ? ? 
'X-RAY DIFFRACTION' ? 18.379 15.000 253  ? r_dihedral_angle_3_deg ? ? 
'X-RAY DIFFRACTION' ? 18.626 15.000 8    ? r_dihedral_angle_4_deg ? ? 
'X-RAY DIFFRACTION' ? 0.051  0.200  145  ? r_chiral_restr         ? ? 
'X-RAY DIFFRACTION' ? 0.005  0.020  1289 ? r_gen_planes_refined   ? ? 
'X-RAY DIFFRACTION' ? 0.001  0.020  247  ? r_gen_planes_other     ? ? 
# 
_refine_ls_shell.pdbx_refine_id                   'X-RAY DIFFRACTION' 
_refine_ls_shell.d_res_high                       2.4000 
_refine_ls_shell.d_res_low                        2.4630 
_refine_ls_shell.number_reflns_all                497 
_refine_ls_shell.number_reflns_obs                ? 
_refine_ls_shell.number_reflns_R_free             63 
_refine_ls_shell.number_reflns_R_work             434 
_refine_ls_shell.percent_reflns_obs               95.5800 
_refine_ls_shell.percent_reflns_R_free            ? 
_refine_ls_shell.R_factor_all                     ? 
_refine_ls_shell.R_factor_obs                     ? 
_refine_ls_shell.R_factor_R_free                  0.3430 
_refine_ls_shell.R_factor_R_free_error            0.0000 
_refine_ls_shell.R_factor_R_work                  0.2680 
_refine_ls_shell.redundancy_reflns_all            ? 
_refine_ls_shell.redundancy_reflns_obs            ? 
_refine_ls_shell.wR_factor_all                    ? 
_refine_ls_shell.wR_factor_obs                    ? 
_refine_ls_shell.wR_factor_R_free                 ? 
_refine_ls_shell.wR_factor_R_work                 ? 
_refine_ls_shell.pdbx_R_complete                  ? 
_refine_ls_shell.pdbx_total_number_of_bins_used   20 
_refine_ls_shell.pdbx_phase_error                 ? 
_refine_ls_shell.pdbx_fsc_work                    ? 
_refine_ls_shell.pdbx_fsc_free                    ? 
# 
_struct.entry_id                     8E2C 
_struct.title                        'N-terminal domain of S. aureus GpsB in complex with PBP4 fragment' 
_struct.pdbx_model_details           ? 
_struct.pdbx_formula_weight          ? 
_struct.pdbx_formula_weight_method   ? 
_struct.pdbx_model_type_details      ? 
_struct.pdbx_CASP_flag               N 
# 
_struct_keywords.entry_id        8E2C 
_struct_keywords.text            
;Peptidoglycan, PBP, PBP4, MRSA, GpsB, PBP2a cell wall, transpeptidase, b-lactam, gram-positive, sporulation, PEPTIDE BINDING PROTEIN, cell division, bacterial cell division, diviva, divisome
;
_struct_keywords.pdbx_keywords   'PEPTIDE BINDING PROTEIN' 
# 
loop_
_struct_asym.id 
_struct_asym.pdbx_blank_PDB_chainid_flag 
_struct_asym.pdbx_modified 
_struct_asym.entity_id 
_struct_asym.details 
A N N 1 ? 
B N N 1 ? 
C N N 2 ? 
D N N 3 ? 
E N N 3 ? 
# 
loop_
_struct_ref.id 
_struct_ref.db_name 
_struct_ref.db_code 
_struct_ref.pdbx_db_accession 
_struct_ref.pdbx_db_isoform 
_struct_ref.entity_id 
_struct_ref.pdbx_seq_one_letter_code 
_struct_ref.pdbx_align_begin 
1 UNP GPSB_STAAC Q5HFX8 ? 1 MSDVSLKLSAKDIYEKDFEKTMARGYRREEVDAFLDDIIADYQKMADMNNEVVKLSEENHKLKKELEELR 1 
2 PDB 8E2C       8E2C   ? 2 ?                                                                      1 
# 
loop_
_struct_ref_seq.align_id 
_struct_ref_seq.ref_id 
_struct_ref_seq.pdbx_PDB_id_code 
_struct_ref_seq.pdbx_strand_id 
_struct_ref_seq.seq_align_beg 
_struct_ref_seq.pdbx_seq_align_beg_ins_code 
_struct_ref_seq.seq_align_end 
_struct_ref_seq.pdbx_seq_align_end_ins_code 
_struct_ref_seq.pdbx_db_accession 
_struct_ref_seq.db_align_beg 
_struct_ref_seq.pdbx_db_align_beg_ins_code 
_struct_ref_seq.db_align_end 
_struct_ref_seq.pdbx_db_align_end_ins_code 
_struct_ref_seq.pdbx_auth_seq_align_beg 
_struct_ref_seq.pdbx_auth_seq_align_end 
1 1 8E2C A 1 ? 70 ? Q5HFX8 1   ? 70  ? 1   70  
2 1 8E2C B 1 ? 70 ? Q5HFX8 1   ? 70  ? 1   70  
3 2 8E2C C 1 ? 7  ? 8E2C   424 ? 430 ? 424 430 
# 
_pdbx_struct_assembly.id                   1 
_pdbx_struct_assembly.details              author_defined_assembly 
_pdbx_struct_assembly.method_details       ? 
_pdbx_struct_assembly.oligomeric_details   trimeric 
_pdbx_struct_assembly.oligomeric_count     3 
# 
_pdbx_struct_assembly_gen.assembly_id       1 
_pdbx_struct_assembly_gen.oper_expression   1 
_pdbx_struct_assembly_gen.asym_id_list      A,B,C,D,E 
# 
_pdbx_struct_assembly_auth_evidence.id                     1 
_pdbx_struct_assembly_auth_evidence.assembly_id            1 
_pdbx_struct_assembly_auth_evidence.experimental_support   none 
_pdbx_struct_assembly_auth_evidence.details                ? 
# 
_pdbx_struct_oper_list.id                   1 
_pdbx_struct_oper_list.type                 'identity operation' 
_pdbx_struct_oper_list.name                 1_555 
_pdbx_struct_oper_list.symmetry_operation   x,y,z 
_pdbx_struct_oper_list.matrix[1][1]         1.0000000000 
_pdbx_struct_oper_list.matrix[1][2]         0.0000000000 
_pdbx_struct_oper_list.matrix[1][3]         0.0000000000 
_pdbx_struct_oper_list.vector[1]            0.0000000000 
_pdbx_struct_oper_list.matrix[2][1]         0.0000000000 
_pdbx_struct_oper_list.matrix[2][2]         1.0000000000 
_pdbx_struct_oper_list.matrix[2][3]         0.0000000000 
_pdbx_struct_oper_list.vector[2]            0.0000000000 
_pdbx_struct_oper_list.matrix[3][1]         0.0000000000 
_pdbx_struct_oper_list.matrix[3][2]         0.0000000000 
_pdbx_struct_oper_list.matrix[3][3]         1.0000000000 
_pdbx_struct_oper_list.vector[3]            0.0000000000 
# 
loop_
_struct_conf.conf_type_id 
_struct_conf.id 
_struct_conf.pdbx_PDB_helix_id 
_struct_conf.beg_label_comp_id 
_struct_conf.beg_label_asym_id 
_struct_conf.beg_label_seq_id 
_struct_conf.pdbx_beg_PDB_ins_code 
_struct_conf.end_label_comp_id 
_struct_conf.end_label_asym_id 
_struct_conf.end_label_seq_id 
_struct_conf.pdbx_end_PDB_ins_code 
_struct_conf.beg_auth_comp_id 
_struct_conf.beg_auth_asym_id 
_struct_conf.beg_auth_seq_id 
_struct_conf.end_auth_comp_id 
_struct_conf.end_auth_asym_id 
_struct_conf.end_auth_seq_id 
_struct_conf.pdbx_PDB_helix_class 
_struct_conf.details 
_struct_conf.pdbx_PDB_helix_length 
HELX_P HELX_P1 AA1 SER A 9  ? LYS A 16 ? SER A 9  LYS A 16 1 ? 8  
HELX_P HELX_P2 AA2 ARG A 27 ? ARG A 70 ? ARG A 27 ARG A 70 1 ? 44 
HELX_P HELX_P3 AA3 SER B 9  ? LYS B 16 ? SER B 9  LYS B 16 1 ? 8  
HELX_P HELX_P4 AA4 ARG B 27 ? LEU B 69 ? ARG B 27 LEU B 69 1 ? 43 
# 
_struct_conf_type.id          HELX_P 
_struct_conf_type.criteria    ? 
_struct_conf_type.reference   ? 
# 
loop_
_struct_sheet.id 
_struct_sheet.type 
_struct_sheet.number_strands 
_struct_sheet.details 
AA1 ? 2 ? 
AA2 ? 2 ? 
# 
loop_
_struct_sheet_order.sheet_id 
_struct_sheet_order.range_id_1 
_struct_sheet_order.range_id_2 
_struct_sheet_order.offset 
_struct_sheet_order.sense 
AA1 1 2 ? anti-parallel 
AA2 1 2 ? anti-parallel 
# 
loop_
_struct_sheet_range.sheet_id 
_struct_sheet_range.id 
_struct_sheet_range.beg_label_comp_id 
_struct_sheet_range.beg_label_asym_id 
_struct_sheet_range.beg_label_seq_id 
_struct_sheet_range.pdbx_beg_PDB_ins_code 
_struct_sheet_range.end_label_comp_id 
_struct_sheet_range.end_label_asym_id 
_struct_sheet_range.end_label_seq_id 
_struct_sheet_range.pdbx_end_PDB_ins_code 
_struct_sheet_range.beg_auth_comp_id 
_struct_sheet_range.beg_auth_asym_id 
_struct_sheet_range.beg_auth_seq_id 
_struct_sheet_range.end_auth_comp_id 
_struct_sheet_range.end_auth_asym_id 
_struct_sheet_range.end_auth_seq_id 
AA1 1 LYS A 20 ? THR A 21 ? LYS A 20 THR A 21 
AA1 2 GLY B 25 ? TYR B 26 ? GLY B 25 TYR B 26 
AA2 1 GLY A 25 ? TYR A 26 ? GLY A 25 TYR A 26 
AA2 2 LYS B 20 ? THR B 21 ? LYS B 20 THR B 21 
# 
loop_
_pdbx_struct_sheet_hbond.sheet_id 
_pdbx_struct_sheet_hbond.range_id_1 
_pdbx_struct_sheet_hbond.range_id_2 
_pdbx_struct_sheet_hbond.range_1_label_atom_id 
_pdbx_struct_sheet_hbond.range_1_label_comp_id 
_pdbx_struct_sheet_hbond.range_1_label_asym_id 
_pdbx_struct_sheet_hbond.range_1_label_seq_id 
_pdbx_struct_sheet_hbond.range_1_PDB_ins_code 
_pdbx_struct_sheet_hbond.range_1_auth_atom_id 
_pdbx_struct_sheet_hbond.range_1_auth_comp_id 
_pdbx_struct_sheet_hbond.range_1_auth_asym_id 
_pdbx_struct_sheet_hbond.range_1_auth_seq_id 
_pdbx_struct_sheet_hbond.range_2_label_atom_id 
_pdbx_struct_sheet_hbond.range_2_label_comp_id 
_pdbx_struct_sheet_hbond.range_2_label_asym_id 
_pdbx_struct_sheet_hbond.range_2_label_seq_id 
_pdbx_struct_sheet_hbond.range_2_PDB_ins_code 
_pdbx_struct_sheet_hbond.range_2_auth_atom_id 
_pdbx_struct_sheet_hbond.range_2_auth_comp_id 
_pdbx_struct_sheet_hbond.range_2_auth_asym_id 
_pdbx_struct_sheet_hbond.range_2_auth_seq_id 
AA1 1 2 N THR A 21 ? N THR A 21 O GLY B 25 ? O GLY B 25 
AA2 1 2 N GLY A 25 ? N GLY A 25 O THR B 21 ? O THR B 21 
# 
loop_
_pdbx_unobs_or_zero_occ_residues.id 
_pdbx_unobs_or_zero_occ_residues.PDB_model_num 
_pdbx_unobs_or_zero_occ_residues.polymer_flag 
_pdbx_unobs_or_zero_occ_residues.occupancy_flag 
_pdbx_unobs_or_zero_occ_residues.auth_asym_id 
_pdbx_unobs_or_zero_occ_residues.auth_comp_id 
_pdbx_unobs_or_zero_occ_residues.auth_seq_id 
_pdbx_unobs_or_zero_occ_residues.PDB_ins_code 
_pdbx_unobs_or_zero_occ_residues.label_asym_id 
_pdbx_unobs_or_zero_occ_residues.label_comp_id 
_pdbx_unobs_or_zero_occ_residues.label_seq_id 
1 1 Y 1 A MET 1  ? A MET 1  
2 1 Y 1 A SER 2  ? A SER 2  
3 1 Y 1 A ASP 3  ? A ASP 3  
4 1 Y 1 A VAL 4  ? A VAL 4  
5 1 Y 1 A SER 5  ? A SER 5  
6 1 Y 1 B MET 1  ? B MET 1  
7 1 Y 1 B SER 2  ? B SER 2  
8 1 Y 1 B ARG 70 ? B ARG 70 
# 
loop_
_chem_comp_atom.comp_id 
_chem_comp_atom.atom_id 
_chem_comp_atom.type_symbol 
_chem_comp_atom.pdbx_aromatic_flag 
_chem_comp_atom.pdbx_stereo_config 
_chem_comp_atom.pdbx_ordinal 
ALA N    N N N 1   
ALA CA   C N S 2   
ALA C    C N N 3   
ALA O    O N N 4   
ALA CB   C N N 5   
ALA OXT  O N N 6   
ALA H    H N N 7   
ALA H2   H N N 8   
ALA HA   H N N 9   
ALA HB1  H N N 10  
ALA HB2  H N N 11  
ALA HB3  H N N 12  
ALA HXT  H N N 13  
ARG N    N N N 14  
ARG CA   C N S 15  
ARG C    C N N 16  
ARG O    O N N 17  
ARG CB   C N N 18  
ARG CG   C N N 19  
ARG CD   C N N 20  
ARG NE   N N N 21  
ARG CZ   C N N 22  
ARG NH1  N N N 23  
ARG NH2  N N N 24  
ARG OXT  O N N 25  
ARG H    H N N 26  
ARG H2   H N N 27  
ARG HA   H N N 28  
ARG HB2  H N N 29  
ARG HB3  H N N 30  
ARG HG2  H N N 31  
ARG HG3  H N N 32  
ARG HD2  H N N 33  
ARG HD3  H N N 34  
ARG HE   H N N 35  
ARG HH11 H N N 36  
ARG HH12 H N N 37  
ARG HH21 H N N 38  
ARG HH22 H N N 39  
ARG HXT  H N N 40  
ASN N    N N N 41  
ASN CA   C N S 42  
ASN C    C N N 43  
ASN O    O N N 44  
ASN CB   C N N 45  
ASN CG   C N N 46  
ASN OD1  O N N 47  
ASN ND2  N N N 48  
ASN OXT  O N N 49  
ASN H    H N N 50  
ASN H2   H N N 51  
ASN HA   H N N 52  
ASN HB2  H N N 53  
ASN HB3  H N N 54  
ASN HD21 H N N 55  
ASN HD22 H N N 56  
ASN HXT  H N N 57  
ASP N    N N N 58  
ASP CA   C N S 59  
ASP C    C N N 60  
ASP O    O N N 61  
ASP CB   C N N 62  
ASP CG   C N N 63  
ASP OD1  O N N 64  
ASP OD2  O N N 65  
ASP OXT  O N N 66  
ASP H    H N N 67  
ASP H2   H N N 68  
ASP HA   H N N 69  
ASP HB2  H N N 70  
ASP HB3  H N N 71  
ASP HD2  H N N 72  
ASP HXT  H N N 73  
GLN N    N N N 74  
GLN CA   C N S 75  
GLN C    C N N 76  
GLN O    O N N 77  
GLN CB   C N N 78  
GLN CG   C N N 79  
GLN CD   C N N 80  
GLN OE1  O N N 81  
GLN NE2  N N N 82  
GLN OXT  O N N 83  
GLN H    H N N 84  
GLN H2   H N N 85  
GLN HA   H N N 86  
GLN HB2  H N N 87  
GLN HB3  H N N 88  
GLN HG2  H N N 89  
GLN HG3  H N N 90  
GLN HE21 H N N 91  
GLN HE22 H N N 92  
GLN HXT  H N N 93  
GLU N    N N N 94  
GLU CA   C N S 95  
GLU C    C N N 96  
GLU O    O N N 97  
GLU CB   C N N 98  
GLU CG   C N N 99  
GLU CD   C N N 100 
GLU OE1  O N N 101 
GLU OE2  O N N 102 
GLU OXT  O N N 103 
GLU H    H N N 104 
GLU H2   H N N 105 
GLU HA   H N N 106 
GLU HB2  H N N 107 
GLU HB3  H N N 108 
GLU HG2  H N N 109 
GLU HG3  H N N 110 
GLU HE2  H N N 111 
GLU HXT  H N N 112 
GLY N    N N N 113 
GLY CA   C N N 114 
GLY C    C N N 115 
GLY O    O N N 116 
GLY OXT  O N N 117 
GLY H    H N N 118 
GLY H2   H N N 119 
GLY HA2  H N N 120 
GLY HA3  H N N 121 
GLY HXT  H N N 122 
HIS N    N N N 123 
HIS CA   C N S 124 
HIS C    C N N 125 
HIS O    O N N 126 
HIS CB   C N N 127 
HIS CG   C Y N 128 
HIS ND1  N Y N 129 
HIS CD2  C Y N 130 
HIS CE1  C Y N 131 
HIS NE2  N Y N 132 
HIS OXT  O N N 133 
HIS H    H N N 134 
HIS H2   H N N 135 
HIS HA   H N N 136 
HIS HB2  H N N 137 
HIS HB3  H N N 138 
HIS HD1  H N N 139 
HIS HD2  H N N 140 
HIS HE1  H N N 141 
HIS HE2  H N N 142 
HIS HXT  H N N 143 
HOH O    O N N 144 
HOH H1   H N N 145 
HOH H2   H N N 146 
ILE N    N N N 147 
ILE CA   C N S 148 
ILE C    C N N 149 
ILE O    O N N 150 
ILE CB   C N S 151 
ILE CG1  C N N 152 
ILE CG2  C N N 153 
ILE CD1  C N N 154 
ILE OXT  O N N 155 
ILE H    H N N 156 
ILE H2   H N N 157 
ILE HA   H N N 158 
ILE HB   H N N 159 
ILE HG12 H N N 160 
ILE HG13 H N N 161 
ILE HG21 H N N 162 
ILE HG22 H N N 163 
ILE HG23 H N N 164 
ILE HD11 H N N 165 
ILE HD12 H N N 166 
ILE HD13 H N N 167 
ILE HXT  H N N 168 
LEU N    N N N 169 
LEU CA   C N S 170 
LEU C    C N N 171 
LEU O    O N N 172 
LEU CB   C N N 173 
LEU CG   C N N 174 
LEU CD1  C N N 175 
LEU CD2  C N N 176 
LEU OXT  O N N 177 
LEU H    H N N 178 
LEU H2   H N N 179 
LEU HA   H N N 180 
LEU HB2  H N N 181 
LEU HB3  H N N 182 
LEU HG   H N N 183 
LEU HD11 H N N 184 
LEU HD12 H N N 185 
LEU HD13 H N N 186 
LEU HD21 H N N 187 
LEU HD22 H N N 188 
LEU HD23 H N N 189 
LEU HXT  H N N 190 
LYS N    N N N 191 
LYS CA   C N S 192 
LYS C    C N N 193 
LYS O    O N N 194 
LYS CB   C N N 195 
LYS CG   C N N 196 
LYS CD   C N N 197 
LYS CE   C N N 198 
LYS NZ   N N N 199 
LYS OXT  O N N 200 
LYS H    H N N 201 
LYS H2   H N N 202 
LYS HA   H N N 203 
LYS HB2  H N N 204 
LYS HB3  H N N 205 
LYS HG2  H N N 206 
LYS HG3  H N N 207 
LYS HD2  H N N 208 
LYS HD3  H N N 209 
LYS HE2  H N N 210 
LYS HE3  H N N 211 
LYS HZ1  H N N 212 
LYS HZ2  H N N 213 
LYS HZ3  H N N 214 
LYS HXT  H N N 215 
MET N    N N N 216 
MET CA   C N S 217 
MET C    C N N 218 
MET O    O N N 219 
MET CB   C N N 220 
MET CG   C N N 221 
MET SD   S N N 222 
MET CE   C N N 223 
MET OXT  O N N 224 
MET H    H N N 225 
MET H2   H N N 226 
MET HA   H N N 227 
MET HB2  H N N 228 
MET HB3  H N N 229 
MET HG2  H N N 230 
MET HG3  H N N 231 
MET HE1  H N N 232 
MET HE2  H N N 233 
MET HE3  H N N 234 
MET HXT  H N N 235 
PHE N    N N N 236 
PHE CA   C N S 237 
PHE C    C N N 238 
PHE O    O N N 239 
PHE CB   C N N 240 
PHE CG   C Y N 241 
PHE CD1  C Y N 242 
PHE CD2  C Y N 243 
PHE CE1  C Y N 244 
PHE CE2  C Y N 245 
PHE CZ   C Y N 246 
PHE OXT  O N N 247 
PHE H    H N N 248 
PHE H2   H N N 249 
PHE HA   H N N 250 
PHE HB2  H N N 251 
PHE HB3  H N N 252 
PHE HD1  H N N 253 
PHE HD2  H N N 254 
PHE HE1  H N N 255 
PHE HE2  H N N 256 
PHE HZ   H N N 257 
PHE HXT  H N N 258 
SER N    N N N 259 
SER CA   C N S 260 
SER C    C N N 261 
SER O    O N N 262 
SER CB   C N N 263 
SER OG   O N N 264 
SER OXT  O N N 265 
SER H    H N N 266 
SER H2   H N N 267 
SER HA   H N N 268 
SER HB2  H N N 269 
SER HB3  H N N 270 
SER HG   H N N 271 
SER HXT  H N N 272 
THR N    N N N 273 
THR CA   C N S 274 
THR C    C N N 275 
THR O    O N N 276 
THR CB   C N R 277 
THR OG1  O N N 278 
THR CG2  C N N 279 
THR OXT  O N N 280 
THR H    H N N 281 
THR H2   H N N 282 
THR HA   H N N 283 
THR HB   H N N 284 
THR HG1  H N N 285 
THR HG21 H N N 286 
THR HG22 H N N 287 
THR HG23 H N N 288 
THR HXT  H N N 289 
TYR N    N N N 290 
TYR CA   C N S 291 
TYR C    C N N 292 
TYR O    O N N 293 
TYR CB   C N N 294 
TYR CG   C Y N 295 
TYR CD1  C Y N 296 
TYR CD2  C Y N 297 
TYR CE1  C Y N 298 
TYR CE2  C Y N 299 
TYR CZ   C Y N 300 
TYR OH   O N N 301 
TYR OXT  O N N 302 
TYR H    H N N 303 
TYR H2   H N N 304 
TYR HA   H N N 305 
TYR HB2  H N N 306 
TYR HB3  H N N 307 
TYR HD1  H N N 308 
TYR HD2  H N N 309 
TYR HE1  H N N 310 
TYR HE2  H N N 311 
TYR HH   H N N 312 
TYR HXT  H N N 313 
VAL N    N N N 314 
VAL CA   C N S 315 
VAL C    C N N 316 
VAL O    O N N 317 
VAL CB   C N N 318 
VAL CG1  C N N 319 
VAL CG2  C N N 320 
VAL OXT  O N N 321 
VAL H    H N N 322 
VAL H2   H N N 323 
VAL HA   H N N 324 
VAL HB   H N N 325 
VAL HG11 H N N 326 
VAL HG12 H N N 327 
VAL HG13 H N N 328 
VAL HG21 H N N 329 
VAL HG22 H N N 330 
VAL HG23 H N N 331 
VAL HXT  H N N 332 
# 
loop_
_chem_comp_bond.comp_id 
_chem_comp_bond.atom_id_1 
_chem_comp_bond.atom_id_2 
_chem_comp_bond.value_order 
_chem_comp_bond.pdbx_aromatic_flag 
_chem_comp_bond.pdbx_stereo_config 
_chem_comp_bond.pdbx_ordinal 
ALA N   CA   sing N N 1   
ALA N   H    sing N N 2   
ALA N   H2   sing N N 3   
ALA CA  C    sing N N 4   
ALA CA  CB   sing N N 5   
ALA CA  HA   sing N N 6   
ALA C   O    doub N N 7   
ALA C   OXT  sing N N 8   
ALA CB  HB1  sing N N 9   
ALA CB  HB2  sing N N 10  
ALA CB  HB3  sing N N 11  
ALA OXT HXT  sing N N 12  
ARG N   CA   sing N N 13  
ARG N   H    sing N N 14  
ARG N   H2   sing N N 15  
ARG CA  C    sing N N 16  
ARG CA  CB   sing N N 17  
ARG CA  HA   sing N N 18  
ARG C   O    doub N N 19  
ARG C   OXT  sing N N 20  
ARG CB  CG   sing N N 21  
ARG CB  HB2  sing N N 22  
ARG CB  HB3  sing N N 23  
ARG CG  CD   sing N N 24  
ARG CG  HG2  sing N N 25  
ARG CG  HG3  sing N N 26  
ARG CD  NE   sing N N 27  
ARG CD  HD2  sing N N 28  
ARG CD  HD3  sing N N 29  
ARG NE  CZ   sing N N 30  
ARG NE  HE   sing N N 31  
ARG CZ  NH1  sing N N 32  
ARG CZ  NH2  doub N N 33  
ARG NH1 HH11 sing N N 34  
ARG NH1 HH12 sing N N 35  
ARG NH2 HH21 sing N N 36  
ARG NH2 HH22 sing N N 37  
ARG OXT HXT  sing N N 38  
ASN N   CA   sing N N 39  
ASN N   H    sing N N 40  
ASN N   H2   sing N N 41  
ASN CA  C    sing N N 42  
ASN CA  CB   sing N N 43  
ASN CA  HA   sing N N 44  
ASN C   O    doub N N 45  
ASN C   OXT  sing N N 46  
ASN CB  CG   sing N N 47  
ASN CB  HB2  sing N N 48  
ASN CB  HB3  sing N N 49  
ASN CG  OD1  doub N N 50  
ASN CG  ND2  sing N N 51  
ASN ND2 HD21 sing N N 52  
ASN ND2 HD22 sing N N 53  
ASN OXT HXT  sing N N 54  
ASP N   CA   sing N N 55  
ASP N   H    sing N N 56  
ASP N   H2   sing N N 57  
ASP CA  C    sing N N 58  
ASP CA  CB   sing N N 59  
ASP CA  HA   sing N N 60  
ASP C   O    doub N N 61  
ASP C   OXT  sing N N 62  
ASP CB  CG   sing N N 63  
ASP CB  HB2  sing N N 64  
ASP CB  HB3  sing N N 65  
ASP CG  OD1  doub N N 66  
ASP CG  OD2  sing N N 67  
ASP OD2 HD2  sing N N 68  
ASP OXT HXT  sing N N 69  
GLN N   CA   sing N N 70  
GLN N   H    sing N N 71  
GLN N   H2   sing N N 72  
GLN CA  C    sing N N 73  
GLN CA  CB   sing N N 74  
GLN CA  HA   sing N N 75  
GLN C   O    doub N N 76  
GLN C   OXT  sing N N 77  
GLN CB  CG   sing N N 78  
GLN CB  HB2  sing N N 79  
GLN CB  HB3  sing N N 80  
GLN CG  CD   sing N N 81  
GLN CG  HG2  sing N N 82  
GLN CG  HG3  sing N N 83  
GLN CD  OE1  doub N N 84  
GLN CD  NE2  sing N N 85  
GLN NE2 HE21 sing N N 86  
GLN NE2 HE22 sing N N 87  
GLN OXT HXT  sing N N 88  
GLU N   CA   sing N N 89  
GLU N   H    sing N N 90  
GLU N   H2   sing N N 91  
GLU CA  C    sing N N 92  
GLU CA  CB   sing N N 93  
GLU CA  HA   sing N N 94  
GLU C   O    doub N N 95  
GLU C   OXT  sing N N 96  
GLU CB  CG   sing N N 97  
GLU CB  HB2  sing N N 98  
GLU CB  HB3  sing N N 99  
GLU CG  CD   sing N N 100 
GLU CG  HG2  sing N N 101 
GLU CG  HG3  sing N N 102 
GLU CD  OE1  doub N N 103 
GLU CD  OE2  sing N N 104 
GLU OE2 HE2  sing N N 105 
GLU OXT HXT  sing N N 106 
GLY N   CA   sing N N 107 
GLY N   H    sing N N 108 
GLY N   H2   sing N N 109 
GLY CA  C    sing N N 110 
GLY CA  HA2  sing N N 111 
GLY CA  HA3  sing N N 112 
GLY C   O    doub N N 113 
GLY C   OXT  sing N N 114 
GLY OXT HXT  sing N N 115 
HIS N   CA   sing N N 116 
HIS N   H    sing N N 117 
HIS N   H2   sing N N 118 
HIS CA  C    sing N N 119 
HIS CA  CB   sing N N 120 
HIS CA  HA   sing N N 121 
HIS C   O    doub N N 122 
HIS C   OXT  sing N N 123 
HIS CB  CG   sing N N 124 
HIS CB  HB2  sing N N 125 
HIS CB  HB3  sing N N 126 
HIS CG  ND1  sing Y N 127 
HIS CG  CD2  doub Y N 128 
HIS ND1 CE1  doub Y N 129 
HIS ND1 HD1  sing N N 130 
HIS CD2 NE2  sing Y N 131 
HIS CD2 HD2  sing N N 132 
HIS CE1 NE2  sing Y N 133 
HIS CE1 HE1  sing N N 134 
HIS NE2 HE2  sing N N 135 
HIS OXT HXT  sing N N 136 
HOH O   H1   sing N N 137 
HOH O   H2   sing N N 138 
ILE N   CA   sing N N 139 
ILE N   H    sing N N 140 
ILE N   H2   sing N N 141 
ILE CA  C    sing N N 142 
ILE CA  CB   sing N N 143 
ILE CA  HA   sing N N 144 
ILE C   O    doub N N 145 
ILE C   OXT  sing N N 146 
ILE CB  CG1  sing N N 147 
ILE CB  CG2  sing N N 148 
ILE CB  HB   sing N N 149 
ILE CG1 CD1  sing N N 150 
ILE CG1 HG12 sing N N 151 
ILE CG1 HG13 sing N N 152 
ILE CG2 HG21 sing N N 153 
ILE CG2 HG22 sing N N 154 
ILE CG2 HG23 sing N N 155 
ILE CD1 HD11 sing N N 156 
ILE CD1 HD12 sing N N 157 
ILE CD1 HD13 sing N N 158 
ILE OXT HXT  sing N N 159 
LEU N   CA   sing N N 160 
LEU N   H    sing N N 161 
LEU N   H2   sing N N 162 
LEU CA  C    sing N N 163 
LEU CA  CB   sing N N 164 
LEU CA  HA   sing N N 165 
LEU C   O    doub N N 166 
LEU C   OXT  sing N N 167 
LEU CB  CG   sing N N 168 
LEU CB  HB2  sing N N 169 
LEU CB  HB3  sing N N 170 
LEU CG  CD1  sing N N 171 
LEU CG  CD2  sing N N 172 
LEU CG  HG   sing N N 173 
LEU CD1 HD11 sing N N 174 
LEU CD1 HD12 sing N N 175 
LEU CD1 HD13 sing N N 176 
LEU CD2 HD21 sing N N 177 
LEU CD2 HD22 sing N N 178 
LEU CD2 HD23 sing N N 179 
LEU OXT HXT  sing N N 180 
LYS N   CA   sing N N 181 
LYS N   H    sing N N 182 
LYS N   H2   sing N N 183 
LYS CA  C    sing N N 184 
LYS CA  CB   sing N N 185 
LYS CA  HA   sing N N 186 
LYS C   O    doub N N 187 
LYS C   OXT  sing N N 188 
LYS CB  CG   sing N N 189 
LYS CB  HB2  sing N N 190 
LYS CB  HB3  sing N N 191 
LYS CG  CD   sing N N 192 
LYS CG  HG2  sing N N 193 
LYS CG  HG3  sing N N 194 
LYS CD  CE   sing N N 195 
LYS CD  HD2  sing N N 196 
LYS CD  HD3  sing N N 197 
LYS CE  NZ   sing N N 198 
LYS CE  HE2  sing N N 199 
LYS CE  HE3  sing N N 200 
LYS NZ  HZ1  sing N N 201 
LYS NZ  HZ2  sing N N 202 
LYS NZ  HZ3  sing N N 203 
LYS OXT HXT  sing N N 204 
MET N   CA   sing N N 205 
MET N   H    sing N N 206 
MET N   H2   sing N N 207 
MET CA  C    sing N N 208 
MET CA  CB   sing N N 209 
MET CA  HA   sing N N 210 
MET C   O    doub N N 211 
MET C   OXT  sing N N 212 
MET CB  CG   sing N N 213 
MET CB  HB2  sing N N 214 
MET CB  HB3  sing N N 215 
MET CG  SD   sing N N 216 
MET CG  HG2  sing N N 217 
MET CG  HG3  sing N N 218 
MET SD  CE   sing N N 219 
MET CE  HE1  sing N N 220 
MET CE  HE2  sing N N 221 
MET CE  HE3  sing N N 222 
MET OXT HXT  sing N N 223 
PHE N   CA   sing N N 224 
PHE N   H    sing N N 225 
PHE N   H2   sing N N 226 
PHE CA  C    sing N N 227 
PHE CA  CB   sing N N 228 
PHE CA  HA   sing N N 229 
PHE C   O    doub N N 230 
PHE C   OXT  sing N N 231 
PHE CB  CG   sing N N 232 
PHE CB  HB2  sing N N 233 
PHE CB  HB3  sing N N 234 
PHE CG  CD1  doub Y N 235 
PHE CG  CD2  sing Y N 236 
PHE CD1 CE1  sing Y N 237 
PHE CD1 HD1  sing N N 238 
PHE CD2 CE2  doub Y N 239 
PHE CD2 HD2  sing N N 240 
PHE CE1 CZ   doub Y N 241 
PHE CE1 HE1  sing N N 242 
PHE CE2 CZ   sing Y N 243 
PHE CE2 HE2  sing N N 244 
PHE CZ  HZ   sing N N 245 
PHE OXT HXT  sing N N 246 
SER N   CA   sing N N 247 
SER N   H    sing N N 248 
SER N   H2   sing N N 249 
SER CA  C    sing N N 250 
SER CA  CB   sing N N 251 
SER CA  HA   sing N N 252 
SER C   O    doub N N 253 
SER C   OXT  sing N N 254 
SER CB  OG   sing N N 255 
SER CB  HB2  sing N N 256 
SER CB  HB3  sing N N 257 
SER OG  HG   sing N N 258 
SER OXT HXT  sing N N 259 
THR N   CA   sing N N 260 
THR N   H    sing N N 261 
THR N   H2   sing N N 262 
THR CA  C    sing N N 263 
THR CA  CB   sing N N 264 
THR CA  HA   sing N N 265 
THR C   O    doub N N 266 
THR C   OXT  sing N N 267 
THR CB  OG1  sing N N 268 
THR CB  CG2  sing N N 269 
THR CB  HB   sing N N 270 
THR OG1 HG1  sing N N 271 
THR CG2 HG21 sing N N 272 
THR CG2 HG22 sing N N 273 
THR CG2 HG23 sing N N 274 
THR OXT HXT  sing N N 275 
TYR N   CA   sing N N 276 
TYR N   H    sing N N 277 
TYR N   H2   sing N N 278 
TYR CA  C    sing N N 279 
TYR CA  CB   sing N N 280 
TYR CA  HA   sing N N 281 
TYR C   O    doub N N 282 
TYR C   OXT  sing N N 283 
TYR CB  CG   sing N N 284 
TYR CB  HB2  sing N N 285 
TYR CB  HB3  sing N N 286 
TYR CG  CD1  doub Y N 287 
TYR CG  CD2  sing Y N 288 
TYR CD1 CE1  sing Y N 289 
TYR CD1 HD1  sing N N 290 
TYR CD2 CE2  doub Y N 291 
TYR CD2 HD2  sing N N 292 
TYR CE1 CZ   doub Y N 293 
TYR CE1 HE1  sing N N 294 
TYR CE2 CZ   sing Y N 295 
TYR CE2 HE2  sing N N 296 
TYR CZ  OH   sing N N 297 
TYR OH  HH   sing N N 298 
TYR OXT HXT  sing N N 299 
VAL N   CA   sing N N 300 
VAL N   H    sing N N 301 
VAL N   H2   sing N N 302 
VAL CA  C    sing N N 303 
VAL CA  CB   sing N N 304 
VAL CA  HA   sing N N 305 
VAL C   O    doub N N 306 
VAL C   OXT  sing N N 307 
VAL CB  CG1  sing N N 308 
VAL CB  CG2  sing N N 309 
VAL CB  HB   sing N N 310 
VAL CG1 HG11 sing N N 311 
VAL CG1 HG12 sing N N 312 
VAL CG1 HG13 sing N N 313 
VAL CG2 HG21 sing N N 314 
VAL CG2 HG22 sing N N 315 
VAL CG2 HG23 sing N N 316 
VAL OXT HXT  sing N N 317 
# 
_pdbx_audit_support.funding_organization   
'National Institutes of Health/National Institute Of Allergy and Infectious Diseases (NIH/NIAID)' 
_pdbx_audit_support.country                'United States' 
_pdbx_audit_support.grant_number           'R01 AI161762' 
_pdbx_audit_support.ordinal                1 
# 
_atom_sites.entry_id                    8E2C 
_atom_sites.Cartn_transf_matrix[1][1]   ? 
_atom_sites.Cartn_transf_matrix[1][2]   ? 
_atom_sites.Cartn_transf_matrix[1][3]   ? 
_atom_sites.Cartn_transf_matrix[2][1]   ? 
_atom_sites.Cartn_transf_matrix[2][2]   ? 
_atom_sites.Cartn_transf_matrix[2][3]   ? 
_atom_sites.Cartn_transf_matrix[3][1]   ? 
_atom_sites.Cartn_transf_matrix[3][2]   ? 
_atom_sites.Cartn_transf_matrix[3][3]   ? 
_atom_sites.Cartn_transf_vector[1]      ? 
_atom_sites.Cartn_transf_vector[2]      ? 
_atom_sites.Cartn_transf_vector[3]      ? 
_atom_sites.fract_transf_matrix[1][1]   -0.02406823 
_atom_sites.fract_transf_matrix[1][2]   -0.01002879 
_atom_sites.fract_transf_matrix[1][3]   0.02342179 
_atom_sites.fract_transf_matrix[2][1]   0.00646317 
_atom_sites.fract_transf_matrix[2][2]   -0.01181145 
_atom_sites.fract_transf_matrix[2][3]   0.00158410 
_atom_sites.fract_transf_matrix[3][1]   0.00904284 
_atom_sites.fract_transf_matrix[3][2]   0.00778390 
_atom_sites.fract_transf_matrix[3][3]   0.02114377 
_atom_sites.fract_transf_vector[1]      0.475321 
_atom_sites.fract_transf_vector[2]      -0.061118 
_atom_sites.fract_transf_vector[3]      0.577020 
_atom_sites.solution_primary            ? 
_atom_sites.solution_secondary          ? 
_atom_sites.solution_hydrogens          ? 
_atom_sites.special_details             ? 
# 
loop_
_atom_type.symbol 
C 
N 
O 
S 
# 
loop_
_atom_site.group_PDB 
_atom_site.id 
_atom_site.type_symbol 
_atom_site.label_atom_id 
_atom_site.label_alt_id 
_atom_site.label_comp_id 
_atom_site.label_asym_id 
_atom_site.label_entity_id 
_atom_site.label_seq_id 
_atom_site.pdbx_PDB_ins_code 
_atom_site.Cartn_x 
_atom_site.Cartn_y 
_atom_site.Cartn_z 
_atom_site.occupancy 
_atom_site.B_iso_or_equiv 
_atom_site.pdbx_formal_charge 
_atom_site.auth_seq_id 
_atom_site.auth_comp_id 
_atom_site.auth_asym_id 
_atom_site.auth_atom_id 
_atom_site.pdbx_PDB_model_num 
ATOM   1    N N   . LEU A 1 6  ? 2.910   -11.582 6.480   1.00 42.87  ? 6   LEU A N   1 
ATOM   2    C CA  . LEU A 1 6  ? 2.766   -11.259 5.012   1.00 42.73  ? 6   LEU A CA  1 
ATOM   3    C C   . LEU A 1 6  ? 3.425   -12.350 4.172   1.00 43.70  ? 6   LEU A C   1 
ATOM   4    O O   . LEU A 1 6  ? 4.534   -12.781 4.510   1.00 41.39  ? 6   LEU A O   1 
ATOM   5    C CB  . LEU A 1 6  ? 3.394   -9.899  4.693   1.00 41.72  ? 6   LEU A CB  1 
ATOM   6    C CG  . LEU A 1 6  ? 2.862   -8.726  5.507   1.00 39.91  ? 6   LEU A CG  1 
ATOM   7    C CD1 . LEU A 1 6  ? 3.234   -7.422  4.844   1.00 40.39  ? 6   LEU A CD1 1 
ATOM   8    C CD2 . LEU A 1 6  ? 1.355   -8.817  5.680   1.00 41.84  ? 6   LEU A CD2 1 
ATOM   9    N N   . LYS A 1 7  ? 2.749   -12.752 3.101   1.00 46.10  ? 7   LYS A N   1 
ATOM   10   C CA  . LYS A 1 7  ? 3.205   -13.821 2.183   1.00 47.27  ? 7   LYS A CA  1 
ATOM   11   C C   . LYS A 1 7  ? 4.274   -13.258 1.248   1.00 46.00  ? 7   LYS A C   1 
ATOM   12   O O   . LYS A 1 7  ? 5.075   -14.058 0.751   1.00 54.23  ? 7   LYS A O   1 
ATOM   13   C CB  . LYS A 1 7  ? 2.029   -14.373 1.371   1.00 52.43  ? 7   LYS A CB  1 
ATOM   14   C CG  . LYS A 1 7  ? 0.680   -14.340 2.074   1.00 57.14  ? 7   LYS A CG  1 
ATOM   15   C CD  . LYS A 1 7  ? -0.458  -14.827 1.223   1.00 61.00  ? 7   LYS A CD  1 
ATOM   16   C CE  . LYS A 1 7  ? -1.512  -15.545 2.035   1.00 62.88  ? 7   LYS A CE  1 
ATOM   17   N NZ  . LYS A 1 7  ? -2.566  -16.104 1.158   1.00 64.04  ? 7   LYS A NZ  1 
ATOM   18   N N   . LEU A 1 8  ? 4.265   -11.948 0.985   1.00 42.91  ? 8   LEU A N   1 
ATOM   19   C CA  . LEU A 1 8  ? 5.172   -11.316 -0.012  1.00 38.60  ? 8   LEU A CA  1 
ATOM   20   C C   . LEU A 1 8  ? 5.940   -10.170 0.635   1.00 36.33  ? 8   LEU A C   1 
ATOM   21   O O   . LEU A 1 8  ? 5.539   -9.701  1.692   1.00 36.58  ? 8   LEU A O   1 
ATOM   22   C CB  . LEU A 1 8  ? 4.359   -10.793 -1.201  1.00 34.91  ? 8   LEU A CB  1 
ATOM   23   C CG  . LEU A 1 8  ? 3.542   -11.833 -1.954  1.00 33.98  ? 8   LEU A CG  1 
ATOM   24   C CD1 . LEU A 1 8  ? 2.604   -11.161 -2.932  1.00 32.49  ? 8   LEU A CD1 1 
ATOM   25   C CD2 . LEU A 1 8  ? 4.441   -12.813 -2.686  1.00 36.87  ? 8   LEU A CD2 1 
ATOM   26   N N   . SER A 1 9  ? 7.017   -9.747  -0.017  1.00 39.48  ? 9   SER A N   1 
ATOM   27   C CA  . SER A 1 9  ? 7.800   -8.524  0.305   1.00 37.44  ? 9   SER A CA  1 
ATOM   28   C C   . SER A 1 9  ? 7.758   -7.605  -0.906  1.00 34.41  ? 9   SER A C   1 
ATOM   29   O O   . SER A 1 9  ? 7.420   -8.079  -2.002  1.00 31.25  ? 9   SER A O   1 
ATOM   30   C CB  . SER A 1 9  ? 9.217   -8.865  0.650   1.00 37.37  ? 9   SER A CB  1 
ATOM   31   O OG  . SER A 1 9  ? 9.767   -9.723  -0.345  1.00 39.73  ? 9   SER A OG  1 
ATOM   32   N N   . ALA A 1 10 ? 8.138   -6.349  -0.719  1.00 37.47  ? 10  ALA A N   1 
ATOM   33   C CA  . ALA A 1 10 ? 8.289   -5.383  -1.822  1.00 38.29  ? 10  ALA A CA  1 
ATOM   34   C C   . ALA A 1 10 ? 9.209   -5.991  -2.891  1.00 42.30  ? 10  ALA A C   1 
ATOM   35   O O   . ALA A 1 10 ? 8.928   -5.823  -4.105  1.00 37.84  ? 10  ALA A O   1 
ATOM   36   C CB  . ALA A 1 10 ? 8.806   -4.083  -1.270  1.00 38.74  ? 10  ALA A CB  1 
ATOM   37   N N   . LYS A 1 11 ? 10.245  -6.716  -2.455  1.00 46.05  ? 11  LYS A N   1 
ATOM   38   C CA  . LYS A 1 11 ? 11.300  -7.290  -3.330  1.00 49.90  ? 11  LYS A CA  1 
ATOM   39   C C   . LYS A 1 11 ? 10.711  -8.403  -4.200  1.00 45.47  ? 11  LYS A C   1 
ATOM   40   O O   . LYS A 1 11 ? 11.033  -8.443  -5.389  1.00 42.17  ? 11  LYS A O   1 
ATOM   41   C CB  . LYS A 1 11 ? 12.457  -7.837  -2.486  1.00 59.66  ? 11  LYS A CB  1 
ATOM   42   C CG  . LYS A 1 11 ? 13.726  -8.181  -3.259  1.00 66.77  ? 11  LYS A CG  1 
ATOM   43   C CD  . LYS A 1 11 ? 14.870  -8.636  -2.367  1.00 74.48  ? 11  LYS A CD  1 
ATOM   44   C CE  . LYS A 1 11 ? 16.168  -8.873  -3.116  1.00 79.08  ? 11  LYS A CE  1 
ATOM   45   N NZ  . LYS A 1 11 ? 16.155  -10.156 -3.862  1.00 81.09  ? 11  LYS A NZ  1 
ATOM   46   N N   . ASP A 1 12 ? 9.916   -9.291  -3.613  1.00 45.37  ? 12  ASP A N   1 
ATOM   47   C CA  . ASP A 1 12 ? 9.317   -10.459 -4.318  1.00 47.63  ? 12  ASP A CA  1 
ATOM   48   C C   . ASP A 1 12 ? 8.472   -9.969  -5.501  1.00 44.38  ? 12  ASP A C   1 
ATOM   49   O O   . ASP A 1 12 ? 8.551   -10.590 -6.589  1.00 41.66  ? 12  ASP A O   1 
ATOM   50   C CB  . ASP A 1 12 ? 8.456   -11.301 -3.374  1.00 50.98  ? 12  ASP A CB  1 
ATOM   51   C CG  . ASP A 1 12 ? 9.238   -12.039 -2.301  1.00 55.00  ? 12  ASP A CG  1 
ATOM   52   O OD1 . ASP A 1 12 ? 10.485  -11.924 -2.293  1.00 59.86  ? 12  ASP A OD1 1 
ATOM   53   O OD2 . ASP A 1 12 ? 8.589   -12.725 -1.478  1.00 55.09  ? 12  ASP A OD2 1 
ATOM   54   N N   . ILE A 1 13 ? 7.722   -8.883  -5.285  1.00 38.08  ? 13  ILE A N   1 
ATOM   55   C CA  . ILE A 1 13 ? 6.837   -8.231  -6.291  1.00 36.26  ? 13  ILE A CA  1 
ATOM   56   C C   . ILE A 1 13 ? 7.713   -7.600  -7.388  1.00 37.15  ? 13  ILE A C   1 
ATOM   57   O O   . ILE A 1 13 ? 7.360   -7.728  -8.584  1.00 36.42  ? 13  ILE A O   1 
ATOM   58   C CB  . ILE A 1 13 ? 5.891   -7.225  -5.587  1.00 34.47  ? 13  ILE A CB  1 
ATOM   59   C CG1 . ILE A 1 13 ? 4.991   -7.932  -4.569  1.00 35.72  ? 13  ILE A CG1 1 
ATOM   60   C CG2 . ILE A 1 13 ? 5.063   -6.427  -6.585  1.00 34.33  ? 13  ILE A CG2 1 
ATOM   61   C CD1 . ILE A 1 13 ? 4.351   -7.006  -3.562  1.00 35.71  ? 13  ILE A CD1 1 
ATOM   62   N N   . TYR A 1 14 ? 8.821   -6.947  -7.037  1.00 38.20  ? 14  TYR A N   1 
ATOM   63   C CA  . TYR A 1 14 ? 9.774   -6.413  -8.049  1.00 42.04  ? 14  TYR A CA  1 
ATOM   64   C C   . TYR A 1 14 ? 10.304  -7.575  -8.896  1.00 41.68  ? 14  TYR A C   1 
ATOM   65   O O   . TYR A 1 14 ? 10.273  -7.485  -10.140 1.00 38.12  ? 14  TYR A O   1 
ATOM   66   C CB  . TYR A 1 14 ? 10.925  -5.644  -7.399  1.00 46.95  ? 14  TYR A CB  1 
ATOM   67   C CG  . TYR A 1 14 ? 11.912  -5.077  -8.390  1.00 51.07  ? 14  TYR A CG  1 
ATOM   68   C CD1 . TYR A 1 14 ? 11.510  -4.133  -9.317  1.00 55.73  ? 14  TYR A CD1 1 
ATOM   69   C CD2 . TYR A 1 14 ? 13.238  -5.484  -8.413  1.00 53.92  ? 14  TYR A CD2 1 
ATOM   70   C CE1 . TYR A 1 14 ? 12.390  -3.607  -10.246 1.00 58.69  ? 14  TYR A CE1 1 
ATOM   71   C CE2 . TYR A 1 14 ? 14.137  -4.961  -9.330  1.00 58.93  ? 14  TYR A CE2 1 
ATOM   72   C CZ  . TYR A 1 14 ? 13.708  -4.017  -10.250 1.00 61.37  ? 14  TYR A CZ  1 
ATOM   73   O OH  . TYR A 1 14 ? 14.543  -3.475  -11.179 1.00 62.16  ? 14  TYR A OH  1 
ATOM   74   N N   . GLU A 1 15 ? 10.732  -8.646  -8.223  1.00 43.61  ? 15  GLU A N   1 
ATOM   75   C CA  . GLU A 1 15 ? 11.409  -9.823  -8.828  1.00 47.94  ? 15  GLU A CA  1 
ATOM   76   C C   . GLU A 1 15 ? 10.415  -10.569 -9.721  1.00 47.00  ? 15  GLU A C   1 
ATOM   77   O O   . GLU A 1 15 ? 10.844  -11.122 -10.742 1.00 51.59  ? 15  GLU A O   1 
ATOM   78   C CB  . GLU A 1 15 ? 11.969  -10.755 -7.746  1.00 52.33  ? 15  GLU A CB  1 
ATOM   79   C CG  . GLU A 1 15 ? 12.974  -10.087 -6.810  1.00 58.66  ? 15  GLU A CG  1 
ATOM   80   C CD  . GLU A 1 15 ? 14.444  -10.333 -7.090  1.00 64.69  ? 15  GLU A CD  1 
ATOM   81   O OE1 . GLU A 1 15 ? 14.867  -11.513 -7.012  1.00 70.05  ? 15  GLU A OE1 1 
ATOM   82   O OE2 . GLU A 1 15 ? 15.168  -9.341  -7.361  1.00 65.31  ? 15  GLU A OE2 1 
ATOM   83   N N   . LYS A 1 16 ? 9.134   -10.587 -9.358  1.00 43.72  ? 16  LYS A N   1 
ATOM   84   C CA  . LYS A 1 16 ? 8.151   -11.501 -9.993  1.00 43.72  ? 16  LYS A CA  1 
ATOM   85   C C   . LYS A 1 16 ? 8.153   -11.302 -11.508 1.00 45.56  ? 16  LYS A C   1 
ATOM   86   O O   . LYS A 1 16 ? 8.295   -10.149 -11.964 1.00 48.22  ? 16  LYS A O   1 
ATOM   87   C CB  . LYS A 1 16 ? 6.744   -11.283 -9.441  1.00 43.39  ? 16  LYS A CB  1 
ATOM   88   C CG  . LYS A 1 16 ? 5.715   -12.279 -9.949  1.00 42.52  ? 16  LYS A CG  1 
ATOM   89   C CD  . LYS A 1 16 ? 5.872   -13.658 -9.367  1.00 41.12  ? 16  LYS A CD  1 
ATOM   90   C CE  . LYS A 1 16 ? 4.882   -14.636 -9.959  1.00 42.49  ? 16  LYS A CE  1 
ATOM   91   N NZ  . LYS A 1 16 ? 4.858   -15.915 -9.213  1.00 41.39  ? 16  LYS A NZ  1 
ATOM   92   N N   . ASP A 1 17 ? 8.023   -12.410 -12.242 1.00 46.97  ? 17  ASP A N   1 
ATOM   93   C CA  . ASP A 1 17 ? 7.846   -12.444 -13.717 1.00 49.07  ? 17  ASP A CA  1 
ATOM   94   C C   . ASP A 1 17 ? 6.685   -13.386 -14.047 1.00 41.87  ? 17  ASP A C   1 
ATOM   95   O O   . ASP A 1 17 ? 6.587   -14.459 -13.433 1.00 42.88  ? 17  ASP A O   1 
ATOM   96   C CB  . ASP A 1 17 ? 9.137   -12.866 -14.422 1.00 55.80  ? 17  ASP A CB  1 
ATOM   97   C CG  . ASP A 1 17 ? 9.245   -12.285 -15.820 1.00 61.47  ? 17  ASP A CG  1 
ATOM   98   O OD1 . ASP A 1 17 ? 9.349   -11.051 -15.923 1.00 65.45  ? 17  ASP A OD1 1 
ATOM   99   O OD2 . ASP A 1 17 ? 9.186   -13.065 -16.789 1.00 70.39  ? 17  ASP A OD2 1 
ATOM   100  N N   . PHE A 1 18 ? 5.820   -12.983 -14.964 1.00 38.04  ? 18  PHE A N   1 
ATOM   101  C CA  . PHE A 1 18 ? 4.698   -13.813 -15.454 1.00 37.78  ? 18  PHE A CA  1 
ATOM   102  C C   . PHE A 1 18 ? 5.024   -14.265 -16.877 1.00 39.03  ? 18  PHE A C   1 
ATOM   103  O O   . PHE A 1 18 ? 5.847   -13.623 -17.560 1.00 39.16  ? 18  PHE A O   1 
ATOM   104  C CB  . PHE A 1 18 ? 3.383   -13.031 -15.387 1.00 36.83  ? 18  PHE A CB  1 
ATOM   105  C CG  . PHE A 1 18 ? 3.212   -12.157 -14.165 1.00 35.60  ? 18  PHE A CG  1 
ATOM   106  C CD1 . PHE A 1 18 ? 2.621   -12.644 -13.009 1.00 34.13  ? 18  PHE A CD1 1 
ATOM   107  C CD2 . PHE A 1 18 ? 3.603   -10.829 -14.188 1.00 33.35  ? 18  PHE A CD2 1 
ATOM   108  C CE1 . PHE A 1 18 ? 2.454   -11.832 -11.898 1.00 32.19  ? 18  PHE A CE1 1 
ATOM   109  C CE2 . PHE A 1 18 ? 3.415   -10.017 -13.085 1.00 32.30  ? 18  PHE A CE2 1 
ATOM   110  C CZ  . PHE A 1 18 ? 2.856   -10.522 -11.935 1.00 31.58  ? 18  PHE A CZ  1 
ATOM   111  N N   . GLU A 1 19 ? 4.387   -15.351 -17.301 1.00 42.64  ? 19  GLU A N   1 
ATOM   112  C CA  . GLU A 1 19 ? 4.484   -15.881 -18.680 1.00 43.97  ? 19  GLU A CA  1 
ATOM   113  C C   . GLU A 1 19 ? 3.769   -14.913 -19.620 1.00 44.27  ? 19  GLU A C   1 
ATOM   114  O O   . GLU A 1 19 ? 2.644   -14.474 -19.282 1.00 44.21  ? 19  GLU A O   1 
ATOM   115  C CB  . GLU A 1 19 ? 3.889   -17.289 -18.771 1.00 45.27  ? 19  GLU A CB  1 
ATOM   116  C CG  . GLU A 1 19 ? 4.776   -18.352 -18.149 1.00 47.55  ? 19  GLU A CG  1 
ATOM   117  C CD  . GLU A 1 19 ? 6.159   -18.430 -18.784 1.00 48.98  ? 19  GLU A CD  1 
ATOM   118  O OE1 . GLU A 1 19 ? 7.156   -18.620 -18.041 1.00 56.57  ? 19  GLU A OE1 1 
ATOM   119  O OE2 . GLU A 1 19 ? 6.244   -18.264 -20.015 1.00 43.06  ? 19  GLU A OE2 1 
ATOM   120  N N   . LYS A 1 20 ? 4.403   -14.605 -20.752 1.00 44.56  ? 20  LYS A N   1 
ATOM   121  C CA  . LYS A 1 20 ? 3.813   -13.779 -21.833 1.00 44.47  ? 20  LYS A CA  1 
ATOM   122  C C   . LYS A 1 20 ? 2.927   -14.651 -22.733 1.00 41.41  ? 20  LYS A C   1 
ATOM   123  O O   . LYS A 1 20 ? 3.019   -15.877 -22.656 1.00 43.78  ? 20  LYS A O   1 
ATOM   124  C CB  . LYS A 1 20 ? 4.913   -13.048 -22.601 1.00 47.32  ? 20  LYS A CB  1 
ATOM   125  C CG  . LYS A 1 20 ? 5.316   -11.705 -22.011 1.00 47.60  ? 20  LYS A CG  1 
ATOM   126  C CD  . LYS A 1 20 ? 6.619   -11.731 -21.266 1.00 50.50  ? 20  LYS A CD  1 
ATOM   127  C CE  . LYS A 1 20 ? 7.221   -10.352 -21.125 1.00 50.71  ? 20  LYS A CE  1 
ATOM   128  N NZ  . LYS A 1 20 ? 8.670   -10.380 -20.835 1.00 49.36  ? 20  LYS A NZ  1 
ATOM   129  N N   . THR A 1 21 ? 2.067   -14.017 -23.529 1.00 43.32  ? 21  THR A N   1 
ATOM   130  C CA  . THR A 1 21 ? 1.067   -14.671 -24.411 1.00 42.52  ? 21  THR A CA  1 
ATOM   131  C C   . THR A 1 21 ? 0.570   -13.620 -25.405 1.00 45.81  ? 21  THR A C   1 
ATOM   132  O O   . THR A 1 21 ? 0.577   -12.429 -25.038 1.00 48.17  ? 21  THR A O   1 
ATOM   133  C CB  . THR A 1 21 ? -0.065  -15.327 -23.601 1.00 40.23  ? 21  THR A CB  1 
ATOM   134  O OG1 . THR A 1 21 ? -0.894  -16.064 -24.494 1.00 40.25  ? 21  THR A OG1 1 
ATOM   135  C CG2 . THR A 1 21 ? -0.956  -14.355 -22.855 1.00 39.09  ? 21  THR A CG2 1 
ATOM   136  N N   . MET A 1 22 ? 0.181   -14.059 -26.609 1.00 50.46  ? 22  MET A N   1 
ATOM   137  C CA  . MET A 1 22 ? -0.475  -13.239 -27.662 1.00 49.35  ? 22  MET A CA  1 
ATOM   138  C C   . MET A 1 22 ? -1.989  -13.390 -27.486 1.00 50.39  ? 22  MET A C   1 
ATOM   139  O O   . MET A 1 22 ? -2.744  -12.650 -28.144 1.00 54.78  ? 22  MET A O   1 
ATOM   140  C CB  . MET A 1 22 ? -0.081  -13.699 -29.072 1.00 53.08  ? 22  MET A CB  1 
ATOM   141  C CG  . MET A 1 22 ? 1.402   -13.960 -29.247 1.00 55.32  ? 22  MET A CG  1 
ATOM   142  S SD  . MET A 1 22 ? 2.387   -12.482 -28.977 1.00 62.69  ? 22  MET A SD  1 
ATOM   143  C CE  . MET A 1 22 ? 2.664   -11.947 -30.665 1.00 60.74  ? 22  MET A CE  1 
ATOM   144  N N   . ALA A 1 23 ? -2.407  -14.318 -26.621 1.00 45.27  ? 23  ALA A N   1 
ATOM   145  C CA  . ALA A 1 23 ? -3.812  -14.736 -26.453 1.00 42.17  ? 23  ALA A CA  1 
ATOM   146  C C   . ALA A 1 23 ? -4.475  -13.870 -25.382 1.00 41.69  ? 23  ALA A C   1 
ATOM   147  O O   . ALA A 1 23 ? -4.775  -14.392 -24.301 1.00 41.96  ? 23  ALA A O   1 
ATOM   148  C CB  . ALA A 1 23 ? -3.867  -16.198 -26.100 1.00 42.61  ? 23  ALA A CB  1 
ATOM   149  N N   . ARG A 1 24 ? -4.723  -12.599 -25.696 1.00 41.87  ? 24  ARG A N   1 
ATOM   150  C CA  . ARG A 1 24 ? -5.538  -11.680 -24.870 1.00 40.07  ? 24  ARG A CA  1 
ATOM   151  C C   . ARG A 1 24 ? -4.965  -11.600 -23.441 1.00 39.18  ? 24  ARG A C   1 
ATOM   152  O O   . ARG A 1 24 ? -5.744  -11.609 -22.473 1.00 35.00  ? 24  ARG A O   1 
ATOM   153  C CB  . ARG A 1 24 ? -6.968  -12.161 -24.876 1.00 39.86  ? 24  ARG A CB  1 
ATOM   154  N N   . GLY A 1 25 ? -3.639  -11.544 -23.311 1.00 35.53  ? 25  GLY A N   1 
ATOM   155  C CA  . GLY A 1 25 ? -2.966  -11.242 -22.039 1.00 35.06  ? 25  GLY A CA  1 
ATOM   156  C C   . GLY A 1 25 ? -3.184  -9.791  -21.644 1.00 33.47  ? 25  GLY A C   1 
ATOM   157  O O   . GLY A 1 25 ? -3.612  -8.996  -22.497 1.00 36.22  ? 25  GLY A O   1 
ATOM   158  N N   . TYR A 1 26 ? -2.947  -9.449  -20.384 1.00 31.77  ? 26  TYR A N   1 
ATOM   159  C CA  . TYR A 1 26 ? -3.093  -8.063  -19.875 1.00 31.57  ? 26  TYR A CA  1 
ATOM   160  C C   . TYR A 1 26 ? -1.953  -7.194  -20.397 1.00 34.31  ? 26  TYR A C   1 
ATOM   161  O O   . TYR A 1 26 ? -0.817  -7.696  -20.471 1.00 32.56  ? 26  TYR A O   1 
ATOM   162  C CB  . TYR A 1 26 ? -3.002  -8.013  -18.357 1.00 29.14  ? 26  TYR A CB  1 
ATOM   163  C CG  . TYR A 1 26 ? -4.152  -8.632  -17.620 1.00 27.65  ? 26  TYR A CG  1 
ATOM   164  C CD1 . TYR A 1 26 ? -5.476  -8.391  -17.979 1.00 28.37  ? 26  TYR A CD1 1 
ATOM   165  C CD2 . TYR A 1 26 ? -3.904  -9.435  -16.524 1.00 26.96  ? 26  TYR A CD2 1 
ATOM   166  C CE1 . TYR A 1 26 ? -6.524  -8.954  -17.265 1.00 27.11  ? 26  TYR A CE1 1 
ATOM   167  C CE2 . TYR A 1 26 ? -4.938  -9.987  -15.792 1.00 27.14  ? 26  TYR A CE2 1 
ATOM   168  C CZ  . TYR A 1 26 ? -6.248  -9.759  -16.167 1.00 26.65  ? 26  TYR A CZ  1 
ATOM   169  O OH  . TYR A 1 26 ? -7.233  -10.359 -15.436 1.00 26.27  ? 26  TYR A OH  1 
ATOM   170  N N   . ARG A 1 27 ? -2.223  -5.911  -20.659 1.00 38.35  ? 27  ARG A N   1 
ATOM   171  C CA  . ARG A 1 27 ? -1.165  -4.932  -21.036 1.00 37.23  ? 27  ARG A CA  1 
ATOM   172  C C   . ARG A 1 27 ? -0.085  -4.924  -19.952 1.00 36.08  ? 27  ARG A C   1 
ATOM   173  O O   . ARG A 1 27 ? -0.410  -4.681  -18.777 1.00 34.10  ? 27  ARG A O   1 
ATOM   174  C CB  . ARG A 1 27 ? -1.756  -3.542  -21.289 1.00 41.47  ? 27  ARG A CB  1 
ATOM   175  C CG  . ARG A 1 27 ? -1.344  -2.992  -22.648 1.00 47.61  ? 27  ARG A CG  1 
ATOM   176  C CD  . ARG A 1 27 ? -2.139  -1.800  -23.118 1.00 49.69  ? 27  ARG A CD  1 
ATOM   177  N NE  . ARG A 1 27 ? -3.013  -2.258  -24.177 1.00 56.70  ? 27  ARG A NE  1 
ATOM   178  C CZ  . ARG A 1 27 ? -4.052  -1.587  -24.637 1.00 58.72  ? 27  ARG A CZ  1 
ATOM   179  N NH1 . ARG A 1 27 ? -4.792  -2.111  -25.605 1.00 58.52  ? 27  ARG A NH1 1 
ATOM   180  N NH2 . ARG A 1 27 ? -4.339  -0.399  -24.125 1.00 58.28  ? 27  ARG A NH2 1 
ATOM   181  N N   . ARG A 1 28 ? 1.158   -5.214  -20.338 1.00 37.10  ? 28  ARG A N   1 
ATOM   182  C CA  . ARG A 1 28 ? 2.291   -5.404  -19.403 1.00 38.24  ? 28  ARG A CA  1 
ATOM   183  C C   . ARG A 1 28 ? 2.549   -4.102  -18.644 1.00 36.53  ? 28  ARG A C   1 
ATOM   184  O O   . ARG A 1 28 ? 2.851   -4.154  -17.448 1.00 35.32  ? 28  ARG A O   1 
ATOM   185  C CB  . ARG A 1 28 ? 3.549   -5.858  -20.151 1.00 42.97  ? 28  ARG A CB  1 
ATOM   186  C CG  . ARG A 1 28 ? 3.528   -7.321  -20.574 1.00 49.55  ? 28  ARG A CG  1 
ATOM   187  C CD  . ARG A 1 28 ? 4.843   -7.779  -21.189 1.00 56.46  ? 28  ARG A CD  1 
ATOM   188  N NE  . ARG A 1 28 ? 5.251   -6.950  -22.329 1.00 60.54  ? 28  ARG A NE  1 
ATOM   189  C CZ  . ARG A 1 28 ? 6.167   -7.275  -23.248 1.00 63.71  ? 28  ARG A CZ  1 
ATOM   190  N NH1 . ARG A 1 28 ? 6.810   -8.425  -23.190 1.00 69.81  ? 28  ARG A NH1 1 
ATOM   191  N NH2 . ARG A 1 28 ? 6.443   -6.446  -24.236 1.00 63.19  ? 28  ARG A NH2 1 
ATOM   192  N N   . GLU A 1 29 ? 2.486   -2.963  -19.319 1.00 38.04  ? 29  GLU A N   1 
ATOM   193  C CA  . GLU A 1 29 ? 2.865   -1.681  -18.676 1.00 38.35  ? 29  GLU A CA  1 
ATOM   194  C C   . GLU A 1 29 ? 1.749   -1.314  -17.697 1.00 34.40  ? 29  GLU A C   1 
ATOM   195  O O   . GLU A 1 29 ? 2.056   -0.705  -16.666 1.00 33.94  ? 29  GLU A O   1 
ATOM   196  C CB  . GLU A 1 29 ? 3.180   -0.606  -19.719 1.00 39.76  ? 29  GLU A CB  1 
ATOM   197  C CG  . GLU A 1 29 ? 1.963   0.140   -20.236 1.00 44.39  ? 29  GLU A CG  1 
ATOM   198  C CD  . GLU A 1 29 ? 1.092   -0.614  -21.228 1.00 48.07  ? 29  GLU A CD  1 
ATOM   199  O OE1 . GLU A 1 29 ? 1.623   -1.505  -21.931 1.00 55.08  ? 29  GLU A OE1 1 
ATOM   200  O OE2 . GLU A 1 29 ? -0.118  -0.306  -21.306 1.00 53.86  ? 29  GLU A OE2 1 
ATOM   201  N N   . GLU A 1 30 ? 0.502   -1.681  -17.992 1.00 32.02  ? 30  GLU A N   1 
ATOM   202  C CA  . GLU A 1 30 ? -0.638  -1.394  -17.077 1.00 34.13  ? 30  GLU A CA  1 
ATOM   203  C C   . GLU A 1 30 ? -0.444  -2.208  -15.787 1.00 30.03  ? 30  GLU A C   1 
ATOM   204  O O   . GLU A 1 30 ? -0.634  -1.653  -14.687 1.00 31.69  ? 30  GLU A O   1 
ATOM   205  C CB  . GLU A 1 30 ? -1.974  -1.679  -17.766 1.00 35.43  ? 30  GLU A CB  1 
ATOM   206  C CG  . GLU A 1 30 ? -3.164  -1.177  -16.977 1.00 39.11  ? 30  GLU A CG  1 
ATOM   207  C CD  . GLU A 1 30 ? -4.513  -1.377  -17.645 1.00 42.08  ? 30  GLU A CD  1 
ATOM   208  O OE1 . GLU A 1 30 ? -4.538  -1.803  -18.820 1.00 44.41  ? 30  GLU A OE1 1 
ATOM   209  O OE2 . GLU A 1 30 ? -5.541  -1.111  -16.984 1.00 45.44  ? 30  GLU A OE2 1 
ATOM   210  N N   . VAL A 1 31 ? -0.037  -3.466  -15.923 1.00 26.16  ? 31  VAL A N   1 
ATOM   211  C CA  . VAL A 1 31 ? 0.203   -4.384  -14.782 1.00 26.14  ? 31  VAL A CA  1 
ATOM   212  C C   . VAL A 1 31 ? 1.386   -3.845  -13.969 1.00 26.83  ? 31  VAL A C   1 
ATOM   213  O O   . VAL A 1 31 ? 1.247   -3.744  -12.750 1.00 29.09  ? 31  VAL A O   1 
ATOM   214  C CB  . VAL A 1 31 ? 0.399   -5.837  -15.257 1.00 24.11  ? 31  VAL A CB  1 
ATOM   215  C CG1 . VAL A 1 31 ? 0.961   -6.729  -14.163 1.00 23.46  ? 31  VAL A CG1 1 
ATOM   216  C CG2 . VAL A 1 31 ? -0.902  -6.421  -15.795 1.00 24.16  ? 31  VAL A CG2 1 
ATOM   217  N N   . ASP A 1 32 ? 2.496   -3.503  -14.615 1.00 26.06  ? 32  ASP A N   1 
ATOM   218  C CA  . ASP A 1 32 ? 3.761   -3.125  -13.932 1.00 26.67  ? 32  ASP A CA  1 
ATOM   219  C C   . ASP A 1 32 ? 3.591   -1.783  -13.221 1.00 25.02  ? 32  ASP A C   1 
ATOM   220  O O   . ASP A 1 32 ? 4.113   -1.644  -12.111 1.00 30.02  ? 32  ASP A O   1 
ATOM   221  C CB  . ASP A 1 32 ? 4.942   -3.127  -14.908 1.00 28.57  ? 32  ASP A CB  1 
ATOM   222  C CG  . ASP A 1 32 ? 5.345   -4.540  -15.322 1.00 33.78  ? 32  ASP A CG  1 
ATOM   223  O OD1 . ASP A 1 32 ? 4.858   -5.507  -14.680 1.00 36.75  ? 32  ASP A OD1 1 
ATOM   224  O OD2 . ASP A 1 32 ? 6.136   -4.680  -16.276 1.00 37.07  ? 32  ASP A OD2 1 
ATOM   225  N N   . ALA A 1 33 ? 2.884   -0.838  -13.820 1.00 22.46  ? 33  ALA A N   1 
ATOM   226  C CA  . ALA A 1 33 ? 2.569   0.464   -13.187 1.00 22.41  ? 33  ALA A CA  1 
ATOM   227  C C   . ALA A 1 33 ? 1.782   0.227   -11.899 1.00 22.43  ? 33  ALA A C   1 
ATOM   228  O O   . ALA A 1 33 ? 2.122   0.859   -10.901 1.00 26.39  ? 33  ALA A O   1 
ATOM   229  C CB  . ALA A 1 33 ? 1.791   1.341   -14.120 1.00 22.21  ? 33  ALA A CB  1 
ATOM   230  N N   . PHE A 1 34 ? 0.781   -0.652  -11.918 1.00 21.04  ? 34  PHE A N   1 
ATOM   231  C CA  . PHE A 1 34 ? -0.091  -0.930  -10.748 1.00 22.14  ? 34  PHE A CA  1 
ATOM   232  C C   . PHE A 1 34 ? 0.721   -1.627  -9.648  1.00 21.08  ? 34  PHE A C   1 
ATOM   233  O O   . PHE A 1 34 ? 0.581   -1.289  -8.463  1.00 21.39  ? 34  PHE A O   1 
ATOM   234  C CB  . PHE A 1 34 ? -1.309  -1.756  -11.164 1.00 23.35  ? 34  PHE A CB  1 
ATOM   235  C CG  . PHE A 1 34 ? -2.349  -1.930  -10.090 1.00 25.05  ? 34  PHE A CG  1 
ATOM   236  C CD1 . PHE A 1 34 ? -3.092  -0.849  -9.648  1.00 26.45  ? 34  PHE A CD1 1 
ATOM   237  C CD2 . PHE A 1 34 ? -2.589  -3.173  -9.527  1.00 27.41  ? 34  PHE A CD2 1 
ATOM   238  C CE1 . PHE A 1 34 ? -4.023  -1.000  -8.638  1.00 26.38  ? 34  PHE A CE1 1 
ATOM   239  C CE2 . PHE A 1 34 ? -3.543  -3.329  -8.534  1.00 26.81  ? 34  PHE A CE2 1 
ATOM   240  C CZ  . PHE A 1 34 ? -4.263  -2.243  -8.103  1.00 27.81  ? 34  PHE A CZ  1 
ATOM   241  N N   . LEU A 1 35 ? 1.569   -2.568  -10.028 1.00 19.71  ? 35  LEU A N   1 
ATOM   242  C CA  . LEU A 1 35 ? 2.440   -3.299  -9.073  1.00 21.77  ? 35  LEU A CA  1 
ATOM   243  C C   . LEU A 1 35 ? 3.492   -2.356  -8.483  1.00 22.12  ? 35  LEU A C   1 
ATOM   244  O O   . LEU A 1 35 ? 3.857   -2.563  -7.336  1.00 23.66  ? 35  LEU A O   1 
ATOM   245  C CB  . LEU A 1 35 ? 3.088   -4.483  -9.791  1.00 21.04  ? 35  LEU A CB  1 
ATOM   246  C CG  . LEU A 1 35 ? 2.129   -5.612  -10.142 1.00 20.55  ? 35  LEU A CG  1 
ATOM   247  C CD1 . LEU A 1 35 ? 2.845   -6.639  -10.994 1.00 21.52  ? 35  LEU A CD1 1 
ATOM   248  C CD2 . LEU A 1 35 ? 1.557   -6.265  -8.889  1.00 20.94  ? 35  LEU A CD2 1 
ATOM   249  N N   . ASP A 1 36 ? 3.930   -1.336  -9.210  1.00 23.16  ? 36  ASP A N   1 
ATOM   250  C CA  . ASP A 1 36 ? 4.875   -0.333  -8.650  1.00 27.18  ? 36  ASP A CA  1 
ATOM   251  C C   . ASP A 1 36 ? 4.211   0.466   -7.534  1.00 27.16  ? 36  ASP A C   1 
ATOM   252  O O   . ASP A 1 36 ? 4.917   0.835   -6.592  1.00 30.87  ? 36  ASP A O   1 
ATOM   253  C CB  . ASP A 1 36 ? 5.370   0.644   -9.714  1.00 29.35  ? 36  ASP A CB  1 
ATOM   254  C CG  . ASP A 1 36 ? 6.387   0.023   -10.644 1.00 29.61  ? 36  ASP A CG  1 
ATOM   255  O OD1 . ASP A 1 36 ? 7.123   -0.864  -10.184 1.00 32.48  ? 36  ASP A OD1 1 
ATOM   256  O OD2 . ASP A 1 36 ? 6.410   0.415   -11.815 1.00 34.67  ? 36  ASP A OD2 1 
ATOM   257  N N   . ASP A 1 37 ? 2.918   0.759   -7.659  1.00 28.91  ? 37  ASP A N   1 
ATOM   258  C CA  . ASP A 1 37 ? 2.133   1.413   -6.579  1.00 29.74  ? 37  ASP A CA  1 
ATOM   259  C C   . ASP A 1 37 ? 2.040   0.451   -5.387  1.00 26.04  ? 37  ASP A C   1 
ATOM   260  O O   . ASP A 1 37 ? 2.256   0.882   -4.257  1.00 29.17  ? 37  ASP A O   1 
ATOM   261  C CB  . ASP A 1 37 ? 0.793   1.890   -7.132  1.00 34.16  ? 37  ASP A CB  1 
ATOM   262  C CG  . ASP A 1 37 ? 0.969   2.987   -8.169  1.00 39.80  ? 37  ASP A CG  1 
ATOM   263  O OD1 . ASP A 1 37 ? 1.756   3.926   -7.893  1.00 45.18  ? 37  ASP A OD1 1 
ATOM   264  O OD2 . ASP A 1 37 ? 0.369   2.874   -9.269  1.00 43.44  ? 37  ASP A OD2 1 
ATOM   265  N N   . ILE A 1 38 ? 1.809   -0.828  -5.643  1.00 24.98  ? 38  ILE A N   1 
ATOM   266  C CA  . ILE A 1 38 ? 1.751   -1.886  -4.587  1.00 25.48  ? 38  ILE A CA  1 
ATOM   267  C C   . ILE A 1 38 ? 3.129   -2.033  -3.911  1.00 24.94  ? 38  ILE A C   1 
ATOM   268  O O   . ILE A 1 38 ? 3.166   -2.184  -2.679  1.00 24.90  ? 38  ILE A O   1 
ATOM   269  C CB  . ILE A 1 38 ? 1.233   -3.212  -5.178  1.00 22.65  ? 38  ILE A CB  1 
ATOM   270  C CG1 . ILE A 1 38 ? -0.263  -3.121  -5.492  1.00 22.71  ? 38  ILE A CG1 1 
ATOM   271  C CG2 . ILE A 1 38 ? 1.558   -4.386  -4.269  1.00 21.77  ? 38  ILE A CG2 1 
ATOM   272  C CD1 . ILE A 1 38 ? -0.752  -4.202  -6.445  1.00 22.43  ? 38  ILE A CD1 1 
ATOM   273  N N   . ILE A 1 39 ? 4.216   -2.016  -4.680  1.00 24.55  ? 39  ILE A N   1 
ATOM   274  C CA  . ILE A 1 39 ? 5.609   -2.041  -4.138  1.00 26.37  ? 39  ILE A CA  1 
ATOM   275  C C   . ILE A 1 39 ? 5.786   -0.908  -3.122  1.00 24.68  ? 39  ILE A C   1 
ATOM   276  O O   . ILE A 1 39 ? 6.198   -1.202  -2.009  1.00 25.11  ? 39  ILE A O   1 
ATOM   277  C CB  . ILE A 1 39 ? 6.654   -1.958  -5.262  1.00 26.84  ? 39  ILE A CB  1 
ATOM   278  C CG1 . ILE A 1 39 ? 6.788   -3.316  -5.953  1.00 27.80  ? 39  ILE A CG1 1 
ATOM   279  C CG2 . ILE A 1 39 ? 7.987   -1.462  -4.719  1.00 27.22  ? 39  ILE A CG2 1 
ATOM   280  C CD1 . ILE A 1 39 ? 7.436   -3.251  -7.302  1.00 29.58  ? 39  ILE A CD1 1 
ATOM   281  N N   . ALA A 1 40 ? 5.486   0.327   -3.501  1.00 23.05  ? 40  ALA A N   1 
ATOM   282  C CA  . ALA A 1 40 ? 5.500   1.479   -2.583  1.00 24.52  ? 40  ALA A CA  1 
ATOM   283  C C   . ALA A 1 40 ? 4.702   1.145   -1.316  1.00 26.68  ? 40  ALA A C   1 
ATOM   284  O O   . ALA A 1 40 ? 5.240   1.379   -0.222  1.00 28.42  ? 40  ALA A O   1 
ATOM   285  C CB  . ALA A 1 40 ? 4.949   2.699   -3.270  1.00 24.79  ? 40  ALA A CB  1 
ATOM   286  N N   . ASP A 1 41 ? 3.473   0.634   -1.456  1.00 27.61  ? 41  ASP A N   1 
ATOM   287  C CA  . ASP A 1 41 ? 2.566   0.331   -0.312  1.00 28.26  ? 41  ASP A CA  1 
ATOM   288  C C   . ASP A 1 41 ? 3.205   -0.717  0.602   1.00 27.73  ? 41  ASP A C   1 
ATOM   289  O O   . ASP A 1 41 ? 3.050   -0.583  1.845   1.00 28.71  ? 41  ASP A O   1 
ATOM   290  C CB  . ASP A 1 41 ? 1.170   -0.122  -0.766  1.00 27.98  ? 41  ASP A CB  1 
ATOM   291  C CG  . ASP A 1 41 ? 0.175   1.013   -0.931  1.00 27.82  ? 41  ASP A CG  1 
ATOM   292  O OD1 . ASP A 1 41 ? 0.533   2.153   -0.629  1.00 27.14  ? 41  ASP A OD1 1 
ATOM   293  O OD2 . ASP A 1 41 ? -0.969  0.745   -1.370  1.00 33.06  ? 41  ASP A OD2 1 
ATOM   294  N N   . TYR A 1 42 ? 3.887   -1.716  0.036   1.00 26.21  ? 42  TYR A N   1 
ATOM   295  C CA  . TYR A 1 42 ? 4.578   -2.765  0.829   1.00 28.45  ? 42  TYR A CA  1 
ATOM   296  C C   . TYR A 1 42 ? 5.733   -2.138  1.622   1.00 31.61  ? 42  TYR A C   1 
ATOM   297  O O   . TYR A 1 42 ? 5.948   -2.506  2.784   1.00 37.41  ? 42  TYR A O   1 
ATOM   298  C CB  . TYR A 1 42 ? 5.073   -3.895  -0.066  1.00 27.04  ? 42  TYR A CB  1 
ATOM   299  C CG  . TYR A 1 42 ? 4.134   -5.061  -0.197  1.00 27.71  ? 42  TYR A CG  1 
ATOM   300  C CD1 . TYR A 1 42 ? 3.083   -5.048  -1.100  1.00 27.18  ? 42  TYR A CD1 1 
ATOM   301  C CD2 . TYR A 1 42 ? 4.290   -6.186  0.592   1.00 28.23  ? 42  TYR A CD2 1 
ATOM   302  C CE1 . TYR A 1 42 ? 2.227   -6.132  -1.227  1.00 26.70  ? 42  TYR A CE1 1 
ATOM   303  C CE2 . TYR A 1 42 ? 3.437   -7.273  0.479   1.00 27.40  ? 42  TYR A CE2 1 
ATOM   304  C CZ  . TYR A 1 42 ? 2.417   -7.260  -0.452  1.00 26.18  ? 42  TYR A CZ  1 
ATOM   305  O OH  . TYR A 1 42 ? 1.609   -8.353  -0.590  1.00 26.30  ? 42  TYR A OH  1 
ATOM   306  N N   . GLN A 1 43 ? 6.478   -1.229  1.008   1.00 34.49  ? 43  GLN A N   1 
ATOM   307  C CA  . GLN A 1 43 ? 7.551   -0.482  1.710   1.00 39.67  ? 43  GLN A CA  1 
ATOM   308  C C   . GLN A 1 43 ? 6.894   0.109   2.959   1.00 35.17  ? 43  GLN A C   1 
ATOM   309  O O   . GLN A 1 43 ? 7.397   -0.140  4.046   1.00 38.13  ? 43  GLN A O   1 
ATOM   310  C CB  . GLN A 1 43 ? 8.232   0.533   0.779   1.00 42.27  ? 43  GLN A CB  1 
ATOM   311  C CG  . GLN A 1 43 ? 9.207   -0.121  -0.202  1.00 50.14  ? 43  GLN A CG  1 
ATOM   312  C CD  . GLN A 1 43 ? 9.635   0.750   -1.366  1.00 57.40  ? 43  GLN A CD  1 
ATOM   313  O OE1 . GLN A 1 43 ? 9.432   1.964   -1.382  1.00 63.44  ? 43  GLN A OE1 1 
ATOM   314  N NE2 . GLN A 1 43 ? 10.249  0.130   -2.365  1.00 60.07  ? 43  GLN A NE2 1 
ATOM   315  N N   . LYS A 1 44 ? 5.750   0.773   2.800   1.00 34.26  ? 44  LYS A N   1 
ATOM   316  C CA  . LYS A 1 44 ? 5.057   1.474   3.912   1.00 34.36  ? 44  LYS A CA  1 
ATOM   317  C C   . LYS A 1 44 ? 4.539   0.453   4.937   1.00 31.38  ? 44  LYS A C   1 
ATOM   318  O O   . LYS A 1 44 ? 4.574   0.763   6.149   1.00 29.44  ? 44  LYS A O   1 
ATOM   319  C CB  . LYS A 1 44 ? 3.905   2.326   3.385   1.00 36.07  ? 44  LYS A CB  1 
ATOM   320  C CG  . LYS A 1 44 ? 4.295   3.570   2.606   1.00 36.55  ? 44  LYS A CG  1 
ATOM   321  C CD  . LYS A 1 44 ? 3.104   4.165   1.874   1.00 38.83  ? 44  LYS A CD  1 
ATOM   322  C CE  . LYS A 1 44 ? 3.277   5.635   1.564   1.00 43.53  ? 44  LYS A CE  1 
ATOM   323  N NZ  . LYS A 1 44 ? 2.004   6.252   1.118   1.00 47.55  ? 44  LYS A NZ  1 
ATOM   324  N N   . MET A 1 45 ? 4.075   -0.706  4.471   1.00 29.51  ? 45  MET A N   1 
ATOM   325  C CA  . MET A 1 45 ? 3.597   -1.815  5.345   1.00 31.49  ? 45  MET A CA  1 
ATOM   326  C C   . MET A 1 45 ? 4.717   -2.248  6.297   1.00 31.30  ? 45  MET A C   1 
ATOM   327  O O   . MET A 1 45 ? 4.375   -2.586  7.446   1.00 26.97  ? 45  MET A O   1 
ATOM   328  C CB  . MET A 1 45 ? 3.165   -3.046  4.538   1.00 32.88  ? 45  MET A CB  1 
ATOM   329  C CG  . MET A 1 45 ? 1.796   -2.926  3.904   1.00 34.06  ? 45  MET A CG  1 
ATOM   330  S SD  . MET A 1 45 ? 1.536   -4.267  2.713   1.00 32.66  ? 45  MET A SD  1 
ATOM   331  C CE  . MET A 1 45 ? -0.053  -3.766  2.058   1.00 35.43  ? 45  MET A CE  1 
ATOM   332  N N   . ALA A 1 46 ? 5.969   -2.280  5.807   1.00 30.50  ? 46  ALA A N   1 
ATOM   333  C CA  . ALA A 1 46 ? 7.184   -2.730  6.533   1.00 34.06  ? 46  ALA A CA  1 
ATOM   334  C C   . ALA A 1 46 ? 7.515   -1.770  7.677   1.00 33.99  ? 46  ALA A C   1 
ATOM   335  O O   . ALA A 1 46 ? 7.998   -2.236  8.730   1.00 29.73  ? 46  ALA A O   1 
ATOM   336  C CB  . ALA A 1 46 ? 8.354   -2.831  5.577   1.00 36.11  ? 46  ALA A CB  1 
ATOM   337  N N   . ASP A 1 47 ? 7.263   -0.476  7.472   1.00 36.23  ? 47  ASP A N   1 
ATOM   338  C CA  . ASP A 1 47 ? 7.591   0.595   8.453   1.00 40.05  ? 47  ASP A CA  1 
ATOM   339  C C   . ASP A 1 47 ? 6.385   0.880   9.378   1.00 38.63  ? 47  ASP A C   1 
ATOM   340  O O   . ASP A 1 47 ? 6.540   1.706   10.318  1.00 37.13  ? 47  ASP A O   1 
ATOM   341  C CB  . ASP A 1 47 ? 8.041   1.869   7.722   1.00 43.02  ? 47  ASP A CB  1 
ATOM   342  C CG  . ASP A 1 47 ? 9.303   1.726   6.875   1.00 48.59  ? 47  ASP A CG  1 
ATOM   343  O OD1 . ASP A 1 47 ? 10.189  0.917   7.255   1.00 51.63  ? 47  ASP A OD1 1 
ATOM   344  O OD2 . ASP A 1 47 ? 9.401   2.437   5.834   1.00 50.22  ? 47  ASP A OD2 1 
ATOM   345  N N   . MET A 1 48 ? 5.224   0.253   9.140   1.00 34.21  ? 48  MET A N   1 
ATOM   346  C CA  . MET A 1 48 ? 3.925   0.756   9.668   1.00 34.51  ? 48  MET A CA  1 
ATOM   347  C C   . MET A 1 48 ? 3.860   0.604   11.192  1.00 33.12  ? 48  MET A C   1 
ATOM   348  O O   . MET A 1 48 ? 3.451   1.551   11.860  1.00 31.92  ? 48  MET A O   1 
ATOM   349  C CB  . MET A 1 48 ? 2.731   0.037   9.033   1.00 33.59  ? 48  MET A CB  1 
ATOM   350  C CG  . MET A 1 48 ? 1.429   0.781   9.272   1.00 34.45  ? 48  MET A CG  1 
ATOM   351  S SD  . MET A 1 48 ? 0.140   0.389   8.090   1.00 37.10  ? 48  MET A SD  1 
ATOM   352  C CE  . MET A 1 48 ? 0.782   1.238   6.649   1.00 39.92  ? 48  MET A CE  1 
ATOM   353  N N   . ASN A 1 49 ? 4.233   -0.559  11.718  1.00 37.10  ? 49  ASN A N   1 
ATOM   354  C CA  . ASN A 1 49 ? 4.214   -0.854  13.176  1.00 41.16  ? 49  ASN A CA  1 
ATOM   355  C C   . ASN A 1 49 ? 4.996   0.237   13.922  1.00 39.90  ? 49  ASN A C   1 
ATOM   356  O O   . ASN A 1 49 ? 4.481   0.765   14.922  1.00 44.34  ? 49  ASN A O   1 
ATOM   357  C CB  . ASN A 1 49 ? 4.764   -2.253  13.464  1.00 43.73  ? 49  ASN A CB  1 
ATOM   358  C CG  . ASN A 1 49 ? 5.041   -2.484  14.936  1.00 47.19  ? 49  ASN A CG  1 
ATOM   359  O OD1 . ASN A 1 49 ? 4.244   -3.121  15.617  1.00 47.78  ? 49  ASN A OD1 1 
ATOM   360  N ND2 . ASN A 1 49 ? 6.152   -1.955  15.436  1.00 47.30  ? 49  ASN A ND2 1 
ATOM   361  N N   . ASN A 1 50 ? 6.191   0.570   13.440  1.00 39.54  ? 50  ASN A N   1 
ATOM   362  C CA  . ASN A 1 50 ? 7.062   1.596   14.060  1.00 39.96  ? 50  ASN A CA  1 
ATOM   363  C C   . ASN A 1 50 ? 6.388   2.956   13.959  1.00 38.92  ? 50  ASN A C   1 
ATOM   364  O O   . ASN A 1 50 ? 6.523   3.741   14.913  1.00 39.66  ? 50  ASN A O   1 
ATOM   365  C CB  . ASN A 1 50 ? 8.443   1.639   13.418  1.00 42.98  ? 50  ASN A CB  1 
ATOM   366  C CG  . ASN A 1 50 ? 9.203   0.367   13.687  1.00 46.17  ? 50  ASN A CG  1 
ATOM   367  O OD1 . ASN A 1 50 ? 8.655   -0.551  14.296  1.00 51.94  ? 50  ASN A OD1 1 
ATOM   368  N ND2 . ASN A 1 50 ? 10.451  0.311   13.250  1.00 50.03  ? 50  ASN A ND2 1 
ATOM   369  N N   . GLU A 1 51 ? 5.717   3.225   12.837  1.00 37.84  ? 51  GLU A N   1 
ATOM   370  C CA  . GLU A 1 51 ? 5.023   4.517   12.601  1.00 40.33  ? 51  GLU A CA  1 
ATOM   371  C C   . GLU A 1 51 ? 3.822   4.598   13.548  1.00 38.73  ? 51  GLU A C   1 
ATOM   372  O O   . GLU A 1 51 ? 3.547   5.717   14.044  1.00 39.40  ? 51  GLU A O   1 
ATOM   373  C CB  . GLU A 1 51 ? 4.613   4.684   11.138  1.00 45.90  ? 51  GLU A CB  1 
ATOM   374  C CG  . GLU A 1 51 ? 5.794   4.815   10.186  1.00 53.94  ? 51  GLU A CG  1 
ATOM   375  C CD  . GLU A 1 51 ? 6.291   6.239   9.982   1.00 60.98  ? 51  GLU A CD  1 
ATOM   376  O OE1 . GLU A 1 51 ? 6.788   6.545   8.876   1.00 62.93  ? 51  GLU A OE1 1 
ATOM   377  O OE2 . GLU A 1 51 ? 6.178   7.043   10.928  1.00 66.34  ? 51  GLU A OE2 1 
ATOM   378  N N   . VAL A 1 52 ? 3.136   3.477   13.798  1.00 33.89  ? 52  VAL A N   1 
ATOM   379  C CA  . VAL A 1 52 ? 2.005   3.451   14.765  1.00 35.95  ? 52  VAL A CA  1 
ATOM   380  C C   . VAL A 1 52 ? 2.569   3.781   16.149  1.00 36.31  ? 52  VAL A C   1 
ATOM   381  O O   . VAL A 1 52 ? 1.957   4.598   16.854  1.00 33.83  ? 52  VAL A O   1 
ATOM   382  C CB  . VAL A 1 52 ? 1.235   2.115   14.772  1.00 36.99  ? 52  VAL A CB  1 
ATOM   383  C CG1 . VAL A 1 52 ? 0.322   1.995   15.985  1.00 35.86  ? 52  VAL A CG1 1 
ATOM   384  C CG2 . VAL A 1 52 ? 0.407   1.935   13.512  1.00 36.82  ? 52  VAL A CG2 1 
ATOM   385  N N   . VAL A 1 53 ? 3.696   3.168   16.513  1.00 38.54  ? 53  VAL A N   1 
ATOM   386  C CA  . VAL A 1 53 ? 4.359   3.362   17.836  1.00 38.46  ? 53  VAL A CA  1 
ATOM   387  C C   . VAL A 1 53 ? 4.736   4.847   17.981  1.00 39.14  ? 53  VAL A C   1 
ATOM   388  O O   . VAL A 1 53 ? 4.332   5.461   18.991  1.00 39.54  ? 53  VAL A O   1 
ATOM   389  C CB  . VAL A 1 53 ? 5.565   2.412   17.989  1.00 37.77  ? 53  VAL A CB  1 
ATOM   390  C CG1 . VAL A 1 53 ? 6.431   2.782   19.177  1.00 36.53  ? 53  VAL A CG1 1 
ATOM   391  C CG2 . VAL A 1 53 ? 5.135   0.949   18.089  1.00 36.60  ? 53  VAL A CG2 1 
ATOM   392  N N   . LYS A 1 54 ? 5.451   5.416   17.007  1.00 38.25  ? 54  LYS A N   1 
ATOM   393  C CA  . LYS A 1 54 ? 5.884   6.845   17.034  1.00 40.37  ? 54  LYS A CA  1 
ATOM   394  C C   . LYS A 1 54 ? 4.663   7.752   17.200  1.00 34.81  ? 54  LYS A C   1 
ATOM   395  O O   . LYS A 1 54 ? 4.707   8.676   18.042  1.00 36.88  ? 54  LYS A O   1 
ATOM   396  C CB  . LYS A 1 54 ? 6.605   7.253   15.746  1.00 46.77  ? 54  LYS A CB  1 
ATOM   397  C CG  . LYS A 1 54 ? 8.049   6.784   15.613  1.00 54.86  ? 54  LYS A CG  1 
ATOM   398  C CD  . LYS A 1 54 ? 8.680   7.164   14.271  1.00 58.41  ? 54  LYS A CD  1 
ATOM   399  C CE  . LYS A 1 54 ? 9.961   6.412   13.967  1.00 63.38  ? 54  LYS A CE  1 
ATOM   400  N NZ  . LYS A 1 54 ? 10.188  6.278   12.507  1.00 62.92  ? 54  LYS A NZ  1 
ATOM   401  N N   . LEU A 1 55 ? 3.617   7.500   16.418  1.00 30.36  ? 55  LEU A N   1 
ATOM   402  C CA  . LEU A 1 55 ? 2.368   8.311   16.400  1.00 30.36  ? 55  LEU A CA  1 
ATOM   403  C C   . LEU A 1 55 ? 1.627   8.227   17.745  1.00 29.03  ? 55  LEU A C   1 
ATOM   404  O O   . LEU A 1 55 ? 1.127   9.272   18.177  1.00 27.23  ? 55  LEU A O   1 
ATOM   405  C CB  . LEU A 1 55 ? 1.476   7.850   15.241  1.00 30.95  ? 55  LEU A CB  1 
ATOM   406  C CG  . LEU A 1 55 ? 1.856   8.423   13.872  1.00 31.10  ? 55  LEU A CG  1 
ATOM   407  C CD1 . LEU A 1 55 ? 1.133   7.711   12.729  1.00 29.55  ? 55  LEU A CD1 1 
ATOM   408  C CD2 . LEU A 1 55 ? 1.583   9.915   13.826  1.00 29.07  ? 55  LEU A CD2 1 
ATOM   409  N N   . SER A 1 56 ? 1.568   7.058   18.395  1.00 31.65  ? 56  SER A N   1 
ATOM   410  C CA  . SER A 1 56 ? 0.892   6.875   19.716  1.00 36.25  ? 56  SER A CA  1 
ATOM   411  C C   . SER A 1 56 ? 1.679   7.572   20.837  1.00 34.43  ? 56  SER A C   1 
ATOM   412  O O   . SER A 1 56 ? 1.027   8.150   21.721  1.00 33.92  ? 56  SER A O   1 
ATOM   413  C CB  . SER A 1 56 ? 0.620   5.420   20.033  1.00 36.86  ? 56  SER A CB  1 
ATOM   414  O OG  . SER A 1 56 ? 1.771   4.624   19.823  1.00 42.13  ? 56  SER A OG  1 
ATOM   415  N N   . GLU A 1 57 ? 3.014   7.548   20.777  1.00 35.82  ? 57  GLU A N   1 
ATOM   416  C CA  . GLU A 1 57 ? 3.915   8.279   21.710  1.00 38.38  ? 57  GLU A CA  1 
ATOM   417  C C   . GLU A 1 57 ? 3.679   9.783   21.565  1.00 38.48  ? 57  GLU A C   1 
ATOM   418  O O   . GLU A 1 57 ? 3.581   10.481  22.601  1.00 34.49  ? 57  GLU A O   1 
ATOM   419  C CB  . GLU A 1 57 ? 5.379   7.937   21.432  1.00 40.94  ? 57  GLU A CB  1 
ATOM   420  C CG  . GLU A 1 57 ? 5.697   6.493   21.773  1.00 46.35  ? 57  GLU A CG  1 
ATOM   421  C CD  . GLU A 1 57 ? 7.172   6.137   21.836  1.00 50.08  ? 57  GLU A CD  1 
ATOM   422  O OE1 . GLU A 1 57 ? 7.997   6.835   21.190  1.00 49.02  ? 57  GLU A OE1 1 
ATOM   423  O OE2 . GLU A 1 57 ? 7.489   5.140   22.518  1.00 56.78  ? 57  GLU A OE2 1 
ATOM   424  N N   . GLU A 1 58 ? 3.592   10.259  20.322  1.00 38.53  ? 58  GLU A N   1 
ATOM   425  C CA  . GLU A 1 58 ? 3.299   11.680  20.038  1.00 37.13  ? 58  GLU A CA  1 
ATOM   426  C C   . GLU A 1 58 ? 1.880   11.978  20.525  1.00 35.43  ? 58  GLU A C   1 
ATOM   427  O O   . GLU A 1 58 ? 1.695   12.980  21.223  1.00 32.98  ? 58  GLU A O   1 
ATOM   428  C CB  . GLU A 1 58 ? 3.471   11.988  18.557  1.00 39.41  ? 58  GLU A CB  1 
ATOM   429  C CG  . GLU A 1 58 ? 3.532   13.479  18.284  1.00 42.16  ? 58  GLU A CG  1 
ATOM   430  C CD  . GLU A 1 58 ? 3.532   13.830  16.812  1.00 44.43  ? 58  GLU A CD  1 
ATOM   431  O OE1 . GLU A 1 58 ? 2.659   13.305  16.094  1.00 50.07  ? 58  GLU A OE1 1 
ATOM   432  O OE2 . GLU A 1 58 ? 4.421   14.588  16.384  1.00 47.67  ? 58  GLU A OE2 1 
ATOM   433  N N   . ASN A 1 59 ? 0.934   11.103  20.195  1.00 34.13  ? 59  ASN A N   1 
ATOM   434  C CA  . ASN A 1 59 ? -0.468  11.178  20.682  1.00 36.43  ? 59  ASN A CA  1 
ATOM   435  C C   . ASN A 1 59 ? -0.448  11.434  22.193  1.00 35.33  ? 59  ASN A C   1 
ATOM   436  O O   . ASN A 1 59 ? -1.117  12.377  22.646  1.00 32.54  ? 59  ASN A O   1 
ATOM   437  C CB  . ASN A 1 59 ? -1.240  9.903   20.337  1.00 36.89  ? 59  ASN A CB  1 
ATOM   438  C CG  . ASN A 1 59 ? -2.743  10.065  20.391  1.00 41.11  ? 59  ASN A CG  1 
ATOM   439  O OD1 . ASN A 1 59 ? -3.307  10.951  19.749  1.00 44.49  ? 59  ASN A OD1 1 
ATOM   440  N ND2 . ASN A 1 59 ? -3.410  9.182   21.119  1.00 44.32  ? 59  ASN A ND2 1 
ATOM   441  N N   . HIS A 1 60 ? 0.316   10.630  22.935  1.00 36.48  ? 60  HIS A N   1 
ATOM   442  C CA  . HIS A 1 60 ? 0.374   10.687  24.415  1.00 35.10  ? 60  HIS A CA  1 
ATOM   443  C C   . HIS A 1 60 ? 0.994   12.010  24.873  1.00 33.64  ? 60  HIS A C   1 
ATOM   444  O O   . HIS A 1 60 ? 0.361   12.687  25.690  1.00 28.70  ? 60  HIS A O   1 
ATOM   445  C CB  . HIS A 1 60 ? 1.132   9.496   24.977  1.00 34.54  ? 60  HIS A CB  1 
ATOM   446  C CG  . HIS A 1 60 ? 1.045   9.440   26.460  1.00 36.59  ? 60  HIS A CG  1 
ATOM   447  N ND1 . HIS A 1 60 ? 2.057   9.919   27.280  1.00 35.93  ? 60  HIS A ND1 1 
ATOM   448  C CD2 . HIS A 1 60 ? 0.063   9.001   27.271  1.00 35.44  ? 60  HIS A CD2 1 
ATOM   449  C CE1 . HIS A 1 60 ? 1.703   9.753   28.539  1.00 36.29  ? 60  HIS A CE1 1 
ATOM   450  N NE2 . HIS A 1 60 ? 0.490   9.191   28.558  1.00 37.47  ? 60  HIS A NE2 1 
ATOM   451  N N   . LYS A 1 61 ? 2.158   12.374  24.331  1.00 35.48  ? 61  LYS A N   1 
ATOM   452  C CA  . LYS A 1 61 ? 2.869   13.636  24.680  1.00 40.78  ? 61  LYS A CA  1 
ATOM   453  C C   . LYS A 1 61 ? 1.913   14.826  24.512  1.00 37.34  ? 61  LYS A C   1 
ATOM   454  O O   . LYS A 1 61 ? 1.746   15.609  25.477  1.00 35.58  ? 61  LYS A O   1 
ATOM   455  C CB  . LYS A 1 61 ? 4.138   13.804  23.838  1.00 48.65  ? 61  LYS A CB  1 
ATOM   456  C CG  . LYS A 1 61 ? 4.952   15.063  24.126  1.00 59.07  ? 61  LYS A CG  1 
ATOM   457  C CD  . LYS A 1 61 ? 5.423   15.182  25.582  1.00 70.41  ? 61  LYS A CD  1 
ATOM   458  C CE  . LYS A 1 61 ? 5.552   16.609  26.093  1.00 75.64  ? 61  LYS A CE  1 
ATOM   459  N NZ  . LYS A 1 61 ? 6.725   17.328  25.536  1.00 77.90  ? 61  LYS A NZ  1 
ATOM   460  N N   . LEU A 1 62 ? 1.283   14.940  23.344  1.00 37.29  ? 62  LEU A N   1 
ATOM   461  C CA  . LEU A 1 62 ? 0.356   16.050  23.003  1.00 36.84  ? 62  LEU A CA  1 
ATOM   462  C C   . LEU A 1 62 ? -0.823  16.096  23.986  1.00 39.49  ? 62  LEU A C   1 
ATOM   463  O O   . LEU A 1 62 ? -1.211  17.223  24.353  1.00 43.60  ? 62  LEU A O   1 
ATOM   464  C CB  . LEU A 1 62 ? -0.126  15.865  21.564  1.00 37.23  ? 62  LEU A CB  1 
ATOM   465  C CG  . LEU A 1 62 ? 0.935   16.063  20.481  1.00 36.00  ? 62  LEU A CG  1 
ATOM   466  C CD1 . LEU A 1 62 ? 0.358   15.780  19.107  1.00 35.26  ? 62  LEU A CD1 1 
ATOM   467  C CD2 . LEU A 1 62 ? 1.504   17.470  20.526  1.00 37.27  ? 62  LEU A CD2 1 
ATOM   468  N N   . LYS A 1 63 ? -1.359  14.940  24.404  1.00 38.83  ? 63  LYS A N   1 
ATOM   469  C CA  . LYS A 1 63 ? -2.483  14.842  25.383  1.00 40.14  ? 63  LYS A CA  1 
ATOM   470  C C   . LYS A 1 63 ? -2.038  15.298  26.791  1.00 41.57  ? 63  LYS A C   1 
ATOM   471  O O   . LYS A 1 63 ? -2.824  16.012  27.427  1.00 40.78  ? 63  LYS A O   1 
ATOM   472  C CB  . LYS A 1 63 ? -3.062  13.423  25.408  1.00 38.55  ? 63  LYS A CB  1 
ATOM   473  C CG  . LYS A 1 63 ? -3.962  13.097  24.227  1.00 39.31  ? 63  LYS A CG  1 
ATOM   474  C CD  . LYS A 1 63 ? -4.603  11.725  24.281  1.00 39.90  ? 63  LYS A CD  1 
ATOM   475  C CE  . LYS A 1 63 ? -5.502  11.497  23.090  1.00 40.12  ? 63  LYS A CE  1 
ATOM   476  N NZ  . LYS A 1 63 ? -6.114  10.150  23.106  1.00 41.46  ? 63  LYS A NZ  1 
ATOM   477  N N   . LYS A 1 64 ? -0.853  14.896  27.275  1.00 44.73  ? 64  LYS A N   1 
ATOM   478  C CA  . LYS A 1 64 ? -0.263  15.394  28.556  1.00 48.32  ? 64  LYS A CA  1 
ATOM   479  C C   . LYS A 1 64 ? -0.189  16.927  28.521  1.00 48.57  ? 64  LYS A C   1 
ATOM   480  O O   . LYS A 1 64 ? -0.741  17.552  29.442  1.00 48.21  ? 64  LYS A O   1 
ATOM   481  C CB  . LYS A 1 64 ? 1.149   14.851  28.803  1.00 52.46  ? 64  LYS A CB  1 
ATOM   482  C CG  . LYS A 1 64 ? 1.243   13.463  29.419  1.00 55.90  ? 64  LYS A CG  1 
ATOM   483  C CD  . LYS A 1 64 ? 2.673   13.072  29.812  1.00 60.39  ? 64  LYS A CD  1 
ATOM   484  C CE  . LYS A 1 64 ? 3.710   13.434  28.758  1.00 64.29  ? 64  LYS A CE  1 
ATOM   485  N NZ  . LYS A 1 64 ? 5.009   12.756  28.981  1.00 59.18  ? 64  LYS A NZ  1 
ATOM   486  N N   . GLU A 1 65 ? 0.478   17.497  27.503  1.00 49.78  ? 65  GLU A N   1 
ATOM   487  C CA  . GLU A 1 65 ? 0.641   18.965  27.319  1.00 50.38  ? 65  GLU A CA  1 
ATOM   488  C C   . GLU A 1 65 ? -0.719  19.644  27.473  1.00 50.41  ? 65  GLU A C   1 
ATOM   489  O O   . GLU A 1 65 ? -0.807  20.539  28.311  1.00 55.68  ? 65  GLU A O   1 
ATOM   490  C CB  . GLU A 1 65 ? 1.232   19.309  25.956  1.00 51.08  ? 65  GLU A CB  1 
ATOM   491  C CG  . GLU A 1 65 ? 2.719   19.055  25.867  1.00 51.53  ? 65  GLU A CG  1 
ATOM   492  C CD  . GLU A 1 65 ? 3.382   19.599  24.608  1.00 57.60  ? 65  GLU A CD  1 
ATOM   493  O OE1 . GLU A 1 65 ? 4.252   18.903  24.051  1.00 57.46  ? 65  GLU A OE1 1 
ATOM   494  O OE2 . GLU A 1 65 ? 3.045   20.729  24.196  1.00 63.17  ? 65  GLU A OE2 1 
ATOM   495  N N   . LEU A 1 66 ? -1.730  19.191  26.723  1.00 52.70  ? 66  LEU A N   1 
ATOM   496  C CA  . LEU A 1 66 ? -3.127  19.711  26.760  1.00 59.71  ? 66  LEU A CA  1 
ATOM   497  C C   . LEU A 1 66 ? -3.640  19.735  28.204  1.00 64.85  ? 66  LEU A C   1 
ATOM   498  O O   . LEU A 1 66 ? -3.963  20.834  28.687  1.00 77.29  ? 66  LEU A O   1 
ATOM   499  C CB  . LEU A 1 66 ? -4.026  18.832  25.886  1.00 62.04  ? 66  LEU A CB  1 
ATOM   500  C CG  . LEU A 1 66 ? -5.467  19.308  25.697  1.00 65.81  ? 66  LEU A CG  1 
ATOM   501  C CD1 . LEU A 1 66 ? -6.107  18.560  24.534  1.00 70.68  ? 66  LEU A CD1 1 
ATOM   502  C CD2 . LEU A 1 66 ? -6.314  19.133  26.960  1.00 66.20  ? 66  LEU A CD2 1 
ATOM   503  N N   . GLU A 1 67 ? -3.727  18.574  28.861  1.00 65.32  ? 67  GLU A N   1 
ATOM   504  C CA  . GLU A 1 67 ? -4.318  18.425  30.222  1.00 68.95  ? 67  GLU A CA  1 
ATOM   505  C C   . GLU A 1 67 ? -3.616  19.394  31.190  1.00 67.06  ? 67  GLU A C   1 
ATOM   506  O O   . GLU A 1 67 ? -4.320  20.042  31.999  1.00 64.69  ? 67  GLU A O   1 
ATOM   507  C CB  . GLU A 1 67 ? -4.243  16.962  30.670  1.00 68.81  ? 67  GLU A CB  1 
ATOM   508  C CG  . GLU A 1 67 ? -5.174  16.052  29.882  1.00 69.01  ? 67  GLU A CG  1 
ATOM   509  C CD  . GLU A 1 67 ? -5.021  14.560  30.140  1.00 70.52  ? 67  GLU A CD  1 
ATOM   510  O OE1 . GLU A 1 67 ? -4.406  14.197  31.166  1.00 73.85  ? 67  GLU A OE1 1 
ATOM   511  O OE2 . GLU A 1 67 ? -5.519  13.760  29.313  1.00 63.07  ? 67  GLU A OE2 1 
ATOM   512  N N   . GLU A 1 68 ? -2.292  19.532  31.061  1.00 66.81  ? 68  GLU A N   1 
ATOM   513  C CA  . GLU A 1 68 ? -1.441  20.422  31.896  1.00 64.99  ? 68  GLU A CA  1 
ATOM   514  C C   . GLU A 1 68 ? -1.808  21.891  31.656  1.00 66.10  ? 68  GLU A C   1 
ATOM   515  O O   . GLU A 1 68 ? -1.700  22.677  32.606  1.00 65.59  ? 68  GLU A O   1 
ATOM   516  C CB  . GLU A 1 68 ? 0.035   20.181  31.590  1.00 65.80  ? 68  GLU A CB  1 
ATOM   517  C CG  . GLU A 1 68 ? 0.640   19.046  32.395  1.00 68.75  ? 68  GLU A CG  1 
ATOM   518  C CD  . GLU A 1 68 ? 1.969   18.521  31.874  1.00 71.98  ? 68  GLU A CD  1 
ATOM   519  O OE1 . GLU A 1 68 ? 2.577   19.186  31.007  1.00 77.39  ? 68  GLU A OE1 1 
ATOM   520  O OE2 . GLU A 1 68 ? 2.401   17.440  32.332  1.00 76.30  ? 68  GLU A OE2 1 
ATOM   521  N N   . LEU A 1 69 ? -2.219  22.245  30.436  1.00 69.93  ? 69  LEU A N   1 
ATOM   522  C CA  . LEU A 1 69 ? -2.644  23.623  30.066  1.00 76.02  ? 69  LEU A CA  1 
ATOM   523  C C   . LEU A 1 69 ? -4.145  23.806  30.333  1.00 77.95  ? 69  LEU A C   1 
ATOM   524  O O   . LEU A 1 69 ? -4.631  24.925  30.107  1.00 68.69  ? 69  LEU A O   1 
ATOM   525  C CB  . LEU A 1 69 ? -2.339  23.868  28.584  1.00 77.24  ? 69  LEU A CB  1 
ATOM   526  C CG  . LEU A 1 69 ? -0.873  23.730  28.174  1.00 75.83  ? 69  LEU A CG  1 
ATOM   527  C CD1 . LEU A 1 69 ? -0.766  23.264  26.732  1.00 77.67  ? 69  LEU A CD1 1 
ATOM   528  C CD2 . LEU A 1 69 ? -0.130  25.038  28.365  1.00 76.91  ? 69  LEU A CD2 1 
ATOM   529  N N   . ARG A 1 70 ? -4.847  22.744  30.754  1.00 89.21  ? 70  ARG A N   1 
ATOM   530  C CA  . ARG A 1 70 ? -6.318  22.727  30.989  1.00 94.74  ? 70  ARG A CA  1 
ATOM   531  C C   . ARG A 1 70 ? -7.054  23.174  29.719  1.00 94.27  ? 70  ARG A C   1 
ATOM   532  O O   . ARG A 1 70 ? -6.701  22.790  28.601  1.00 92.88  ? 70  ARG A O   1 
ATOM   533  C CB  . ARG A 1 70 ? -6.667  23.624  32.181  1.00 99.52  ? 70  ARG A CB  1 
ATOM   534  C CG  . ARG A 1 70 ? -6.247  23.038  33.521  1.00 103.07 ? 70  ARG A CG  1 
ATOM   535  C CD  . ARG A 1 70 ? -5.565  24.043  34.425  1.00 106.06 ? 70  ARG A CD  1 
ATOM   536  N NE  . ARG A 1 70 ? -5.263  23.434  35.715  1.00 106.96 ? 70  ARG A NE  1 
ATOM   537  C CZ  . ARG A 1 70 ? -5.054  24.095  36.849  1.00 106.44 ? 70  ARG A CZ  1 
ATOM   538  N NH1 . ARG A 1 70 ? -5.107  25.418  36.882  1.00 107.33 ? 70  ARG A NH1 1 
ATOM   539  N NH2 . ARG A 1 70 ? -4.797  23.420  37.957  1.00 102.94 ? 70  ARG A NH2 1 
ATOM   540  N N   . ASP B 1 3  ? 4.198   10.475  3.379   1.00 59.34  ? 3   ASP B N   1 
ATOM   541  C CA  . ASP B 1 3  ? 2.935   9.803   3.807   1.00 56.09  ? 3   ASP B CA  1 
ATOM   542  C C   . ASP B 1 3  ? 3.253   8.380   4.279   1.00 52.05  ? 3   ASP B C   1 
ATOM   543  O O   . ASP B 1 3  ? 4.208   7.771   3.770   1.00 52.32  ? 3   ASP B O   1 
ATOM   544  C CB  . ASP B 1 3  ? 1.895   9.785   2.685   1.00 54.24  ? 3   ASP B CB  1 
ATOM   545  C CG  . ASP B 1 3  ? 0.472   9.683   3.186   1.00 61.02  ? 3   ASP B CG  1 
ATOM   546  O OD1 . ASP B 1 3  ? 0.269   9.569   4.416   1.00 64.35  ? 3   ASP B OD1 1 
ATOM   547  O OD2 . ASP B 1 3  ? -0.422  9.728   2.342   1.00 66.91  ? 3   ASP B OD2 1 
ATOM   548  N N   . VAL B 1 4  ? 2.467   7.868   5.222   1.00 46.18  ? 4   VAL B N   1 
ATOM   549  C CA  . VAL B 1 4  ? 2.731   6.565   5.898   1.00 46.41  ? 4   VAL B CA  1 
ATOM   550  C C   . VAL B 1 4  ? 1.558   5.583   5.693   1.00 41.82  ? 4   VAL B C   1 
ATOM   551  O O   . VAL B 1 4  ? 1.790   4.370   5.887   1.00 41.81  ? 4   VAL B O   1 
ATOM   552  C CB  . VAL B 1 4  ? 3.026   6.791   7.392   1.00 49.28  ? 4   VAL B CB  1 
ATOM   553  C CG1 . VAL B 1 4  ? 1.944   7.622   8.066   1.00 46.69  ? 4   VAL B CG1 1 
ATOM   554  C CG2 . VAL B 1 4  ? 3.229   5.472   8.123   1.00 54.11  ? 4   VAL B CG2 1 
ATOM   555  N N   . SER B 1 5  ? 0.358   6.071   5.347   1.00 38.72  ? 5   SER B N   1 
ATOM   556  C CA  . SER B 1 5  ? -0.862  5.258   5.060   1.00 37.83  ? 5   SER B CA  1 
ATOM   557  C C   . SER B 1 5  ? -0.846  4.757   3.606   1.00 34.10  ? 5   SER B C   1 
ATOM   558  O O   . SER B 1 5  ? -0.270  5.449   2.749   1.00 35.70  ? 5   SER B O   1 
ATOM   559  C CB  . SER B 1 5  ? -2.138  6.018   5.349   1.00 36.74  ? 5   SER B CB  1 
ATOM   560  O OG  . SER B 1 5  ? -2.324  7.096   4.447   1.00 38.53  ? 5   SER B OG  1 
ATOM   561  N N   . LEU B 1 6  ? -1.456  3.593   3.356   1.00 30.34  ? 6   LEU B N   1 
ATOM   562  C CA  . LEU B 1 6  ? -1.483  2.923   2.025   1.00 28.43  ? 6   LEU B CA  1 
ATOM   563  C C   . LEU B 1 6  ? -2.354  3.728   1.049   1.00 27.11  ? 6   LEU B C   1 
ATOM   564  O O   . LEU B 1 6  ? -3.359  4.287   1.481   1.00 25.16  ? 6   LEU B O   1 
ATOM   565  C CB  . LEU B 1 6  ? -1.997  1.490   2.176   1.00 26.74  ? 6   LEU B CB  1 
ATOM   566  C CG  . LEU B 1 6  ? -1.256  0.600   3.176   1.00 27.48  ? 6   LEU B CG  1 
ATOM   567  C CD1 . LEU B 1 6  ? -1.876  -0.780  3.218   1.00 26.46  ? 6   LEU B CD1 1 
ATOM   568  C CD2 . LEU B 1 6  ? 0.234   0.484   2.861   1.00 26.82  ? 6   LEU B CD2 1 
ATOM   569  N N   . LYS B 1 7  ? -1.926  3.819   -0.209  1.00 28.45  ? 7   LYS B N   1 
ATOM   570  C CA  . LYS B 1 7  ? -2.677  4.459   -1.314  1.00 31.08  ? 7   LYS B CA  1 
ATOM   571  C C   . LYS B 1 7  ? -3.815  3.522   -1.738  1.00 29.93  ? 7   LYS B C   1 
ATOM   572  O O   . LYS B 1 7  ? -4.925  4.000   -1.998  1.00 30.17  ? 7   LYS B O   1 
ATOM   573  C CB  . LYS B 1 7  ? -1.755  4.744   -2.504  1.00 34.60  ? 7   LYS B CB  1 
ATOM   574  C CG  . LYS B 1 7  ? -2.480  4.979   -3.826  1.00 41.15  ? 7   LYS B CG  1 
ATOM   575  C CD  . LYS B 1 7  ? -1.681  5.724   -4.885  1.00 46.82  ? 7   LYS B CD  1 
ATOM   576  C CE  . LYS B 1 7  ? -0.744  4.834   -5.669  1.00 52.09  ? 7   LYS B CE  1 
ATOM   577  N NZ  . LYS B 1 7  ? 0.411   4.399   -4.841  1.00 61.21  ? 7   LYS B NZ  1 
ATOM   578  N N   . LEU B 1 8  ? -3.526  2.230   -1.857  1.00 26.50  ? 8   LEU B N   1 
ATOM   579  C CA  . LEU B 1 8  ? -4.524  1.222   -2.286  1.00 24.95  ? 8   LEU B CA  1 
ATOM   580  C C   . LEU B 1 8  ? -5.046  0.447   -1.069  1.00 23.69  ? 8   LEU B C   1 
ATOM   581  O O   . LEU B 1 8  ? -4.373  0.434   -0.006  1.00 23.55  ? 8   LEU B O   1 
ATOM   582  C CB  . LEU B 1 8  ? -3.883  0.263   -3.293  1.00 23.87  ? 8   LEU B CB  1 
ATOM   583  C CG  . LEU B 1 8  ? -3.275  0.895   -4.544  1.00 23.88  ? 8   LEU B CG  1 
ATOM   584  C CD1 . LEU B 1 8  ? -2.373  -0.101  -5.269  1.00 23.15  ? 8   LEU B CD1 1 
ATOM   585  C CD2 . LEU B 1 8  ? -4.361  1.415   -5.474  1.00 23.46  ? 8   LEU B CD2 1 
ATOM   586  N N   . SER B 1 9  ? -6.210  -0.178  -1.247  1.00 23.17  ? 9   SER B N   1 
ATOM   587  C CA  . SER B 1 9  ? -6.862  -1.136  -0.318  1.00 22.47  ? 9   SER B CA  1 
ATOM   588  C C   . SER B 1 9  ? -7.018  -2.481  -1.022  1.00 20.82  ? 9   SER B C   1 
ATOM   589  O O   . SER B 1 9  ? -6.917  -2.519  -2.252  1.00 21.93  ? 9   SER B O   1 
ATOM   590  C CB  . SER B 1 9  ? -8.208  -0.612  0.098   1.00 21.84  ? 9   SER B CB  1 
ATOM   591  O OG  . SER B 1 9  ? -9.092  -0.641  -1.014  1.00 23.72  ? 9   SER B OG  1 
ATOM   592  N N   . ALA B 1 10 ? -7.324  -3.522  -0.264  1.00 21.64  ? 10  ALA B N   1 
ATOM   593  C CA  . ALA B 1 10 ? -7.716  -4.856  -0.769  1.00 22.93  ? 10  ALA B CA  1 
ATOM   594  C C   . ALA B 1 10 ? -8.768  -4.698  -1.881  1.00 25.21  ? 10  ALA B C   1 
ATOM   595  O O   . ALA B 1 10 ? -8.582  -5.266  -2.971  1.00 24.91  ? 10  ALA B O   1 
ATOM   596  C CB  . ALA B 1 10 ? -8.207  -5.687  0.386   1.00 22.11  ? 10  ALA B CB  1 
ATOM   597  N N   . LYS B 1 11 ? -9.793  -3.875  -1.634  1.00 28.39  ? 11  LYS B N   1 
ATOM   598  C CA  . LYS B 1 11 ? -10.941 -3.612  -2.539  1.00 29.00  ? 11  LYS B CA  1 
ATOM   599  C C   . LYS B 1 11 ? -10.439 -3.074  -3.886  1.00 27.62  ? 11  LYS B C   1 
ATOM   600  O O   . LYS B 1 11 ? -10.839 -3.628  -4.913  1.00 26.07  ? 11  LYS B O   1 
ATOM   601  C CB  . LYS B 1 11 ? -11.898 -2.630  -1.861  1.00 33.74  ? 11  LYS B CB  1 
ATOM   602  C CG  . LYS B 1 11 ? -13.101 -2.198  -2.695  1.00 39.55  ? 11  LYS B CG  1 
ATOM   603  C CD  . LYS B 1 11 ? -14.011 -1.233  -1.956  1.00 44.25  ? 11  LYS B CD  1 
ATOM   604  C CE  . LYS B 1 11 ? -15.398 -1.131  -2.560  1.00 51.00  ? 11  LYS B CE  1 
ATOM   605  N NZ  . LYS B 1 11 ? -16.426 -0.920  -1.509  1.00 59.14  ? 11  LYS B NZ  1 
ATOM   606  N N   . ASP B 1 12 ? -9.602  -2.031  -3.878  1.00 27.95  ? 12  ASP B N   1 
ATOM   607  C CA  . ASP B 1 12 ? -9.028  -1.390  -5.093  1.00 27.13  ? 12  ASP B CA  1 
ATOM   608  C C   . ASP B 1 12 ? -8.354  -2.442  -5.984  1.00 26.38  ? 12  ASP B C   1 
ATOM   609  O O   . ASP B 1 12 ? -8.527  -2.402  -7.217  1.00 28.87  ? 12  ASP B O   1 
ATOM   610  C CB  . ASP B 1 12 ? -8.020  -0.299  -4.725  1.00 30.26  ? 12  ASP B CB  1 
ATOM   611  C CG  . ASP B 1 12 ? -8.611  0.919   -4.026  1.00 33.30  ? 12  ASP B CG  1 
ATOM   612  O OD1 . ASP B 1 12 ? -9.810  1.184   -4.223  1.00 37.21  ? 12  ASP B OD1 1 
ATOM   613  O OD2 . ASP B 1 12 ? -7.859  1.603   -3.293  1.00 33.18  ? 12  ASP B OD2 1 
ATOM   614  N N   . ILE B 1 13 ? -7.609  -3.358  -5.385  1.00 26.06  ? 13  ILE B N   1 
ATOM   615  C CA  . ILE B 1 13 ? -6.831  -4.401  -6.107  1.00 25.59  ? 13  ILE B CA  1 
ATOM   616  C C   . ILE B 1 13 ? -7.792  -5.445  -6.672  1.00 26.16  ? 13  ILE B C   1 
ATOM   617  O O   . ILE B 1 13 ? -7.586  -5.850  -7.816  1.00 24.76  ? 13  ILE B O   1 
ATOM   618  C CB  . ILE B 1 13 ? -5.769  -4.978  -5.153  1.00 27.14  ? 13  ILE B CB  1 
ATOM   619  C CG1 . ILE B 1 13 ? -4.769  -3.889  -4.755  1.00 28.33  ? 13  ILE B CG1 1 
ATOM   620  C CG2 . ILE B 1 13 ? -5.074  -6.187  -5.747  1.00 26.97  ? 13  ILE B CG2 1 
ATOM   621  C CD1 . ILE B 1 13 ? -4.087  -4.147  -3.452  1.00 29.73  ? 13  ILE B CD1 1 
ATOM   622  N N   . TYR B 1 14 ? -8.820  -5.834  -5.914  1.00 28.36  ? 14  TYR B N   1 
ATOM   623  C CA  . TYR B 1 14 ? -9.884  -6.770  -6.368  1.00 30.85  ? 14  TYR B CA  1 
ATOM   624  C C   . TYR B 1 14 ? -10.620 -6.183  -7.575  1.00 31.87  ? 14  TYR B C   1 
ATOM   625  O O   . TYR B 1 14 ? -10.858 -6.931  -8.538  1.00 35.69  ? 14  TYR B O   1 
ATOM   626  C CB  . TYR B 1 14 ? -10.810 -7.099  -5.199  1.00 32.68  ? 14  TYR B CB  1 
ATOM   627  C CG  . TYR B 1 14 ? -12.141 -7.717  -5.539  1.00 36.25  ? 14  TYR B CG  1 
ATOM   628  C CD1 . TYR B 1 14 ? -12.264 -9.038  -5.953  1.00 38.06  ? 14  TYR B CD1 1 
ATOM   629  C CD2 . TYR B 1 14 ? -13.301 -6.983  -5.345  1.00 40.75  ? 14  TYR B CD2 1 
ATOM   630  C CE1 . TYR B 1 14 ? -13.509 -9.596  -6.221  1.00 39.74  ? 14  TYR B CE1 1 
ATOM   631  C CE2 . TYR B 1 14 ? -14.550 -7.529  -5.579  1.00 42.17  ? 14  TYR B CE2 1 
ATOM   632  C CZ  . TYR B 1 14 ? -14.657 -8.837  -6.022  1.00 43.49  ? 14  TYR B CZ  1 
ATOM   633  O OH  . TYR B 1 14 ? -15.921 -9.315  -6.247  1.00 46.48  ? 14  TYR B OH  1 
ATOM   634  N N   . GLU B 1 15 ? -10.926 -4.884  -7.546  1.00 32.02  ? 15  GLU B N   1 
ATOM   635  C CA  . GLU B 1 15 ? -11.740 -4.178  -8.581  1.00 32.43  ? 15  GLU B CA  1 
ATOM   636  C C   . GLU B 1 15 ? -10.916 -3.835  -9.832  1.00 29.35  ? 15  GLU B C   1 
ATOM   637  O O   . GLU B 1 15 ? -11.520 -3.645  -10.891 1.00 29.25  ? 15  GLU B O   1 
ATOM   638  C CB  . GLU B 1 15 ? -12.284 -2.857  -8.032  1.00 32.94  ? 15  GLU B CB  1 
ATOM   639  C CG  . GLU B 1 15 ? -13.457 -3.007  -7.081  1.00 34.50  ? 15  GLU B CG  1 
ATOM   640  C CD  . GLU B 1 15 ? -13.991 -1.683  -6.545  1.00 36.84  ? 15  GLU B CD  1 
ATOM   641  O OE1 . GLU B 1 15 ? -13.531 -0.610  -7.011  1.00 42.90  ? 15  GLU B OE1 1 
ATOM   642  O OE2 . GLU B 1 15 ? -14.860 -1.714  -5.663  1.00 39.31  ? 15  GLU B OE2 1 
ATOM   643  N N   . LYS B 1 16 ? -9.609  -3.626  -9.694  1.00 29.43  ? 16  LYS B N   1 
ATOM   644  C CA  . LYS B 1 16 ? -8.728  -3.203  -10.808 1.00 29.13  ? 16  LYS B CA  1 
ATOM   645  C C   . LYS B 1 16 ? -8.899  -4.179  -11.971 1.00 32.59  ? 16  LYS B C   1 
ATOM   646  O O   . LYS B 1 16 ? -8.765  -5.403  -11.752 1.00 31.61  ? 16  LYS B O   1 
ATOM   647  C CB  . LYS B 1 16 ? -7.270  -3.189  -10.359 1.00 30.23  ? 16  LYS B CB  1 
ATOM   648  C CG  . LYS B 1 16 ? -6.279  -2.825  -11.447 1.00 30.40  ? 16  LYS B CG  1 
ATOM   649  C CD  . LYS B 1 16 ? -6.505  -1.433  -11.922 1.00 29.71  ? 16  LYS B CD  1 
ATOM   650  C CE  . LYS B 1 16 ? -5.439  -0.958  -12.872 1.00 29.98  ? 16  LYS B CE  1 
ATOM   651  N NZ  . LYS B 1 16 ? -5.393  0.521   -12.844 1.00 32.06  ? 16  LYS B NZ  1 
ATOM   652  N N   . ASP B 1 17 ? -9.180  -3.639  -13.155 1.00 37.35  ? 17  ASP B N   1 
ATOM   653  C CA  . ASP B 1 17 ? -9.428  -4.390  -14.411 1.00 40.22  ? 17  ASP B CA  1 
ATOM   654  C C   . ASP B 1 17 ? -8.400  -3.876  -15.423 1.00 39.05  ? 17  ASP B C   1 
ATOM   655  O O   . ASP B 1 17 ? -8.337  -2.649  -15.604 1.00 44.67  ? 17  ASP B O   1 
ATOM   656  C CB  . ASP B 1 17 ? -10.881 -4.217  -14.868 1.00 42.96  ? 17  ASP B CB  1 
ATOM   657  C CG  . ASP B 1 17 ? -11.364 -5.238  -15.888 1.00 46.08  ? 17  ASP B CG  1 
ATOM   658  O OD1 . ASP B 1 17 ? -10.592 -6.175  -16.213 1.00 45.37  ? 17  ASP B OD1 1 
ATOM   659  O OD2 . ASP B 1 17 ? -12.511 -5.076  -16.360 1.00 47.06  ? 17  ASP B OD2 1 
ATOM   660  N N   . PHE B 1 18 ? -7.585  -4.773  -15.981 1.00 33.82  ? 18  PHE B N   1 
ATOM   661  C CA  . PHE B 1 18 ? -6.469  -4.442  -16.894 1.00 32.82  ? 18  PHE B CA  1 
ATOM   662  C C   . PHE B 1 18 ? -6.957  -4.577  -18.331 1.00 34.56  ? 18  PHE B C   1 
ATOM   663  O O   . PHE B 1 18 ? -7.669  -5.574  -18.627 1.00 32.05  ? 18  PHE B O   1 
ATOM   664  C CB  . PHE B 1 18 ? -5.266  -5.354  -16.652 1.00 30.41  ? 18  PHE B CB  1 
ATOM   665  C CG  . PHE B 1 18 ? -4.663  -5.260  -15.274 1.00 28.77  ? 18  PHE B CG  1 
ATOM   666  C CD1 . PHE B 1 18 ? -3.934  -4.149  -14.893 1.00 28.45  ? 18  PHE B CD1 1 
ATOM   667  C CD2 . PHE B 1 18 ? -4.800  -6.297  -14.366 1.00 26.79  ? 18  PHE B CD2 1 
ATOM   668  C CE1 . PHE B 1 18 ? -3.371  -4.071  -13.630 1.00 28.00  ? 18  PHE B CE1 1 
ATOM   669  C CE2 . PHE B 1 18 ? -4.230  -6.219  -13.109 1.00 25.76  ? 18  PHE B CE2 1 
ATOM   670  C CZ  . PHE B 1 18 ? -3.509  -5.114  -12.743 1.00 26.15  ? 18  PHE B CZ  1 
ATOM   671  N N   . GLU B 1 19 ? -6.573  -3.612  -19.179 1.00 37.90  ? 19  GLU B N   1 
ATOM   672  C CA  . GLU B 1 19 ? -6.789  -3.657  -20.650 1.00 40.92  ? 19  GLU B CA  1 
ATOM   673  C C   . GLU B 1 19 ? -6.063  -4.890  -21.198 1.00 38.19  ? 19  GLU B C   1 
ATOM   674  O O   . GLU B 1 19 ? -4.925  -5.169  -20.755 1.00 39.40  ? 19  GLU B O   1 
ATOM   675  C CB  . GLU B 1 19 ? -6.297  -2.377  -21.338 1.00 47.26  ? 19  GLU B CB  1 
ATOM   676  C CG  . GLU B 1 19 ? -7.108  -1.139  -20.995 1.00 55.82  ? 19  GLU B CG  1 
ATOM   677  C CD  . GLU B 1 19 ? -8.511  -1.113  -21.600 1.00 66.08  ? 19  GLU B CD  1 
ATOM   678  O OE1 . GLU B 1 19 ? -9.488  -0.955  -20.829 1.00 70.54  ? 19  GLU B OE1 1 
ATOM   679  O OE2 . GLU B 1 19 ? -8.638  -1.263  -22.842 1.00 72.92  ? 19  GLU B OE2 1 
ATOM   680  N N   . LYS B 1 20 ? -6.702  -5.615  -22.110 1.00 38.48  ? 20  LYS B N   1 
ATOM   681  C CA  . LYS B 1 20 ? -6.092  -6.787  -22.784 1.00 42.22  ? 20  LYS B CA  1 
ATOM   682  C C   . LYS B 1 20 ? -5.294  -6.292  -23.995 1.00 41.60  ? 20  LYS B C   1 
ATOM   683  O O   . LYS B 1 20 ? -5.542  -5.158  -24.451 1.00 44.41  ? 20  LYS B O   1 
ATOM   684  C CB  . LYS B 1 20 ? -7.182  -7.796  -23.138 1.00 45.61  ? 20  LYS B CB  1 
ATOM   685  C CG  . LYS B 1 20 ? -7.961  -8.328  -21.942 1.00 50.74  ? 20  LYS B CG  1 
ATOM   686  C CD  . LYS B 1 20 ? -8.729  -9.604  -22.263 1.00 58.29  ? 20  LYS B CD  1 
ATOM   687  C CE  . LYS B 1 20 ? -9.608  -10.081 -21.127 1.00 64.04  ? 20  LYS B CE  1 
ATOM   688  N NZ  . LYS B 1 20 ? -10.776 -9.190  -20.927 1.00 65.28  ? 20  LYS B NZ  1 
ATOM   689  N N   . THR B 1 21 ? -4.324  -7.090  -24.443 1.00 39.72  ? 21  THR B N   1 
ATOM   690  C CA  . THR B 1 21 ? -3.522  -6.859  -25.669 1.00 37.61  ? 21  THR B CA  1 
ATOM   691  C C   . THR B 1 21 ? -3.487  -8.166  -26.465 1.00 37.46  ? 21  THR B C   1 
ATOM   692  O O   . THR B 1 21 ? -3.590  -9.230  -25.836 1.00 35.74  ? 21  THR B O   1 
ATOM   693  C CB  . THR B 1 21 ? -2.132  -6.329  -25.306 1.00 37.66  ? 21  THR B CB  1 
ATOM   694  O OG1 . THR B 1 21 ? -1.418  -5.969  -26.489 1.00 41.53  ? 21  THR B OG1 1 
ATOM   695  C CG2 . THR B 1 21 ? -1.302  -7.328  -24.532 1.00 37.97  ? 21  THR B CG2 1 
ATOM   696  N N   . MET B 1 22 ? -3.365  -8.072  -27.789 1.00 39.61  ? 22  MET B N   1 
ATOM   697  C CA  . MET B 1 22 ? -3.117  -9.220  -28.711 1.00 44.80  ? 22  MET B CA  1 
ATOM   698  C C   . MET B 1 22 ? -1.633  -9.289  -29.094 1.00 42.67  ? 22  MET B C   1 
ATOM   699  O O   . MET B 1 22 ? -1.263  -10.211 -29.850 1.00 50.25  ? 22  MET B O   1 
ATOM   700  C CB  . MET B 1 22 ? -3.986  -9.111  -29.968 1.00 45.51  ? 22  MET B CB  1 
ATOM   701  C CG  . MET B 1 22 ? -5.456  -9.272  -29.638 1.00 50.17  ? 22  MET B CG  1 
ATOM   702  S SD  . MET B 1 22 ? -5.766  -10.895 -28.870 1.00 54.95  ? 22  MET B SD  1 
ATOM   703  C CE  . MET B 1 22 ? -7.441  -10.677 -28.266 1.00 53.02  ? 22  MET B CE  1 
ATOM   704  N N   . ALA B 1 23 ? -0.809  -8.381  -28.561 1.00 41.00  ? 23  ALA B N   1 
ATOM   705  C CA  . ALA B 1 23 ? 0.670   -8.417  -28.664 1.00 38.25  ? 23  ALA B CA  1 
ATOM   706  C C   . ALA B 1 23 ? 1.206   -9.149  -27.433 1.00 39.35  ? 23  ALA B C   1 
ATOM   707  O O   . ALA B 1 23 ? 0.419   -9.862  -26.800 1.00 38.00  ? 23  ALA B O   1 
ATOM   708  C CB  . ALA B 1 23 ? 1.213   -7.023  -28.790 1.00 36.47  ? 23  ALA B CB  1 
ATOM   709  N N   . ARG B 1 24 ? 2.484   -8.997  -27.090 1.00 42.90  ? 24  ARG B N   1 
ATOM   710  C CA  . ARG B 1 24 ? 3.102   -9.752  -25.975 1.00 44.10  ? 24  ARG B CA  1 
ATOM   711  C C   . ARG B 1 24 ? 2.550   -9.237  -24.637 1.00 45.00  ? 24  ARG B C   1 
ATOM   712  O O   . ARG B 1 24 ? 3.005   -8.166  -24.198 1.00 42.13  ? 24  ARG B O   1 
ATOM   713  C CB  . ARG B 1 24 ? 4.603   -9.638  -26.038 1.00 44.34  ? 24  ARG B CB  1 
ATOM   714  N N   . GLY B 1 25 ? 1.617   -9.974  -24.016 1.00 41.15  ? 25  GLY B N   1 
ATOM   715  C CA  . GLY B 1 25 ? 0.975   -9.586  -22.740 1.00 41.21  ? 25  GLY B CA  1 
ATOM   716  C C   . GLY B 1 25 ? 1.153   -10.640 -21.646 1.00 38.60  ? 25  GLY B C   1 
ATOM   717  O O   . GLY B 1 25 ? 1.541   -11.772 -21.971 1.00 40.98  ? 25  GLY B O   1 
ATOM   718  N N   . TYR B 1 26 ? 0.865   -10.299 -20.388 1.00 31.54  ? 26  TYR B N   1 
ATOM   719  C CA  . TYR B 1 26 ? 0.927   -11.257 -19.257 1.00 30.75  ? 26  TYR B CA  1 
ATOM   720  C C   . TYR B 1 26 ? -0.316  -12.153 -19.255 1.00 31.58  ? 26  TYR B C   1 
ATOM   721  O O   . TYR B 1 26 ? -1.457  -11.637 -19.426 1.00 30.74  ? 26  TYR B O   1 
ATOM   722  C CB  . TYR B 1 26 ? 1.014   -10.518 -17.927 1.00 28.64  ? 26  TYR B CB  1 
ATOM   723  C CG  . TYR B 1 26 ? 2.267   -9.720  -17.705 1.00 27.89  ? 26  TYR B CG  1 
ATOM   724  C CD1 . TYR B 1 26 ? 3.526   -10.240 -17.995 1.00 28.71  ? 26  TYR B CD1 1 
ATOM   725  C CD2 . TYR B 1 26 ? 2.194   -8.436  -17.182 1.00 26.41  ? 26  TYR B CD2 1 
ATOM   726  C CE1 . TYR B 1 26 ? 4.681   -9.504  -17.746 1.00 27.44  ? 26  TYR B CE1 1 
ATOM   727  C CE2 . TYR B 1 26 ? 3.335   -7.689  -16.938 1.00 26.21  ? 26  TYR B CE2 1 
ATOM   728  C CZ  . TYR B 1 26 ? 4.581   -8.228  -17.212 1.00 27.22  ? 26  TYR B CZ  1 
ATOM   729  O OH  . TYR B 1 26 ? 5.683   -7.460  -16.966 1.00 30.89  ? 26  TYR B OH  1 
ATOM   730  N N   . ARG B 1 27 ? -0.115  -13.453 -19.024 1.00 31.44  ? 27  ARG B N   1 
ATOM   731  C CA  . ARG B 1 27 ? -1.223  -14.421 -18.823 1.00 34.56  ? 27  ARG B CA  1 
ATOM   732  C C   . ARG B 1 27 ? -2.080  -13.945 -17.650 1.00 32.85  ? 27  ARG B C   1 
ATOM   733  O O   . ARG B 1 27 ? -1.514  -13.650 -16.595 1.00 29.42  ? 27  ARG B O   1 
ATOM   734  C CB  . ARG B 1 27 ? -0.716  -15.845 -18.576 1.00 40.67  ? 27  ARG B CB  1 
ATOM   735  C CG  . ARG B 1 27 ? -0.838  -16.737 -19.807 1.00 47.90  ? 27  ARG B CG  1 
ATOM   736  C CD  . ARG B 1 27 ? -0.956  -18.225 -19.524 1.00 50.22  ? 27  ARG B CD  1 
ATOM   737  N NE  . ARG B 1 27 ? 0.300   -18.928 -19.749 1.00 53.85  ? 27  ARG B NE  1 
ATOM   738  C CZ  . ARG B 1 27 ? 0.787   -19.296 -20.938 1.00 57.27  ? 27  ARG B CZ  1 
ATOM   739  N NH1 . ARG B 1 27 ? 0.128   -19.013 -22.051 1.00 53.04  ? 27  ARG B NH1 1 
ATOM   740  N NH2 . ARG B 1 27 ? 1.943   -19.947 -21.002 1.00 60.32  ? 27  ARG B NH2 1 
ATOM   741  N N   . ARG B 1 28 ? -3.393  -13.863 -17.856 1.00 33.50  ? 28  ARG B N   1 
ATOM   742  C CA  . ARG B 1 28 ? -4.346  -13.241 -16.905 1.00 37.65  ? 28  ARG B CA  1 
ATOM   743  C C   . ARG B 1 28 ? -4.362  -14.090 -15.633 1.00 39.98  ? 28  ARG B C   1 
ATOM   744  O O   . ARG B 1 28 ? -4.359  -13.503 -14.538 1.00 40.27  ? 28  ARG B O   1 
ATOM   745  C CB  . ARG B 1 28 ? -5.734  -13.105 -17.539 1.00 38.11  ? 28  ARG B CB  1 
ATOM   746  C CG  . ARG B 1 28 ? -5.781  -12.171 -18.741 1.00 39.78  ? 28  ARG B CG  1 
ATOM   747  C CD  . ARG B 1 28 ? -7.184  -11.938 -19.270 1.00 42.47  ? 28  ARG B CD  1 
ATOM   748  N NE  . ARG B 1 28 ? -7.870  -13.187 -19.557 1.00 46.67  ? 28  ARG B NE  1 
ATOM   749  C CZ  . ARG B 1 28 ? -7.644  -13.975 -20.610 1.00 48.55  ? 28  ARG B CZ  1 
ATOM   750  N NH1 . ARG B 1 28 ? -6.745  -13.652 -21.529 1.00 49.57  ? 28  ARG B NH1 1 
ATOM   751  N NH2 . ARG B 1 28 ? -8.327  -15.098 -20.734 1.00 47.85  ? 28  ARG B NH2 1 
ATOM   752  N N   . GLU B 1 29 ? -4.332  -15.415 -15.797 1.00 42.28  ? 29  GLU B N   1 
ATOM   753  C CA  . GLU B 1 29 ? -4.399  -16.406 -14.694 1.00 42.70  ? 29  GLU B CA  1 
ATOM   754  C C   . GLU B 1 29 ? -3.297  -16.071 -13.685 1.00 38.23  ? 29  GLU B C   1 
ATOM   755  O O   . GLU B 1 29 ? -3.599  -16.015 -12.480 1.00 35.54  ? 29  GLU B O   1 
ATOM   756  C CB  . GLU B 1 29 ? -4.260  -17.836 -15.231 1.00 50.28  ? 29  GLU B CB  1 
ATOM   757  C CG  . GLU B 1 29 ? -5.543  -18.391 -15.829 1.00 58.39  ? 29  GLU B CG  1 
ATOM   758  C CD  . GLU B 1 29 ? -6.044  -17.670 -17.076 1.00 65.36  ? 29  GLU B CD  1 
ATOM   759  O OE1 . GLU B 1 29 ? -5.193  -17.254 -17.915 1.00 59.64  ? 29  GLU B OE1 1 
ATOM   760  O OE2 . GLU B 1 29 ? -7.284  -17.511 -17.206 1.00 65.84  ? 29  GLU B OE2 1 
ATOM   761  N N   . GLU B 1 30 ? -2.072  -15.848 -14.170 1.00 34.85  ? 30  GLU B N   1 
ATOM   762  C CA  . GLU B 1 30 ? -0.867  -15.684 -13.314 1.00 35.79  ? 30  GLU B CA  1 
ATOM   763  C C   . GLU B 1 30 ? -0.923  -14.347 -12.575 1.00 31.62  ? 30  GLU B C   1 
ATOM   764  O O   . GLU B 1 30 ? -0.675  -14.339 -11.353 1.00 32.66  ? 30  GLU B O   1 
ATOM   765  C CB  . GLU B 1 30 ? 0.410   -15.801 -14.141 1.00 37.25  ? 30  GLU B CB  1 
ATOM   766  C CG  . GLU B 1 30 ? 0.690   -17.218 -14.572 1.00 40.44  ? 30  GLU B CG  1 
ATOM   767  C CD  . GLU B 1 30 ? 2.000   -17.398 -15.313 1.00 46.18  ? 30  GLU B CD  1 
ATOM   768  O OE1 . GLU B 1 30 ? 2.000   -18.141 -16.327 1.00 48.72  ? 30  GLU B OE1 1 
ATOM   769  O OE2 . GLU B 1 30 ? 3.015   -16.801 -14.872 1.00 48.79  ? 30  GLU B OE2 1 
ATOM   770  N N   . VAL B 1 31 ? -1.258  -13.267 -13.282 1.00 29.12  ? 31  VAL B N   1 
ATOM   771  C CA  . VAL B 1 31 ? -1.393  -11.906 -12.689 1.00 28.14  ? 31  VAL B CA  1 
ATOM   772  C C   . VAL B 1 31 ? -2.473  -11.982 -11.605 1.00 25.81  ? 31  VAL B C   1 
ATOM   773  O O   . VAL B 1 31 ? -2.190  -11.636 -10.444 1.00 23.49  ? 31  VAL B O   1 
ATOM   774  C CB  . VAL B 1 31 ? -1.713  -10.855 -13.774 1.00 29.99  ? 31  VAL B CB  1 
ATOM   775  C CG1 . VAL B 1 31 ? -2.133  -9.513  -13.173 1.00 28.91  ? 31  VAL B CG1 1 
ATOM   776  C CG2 . VAL B 1 31 ? -0.528  -10.674 -14.724 1.00 29.37  ? 31  VAL B CG2 1 
ATOM   777  N N   . ASP B 1 32 ? -3.644  -12.486 -11.972 1.00 25.40  ? 32  ASP B N   1 
ATOM   778  C CA  . ASP B 1 32 ? -4.826  -12.584 -11.077 1.00 30.00  ? 32  ASP B CA  1 
ATOM   779  C C   . ASP B 1 32 ? -4.442  -13.354 -9.806  1.00 26.71  ? 32  ASP B C   1 
ATOM   780  O O   . ASP B 1 32 ? -4.701  -12.844 -8.708  1.00 28.16  ? 32  ASP B O   1 
ATOM   781  C CB  . ASP B 1 32 ? -6.022  -13.193 -11.820 1.00 33.06  ? 32  ASP B CB  1 
ATOM   782  C CG  . ASP B 1 32 ? -6.675  -12.255 -12.830 1.00 38.11  ? 32  ASP B CG  1 
ATOM   783  O OD1 . ASP B 1 32 ? -6.260  -11.064 -12.899 1.00 39.61  ? 32  ASP B OD1 1 
ATOM   784  O OD2 . ASP B 1 32 ? -7.601  -12.713 -13.547 1.00 46.37  ? 32  ASP B OD2 1 
ATOM   785  N N   . ALA B 1 33 ? -3.790  -14.505 -9.954  1.00 24.47  ? 33  ALA B N   1 
ATOM   786  C CA  . ALA B 1 33 ? -3.379  -15.377 -8.831  1.00 25.04  ? 33  ALA B CA  1 
ATOM   787  C C   . ALA B 1 33 ? -2.376  -14.653 -7.924  1.00 25.04  ? 33  ALA B C   1 
ATOM   788  O O   . ALA B 1 33 ? -2.463  -14.816 -6.695  1.00 26.52  ? 33  ALA B O   1 
ATOM   789  C CB  . ALA B 1 33 ? -2.805  -16.655 -9.363  1.00 24.68  ? 33  ALA B CB  1 
ATOM   790  N N   . PHE B 1 34 ? -1.446  -13.894 -8.506  1.00 24.89  ? 34  PHE B N   1 
ATOM   791  C CA  . PHE B 1 34 ? -0.440  -13.104 -7.759  1.00 23.54  ? 34  PHE B CA  1 
ATOM   792  C C   . PHE B 1 34 ? -1.127  -11.971 -6.967  1.00 22.67  ? 34  PHE B C   1 
ATOM   793  O O   . PHE B 1 34 ? -0.819  -11.767 -5.773  1.00 22.01  ? 34  PHE B O   1 
ATOM   794  C CB  . PHE B 1 34 ? 0.621   -12.621 -8.743  1.00 23.75  ? 34  PHE B CB  1 
ATOM   795  C CG  . PHE B 1 34 ? 1.870   -12.105 -8.087  1.00 25.98  ? 34  PHE B CG  1 
ATOM   796  C CD1 . PHE B 1 34 ? 2.608   -12.920 -7.237  1.00 27.29  ? 34  PHE B CD1 1 
ATOM   797  C CD2 . PHE B 1 34 ? 2.315   -10.814 -8.323  1.00 26.97  ? 34  PHE B CD2 1 
ATOM   798  C CE1 . PHE B 1 34 ? 3.760   -12.451 -6.627  1.00 27.92  ? 34  PHE B CE1 1 
ATOM   799  C CE2 . PHE B 1 34 ? 3.481   -10.351 -7.733  1.00 27.68  ? 34  PHE B CE2 1 
ATOM   800  C CZ  . PHE B 1 34 ? 4.199   -11.169 -6.885  1.00 28.69  ? 34  PHE B CZ  1 
ATOM   801  N N   . LEU B 1 35 ? -2.047  -11.235 -7.592  1.00 23.31  ? 35  LEU B N   1 
ATOM   802  C CA  . LEU B 1 35 ? -2.835  -10.160 -6.916  1.00 24.28  ? 35  LEU B CA  1 
ATOM   803  C C   . LEU B 1 35 ? -3.652  -10.737 -5.746  1.00 25.50  ? 35  LEU B C   1 
ATOM   804  O O   . LEU B 1 35 ? -3.843  -10.012 -4.743  1.00 24.28  ? 35  LEU B O   1 
ATOM   805  C CB  . LEU B 1 35 ? -3.743  -9.460  -7.933  1.00 24.55  ? 35  LEU B CB  1 
ATOM   806  C CG  . LEU B 1 35 ? -3.037  -8.589  -8.975  1.00 25.51  ? 35  LEU B CG  1 
ATOM   807  C CD1 . LEU B 1 35 ? -4.028  -7.953  -9.928  1.00 25.39  ? 35  LEU B CD1 1 
ATOM   808  C CD2 . LEU B 1 35 ? -2.193  -7.502  -8.329  1.00 28.29  ? 35  LEU B CD2 1 
ATOM   809  N N   . ASP B 1 36 ? -4.088  -11.995 -5.834  1.00 27.86  ? 36  ASP B N   1 
ATOM   810  C CA  . ASP B 1 36 ? -4.825  -12.671 -4.730  1.00 30.69  ? 36  ASP B CA  1 
ATOM   811  C C   . ASP B 1 36 ? -3.961  -12.740 -3.470  1.00 29.64  ? 36  ASP B C   1 
ATOM   812  O O   . ASP B 1 36 ? -4.468  -12.414 -2.373  1.00 28.02  ? 36  ASP B O   1 
ATOM   813  C CB  . ASP B 1 36 ? -5.273  -14.075 -5.127  1.00 37.47  ? 36  ASP B CB  1 
ATOM   814  C CG  . ASP B 1 36 ? -6.636  -14.100 -5.785  1.00 44.97  ? 36  ASP B CG  1 
ATOM   815  O OD1 . ASP B 1 36 ? -7.529  -13.323 -5.324  1.00 50.27  ? 36  ASP B OD1 1 
ATOM   816  O OD2 . ASP B 1 36 ? -6.795  -14.892 -6.748  1.00 53.09  ? 36  ASP B OD2 1 
ATOM   817  N N   . ASP B 1 37 ? -2.712  -13.187 -3.607  1.00 29.61  ? 37  ASP B N   1 
ATOM   818  C CA  . ASP B 1 37 ? -1.737  -13.200 -2.486  1.00 30.28  ? 37  ASP B CA  1 
ATOM   819  C C   . ASP B 1 37 ? -1.571  -11.768 -1.951  1.00 28.22  ? 37  ASP B C   1 
ATOM   820  O O   . ASP B 1 37 ? -1.510  -11.579 -0.716  1.00 30.73  ? 37  ASP B O   1 
ATOM   821  C CB  . ASP B 1 37 ? -0.400  -13.791 -2.933  1.00 34.21  ? 37  ASP B CB  1 
ATOM   822  C CG  . ASP B 1 37 ? -0.454  -15.273 -3.268  1.00 37.05  ? 37  ASP B CG  1 
ATOM   823  O OD1 . ASP B 1 37 ? -1.452  -15.928 -2.914  1.00 41.11  ? 37  ASP B OD1 1 
ATOM   824  O OD2 . ASP B 1 37 ? 0.512   -15.753 -3.871  1.00 42.52  ? 37  ASP B OD2 1 
ATOM   825  N N   . ILE B 1 38 ? -1.469  -10.795 -2.855  1.00 25.36  ? 38  ILE B N   1 
ATOM   826  C CA  . ILE B 1 38 ? -1.305  -9.358  -2.506  1.00 23.59  ? 38  ILE B CA  1 
ATOM   827  C C   . ILE B 1 38 ? -2.548  -8.904  -1.739  1.00 21.76  ? 38  ILE B C   1 
ATOM   828  O O   . ILE B 1 38 ? -2.406  -8.223  -0.736  1.00 19.94  ? 38  ILE B O   1 
ATOM   829  C CB  . ILE B 1 38 ? -1.028  -8.514  -3.763  1.00 22.83  ? 38  ILE B CB  1 
ATOM   830  C CG1 . ILE B 1 38 ? 0.410   -8.737  -4.253  1.00 23.83  ? 38  ILE B CG1 1 
ATOM   831  C CG2 . ILE B 1 38 ? -1.331  -7.045  -3.521  1.00 21.83  ? 38  ILE B CG2 1 
ATOM   832  C CD1 . ILE B 1 38 ? 0.665   -8.308  -5.680  1.00 23.28  ? 38  ILE B CD1 1 
ATOM   833  N N   . ILE B 1 39 ? -3.729  -9.292  -2.197  1.00 22.69  ? 39  ILE B N   1 
ATOM   834  C CA  . ILE B 1 39 ? -5.002  -8.947  -1.504  1.00 22.22  ? 39  ILE B CA  1 
ATOM   835  C C   . ILE B 1 39 ? -4.920  -9.446  -0.061  1.00 22.85  ? 39  ILE B C   1 
ATOM   836  O O   . ILE B 1 39 ? -5.207  -8.650  0.861   1.00 23.31  ? 39  ILE B O   1 
ATOM   837  C CB  . ILE B 1 39 ? -6.203  -9.492  -2.290  1.00 21.45  ? 39  ILE B CB  1 
ATOM   838  C CG1 . ILE B 1 39 ? -6.490  -8.588  -3.487  1.00 22.37  ? 39  ILE B CG1 1 
ATOM   839  C CG2 . ILE B 1 39 ? -7.430  -9.650  -1.405  1.00 21.70  ? 39  ILE B CG2 1 
ATOM   840  C CD1 . ILE B 1 39 ? -7.096  -9.315  -4.661  1.00 24.57  ? 39  ILE B CD1 1 
ATOM   841  N N   . ALA B 1 40 ? -4.494  -10.688 0.145   1.00 23.14  ? 40  ALA B N   1 
ATOM   842  C CA  . ALA B 1 40 ? -4.435  -11.300 1.494   1.00 25.29  ? 40  ALA B CA  1 
ATOM   843  C C   . ALA B 1 40 ? -3.595  -10.427 2.431   1.00 26.86  ? 40  ALA B C   1 
ATOM   844  O O   . ALA B 1 40 ? -4.014  -10.234 3.601   1.00 27.86  ? 40  ALA B O   1 
ATOM   845  C CB  . ALA B 1 40 ? -3.891  -12.700 1.404   1.00 25.40  ? 40  ALA B CB  1 
ATOM   846  N N   . ASP B 1 41 ? -2.458  -9.922  1.936   1.00 29.20  ? 41  ASP B N   1 
ATOM   847  C CA  . ASP B 1 41 ? -1.515  -9.073  2.717   1.00 29.38  ? 41  ASP B CA  1 
ATOM   848  C C   . ASP B 1 41 ? -2.152  -7.713  3.045   1.00 27.70  ? 41  ASP B C   1 
ATOM   849  O O   . ASP B 1 41 ? -1.975  -7.250  4.187   1.00 28.11  ? 41  ASP B O   1 
ATOM   850  C CB  . ASP B 1 41 ? -0.177  -8.913  1.995   1.00 33.16  ? 41  ASP B CB  1 
ATOM   851  C CG  . ASP B 1 41 ? 0.598   -10.208 1.806   1.00 38.14  ? 41  ASP B CG  1 
ATOM   852  O OD1 . ASP B 1 41 ? 0.049   -11.266 2.178   1.00 43.99  ? 41  ASP B OD1 1 
ATOM   853  O OD2 . ASP B 1 41 ? 1.744   -10.154 1.263   1.00 38.27  ? 41  ASP B OD2 1 
ATOM   854  N N   . TYR B 1 42 ? -2.864  -7.079  2.107   1.00 26.86  ? 42  TYR B N   1 
ATOM   855  C CA  . TYR B 1 42 ? -3.625  -5.825  2.374   1.00 29.58  ? 42  TYR B CA  1 
ATOM   856  C C   . TYR B 1 42 ? -4.686  -6.077  3.457   1.00 29.48  ? 42  TYR B C   1 
ATOM   857  O O   . TYR B 1 42 ? -4.943  -5.172  4.260   1.00 30.50  ? 42  TYR B O   1 
ATOM   858  C CB  . TYR B 1 42 ? -4.286  -5.268  1.111   1.00 29.34  ? 42  TYR B CB  1 
ATOM   859  C CG  . TYR B 1 42 ? -3.385  -4.386  0.285   1.00 30.98  ? 42  TYR B CG  1 
ATOM   860  C CD1 . TYR B 1 42 ? -2.497  -4.923  -0.638  1.00 31.69  ? 42  TYR B CD1 1 
ATOM   861  C CD2 . TYR B 1 42 ? -3.407  -3.011  0.430   1.00 29.99  ? 42  TYR B CD2 1 
ATOM   862  C CE1 . TYR B 1 42 ? -1.657  -4.117  -1.389  1.00 30.87  ? 42  TYR B CE1 1 
ATOM   863  C CE2 . TYR B 1 42 ? -2.571  -2.194  -0.313  1.00 29.86  ? 42  TYR B CE2 1 
ATOM   864  C CZ  . TYR B 1 42 ? -1.697  -2.748  -1.230  1.00 29.51  ? 42  TYR B CZ  1 
ATOM   865  O OH  . TYR B 1 42 ? -0.884  -1.957  -1.988  1.00 27.25  ? 42  TYR B OH  1 
ATOM   866  N N   . GLN B 1 43 ? -5.301  -7.261  3.484   1.00 33.65  ? 43  GLN B N   1 
ATOM   867  C CA  . GLN B 1 43 ? -6.343  -7.599  4.497   1.00 35.16  ? 43  GLN B CA  1 
ATOM   868  C C   . GLN B 1 43 ? -5.676  -7.726  5.866   1.00 32.66  ? 43  GLN B C   1 
ATOM   869  O O   . GLN B 1 43 ? -6.223  -7.230  6.840   1.00 31.84  ? 43  GLN B O   1 
ATOM   870  C CB  . GLN B 1 43 ? -7.061  -8.897  4.151   1.00 37.90  ? 43  GLN B CB  1 
ATOM   871  C CG  . GLN B 1 43 ? -7.702  -8.878  2.778   1.00 42.00  ? 43  GLN B CG  1 
ATOM   872  C CD  . GLN B 1 43 ? -9.182  -8.594  2.833   1.00 44.47  ? 43  GLN B CD  1 
ATOM   873  O OE1 . GLN B 1 43 ? -9.637  -7.671  3.509   1.00 48.44  ? 43  GLN B OE1 1 
ATOM   874  N NE2 . GLN B 1 43 ? -9.942  -9.384  2.089   1.00 44.57  ? 43  GLN B NE2 1 
ATOM   875  N N   . LYS B 1 44 ? -4.500  -8.331  5.913   1.00 32.34  ? 44  LYS B N   1 
ATOM   876  C CA  . LYS B 1 44 ? -3.752  -8.516  7.174   1.00 34.74  ? 44  LYS B CA  1 
ATOM   877  C C   . LYS B 1 44 ? -3.270  -7.187  7.764   1.00 32.16  ? 44  LYS B C   1 
ATOM   878  O O   . LYS B 1 44 ? -3.107  -7.130  8.964   1.00 31.03  ? 44  LYS B O   1 
ATOM   879  C CB  . LYS B 1 44 ? -2.560  -9.440  6.933   1.00 39.38  ? 44  LYS B CB  1 
ATOM   880  C CG  . LYS B 1 44 ? -2.814  -10.872 7.345   1.00 45.44  ? 44  LYS B CG  1 
ATOM   881  C CD  . LYS B 1 44 ? -1.582  -11.698 7.525   1.00 50.16  ? 44  LYS B CD  1 
ATOM   882  C CE  . LYS B 1 44 ? -1.811  -12.865 8.455   1.00 52.71  ? 44  LYS B CE  1 
ATOM   883  N NZ  . LYS B 1 44 ? -1.896  -12.417 9.859   1.00 55.59  ? 44  LYS B NZ  1 
ATOM   884  N N   . MET B 1 45 ? -3.065  -6.171  6.939   1.00 30.54  ? 45  MET B N   1 
ATOM   885  C CA  . MET B 1 45 ? -2.516  -4.869  7.409   1.00 31.75  ? 45  MET B CA  1 
ATOM   886  C C   . MET B 1 45 ? -3.630  -3.820  7.503   1.00 29.65  ? 45  MET B C   1 
ATOM   887  O O   . MET B 1 45 ? -3.314  -2.704  7.971   1.00 28.76  ? 45  MET B O   1 
ATOM   888  C CB  . MET B 1 45 ? -1.424  -4.319  6.479   1.00 34.25  ? 45  MET B CB  1 
ATOM   889  C CG  . MET B 1 45 ? -0.158  -5.132  6.458   1.00 38.35  ? 45  MET B CG  1 
ATOM   890  S SD  . MET B 1 45 ? 0.611   -5.203  8.082   1.00 43.08  ? 45  MET B SD  1 
ATOM   891  C CE  . MET B 1 45 ? 2.357   -5.173  7.683   1.00 47.89  ? 45  MET B CE  1 
ATOM   892  N N   . ALA B 1 46 ? -4.865  -4.127  7.090   1.00 26.91  ? 46  ALA B N   1 
ATOM   893  C CA  . ALA B 1 46 ? -5.945  -3.112  6.975   1.00 28.30  ? 46  ALA B CA  1 
ATOM   894  C C   . ALA B 1 46 ? -6.184  -2.424  8.331   1.00 30.68  ? 46  ALA B C   1 
ATOM   895  O O   . ALA B 1 46 ? -6.349  -1.166  8.349   1.00 30.69  ? 46  ALA B O   1 
ATOM   896  C CB  . ALA B 1 46 ? -7.215  -3.721  6.441   1.00 27.56  ? 46  ALA B CB  1 
ATOM   897  N N   . ASP B 1 47 ? -6.201  -3.203  9.418   1.00 31.20  ? 47  ASP B N   1 
ATOM   898  C CA  . ASP B 1 47 ? -6.464  -2.707  10.794  1.00 31.68  ? 47  ASP B CA  1 
ATOM   899  C C   . ASP B 1 47 ? -5.340  -1.774  11.244  1.00 28.84  ? 47  ASP B C   1 
ATOM   900  O O   . ASP B 1 47 ? -5.644  -0.690  11.722  1.00 28.24  ? 47  ASP B O   1 
ATOM   901  C CB  . ASP B 1 47 ? -6.652  -3.874  11.761  1.00 35.65  ? 47  ASP B CB  1 
ATOM   902  C CG  . ASP B 1 47 ? -8.013  -4.534  11.625  1.00 37.73  ? 47  ASP B CG  1 
ATOM   903  O OD1 . ASP B 1 47 ? -8.879  -3.939  10.985  1.00 43.84  ? 47  ASP B OD1 1 
ATOM   904  O OD2 . ASP B 1 47 ? -8.194  -5.628  12.171  1.00 41.54  ? 47  ASP B OD2 1 
ATOM   905  N N   . MET B 1 48 ? -4.087  -2.177  11.107  1.00 29.31  ? 48  MET B N   1 
ATOM   906  C CA  . MET B 1 48 ? -2.941  -1.307  11.481  1.00 30.99  ? 48  MET B CA  1 
ATOM   907  C C   . MET B 1 48 ? -2.948  -0.027  10.630  1.00 28.57  ? 48  MET B C   1 
ATOM   908  O O   . MET B 1 48 ? -2.600  1.043   11.153  1.00 26.76  ? 48  MET B O   1 
ATOM   909  C CB  . MET B 1 48 ? -1.609  -2.031  11.286  1.00 33.47  ? 48  MET B CB  1 
ATOM   910  C CG  . MET B 1 48 ? -0.465  -1.342  12.004  1.00 35.93  ? 48  MET B CG  1 
ATOM   911  S SD  . MET B 1 48 ? 1.110   -2.190  11.762  1.00 36.60  ? 48  MET B SD  1 
ATOM   912  C CE  . MET B 1 48 ? 0.704   -3.810  12.413  1.00 33.35  ? 48  MET B CE  1 
ATOM   913  N N   . ASN B 1 49 ? -3.342  -0.127  9.359   1.00 27.87  ? 49  ASN B N   1 
ATOM   914  C CA  . ASN B 1 49 ? -3.401  1.029   8.428   1.00 27.66  ? 49  ASN B CA  1 
ATOM   915  C C   . ASN B 1 49 ? -4.531  1.977   8.843   1.00 27.19  ? 49  ASN B C   1 
ATOM   916  O O   . ASN B 1 49 ? -4.299  3.189   8.765   1.00 30.45  ? 49  ASN B O   1 
ATOM   917  C CB  . ASN B 1 49 ? -3.549  0.614   6.964   1.00 26.58  ? 49  ASN B CB  1 
ATOM   918  C CG  . ASN B 1 49 ? -3.612  1.822   6.053   1.00 27.35  ? 49  ASN B CG  1 
ATOM   919  O OD1 . ASN B 1 49 ? -2.631  2.554   5.919   1.00 27.07  ? 49  ASN B OD1 1 
ATOM   920  N ND2 . ASN B 1 49 ? -4.756  2.042   5.425   1.00 26.75  ? 49  ASN B ND2 1 
ATOM   921  N N   . ASN B 1 50 ? -5.693  1.467   9.254   1.00 28.11  ? 50  ASN B N   1 
ATOM   922  C CA  . ASN B 1 50 ? -6.802  2.309   9.782   1.00 31.64  ? 50  ASN B CA  1 
ATOM   923  C C   . ASN B 1 50 ? -6.328  3.063   11.025  1.00 29.93  ? 50  ASN B C   1 
ATOM   924  O O   . ASN B 1 50 ? -6.695  4.224   11.202  1.00 28.41  ? 50  ASN B O   1 
ATOM   925  C CB  . ASN B 1 50 ? -8.059  1.508   10.134  1.00 35.13  ? 50  ASN B CB  1 
ATOM   926  C CG  . ASN B 1 50 ? -8.795  1.008   8.906   1.00 38.31  ? 50  ASN B CG  1 
ATOM   927  O OD1 . ASN B 1 50 ? -9.049  1.767   7.965   1.00 39.48  ? 50  ASN B OD1 1 
ATOM   928  N ND2 . ASN B 1 50 ? -9.130  -0.273  8.897   1.00 39.86  ? 50  ASN B ND2 1 
ATOM   929  N N   . GLU B 1 51 ? -5.544  2.412   11.868  1.00 31.48  ? 51  GLU B N   1 
ATOM   930  C CA  . GLU B 1 51 ? -5.017  3.035   13.103  1.00 34.07  ? 51  GLU B CA  1 
ATOM   931  C C   . GLU B 1 51 ? -4.058  4.173   12.739  1.00 32.97  ? 51  GLU B C   1 
ATOM   932  O O   . GLU B 1 51 ? -4.156  5.246   13.358  1.00 35.83  ? 51  GLU B O   1 
ATOM   933  C CB  . GLU B 1 51 ? -4.320  1.985   13.954  1.00 37.73  ? 51  GLU B CB  1 
ATOM   934  C CG  . GLU B 1 51 ? -4.356  2.301   15.433  1.00 40.73  ? 51  GLU B CG  1 
ATOM   935  C CD  . GLU B 1 51 ? -3.522  1.300   16.204  1.00 42.70  ? 51  GLU B CD  1 
ATOM   936  O OE1 . GLU B 1 51 ? -2.927  1.685   17.228  1.00 45.93  ? 51  GLU B OE1 1 
ATOM   937  O OE2 . GLU B 1 51 ? -3.440  0.143   15.738  1.00 47.46  ? 51  GLU B OE2 1 
ATOM   938  N N   . VAL B 1 52 ? -3.180  3.966   11.758  1.00 31.93  ? 52  VAL B N   1 
ATOM   939  C CA  . VAL B 1 52 ? -2.181  4.992   11.333  1.00 30.84  ? 52  VAL B CA  1 
ATOM   940  C C   . VAL B 1 52 ? -2.920  6.233   10.832  1.00 29.19  ? 52  VAL B C   1 
ATOM   941  O O   . VAL B 1 52 ? -2.477  7.348   11.171  1.00 28.73  ? 52  VAL B O   1 
ATOM   942  C CB  . VAL B 1 52 ? -1.187  4.450   10.287  1.00 33.39  ? 52  VAL B CB  1 
ATOM   943  C CG1 . VAL B 1 52 ? -0.828  5.478   9.232   1.00 34.00  ? 52  VAL B CG1 1 
ATOM   944  C CG2 . VAL B 1 52 ? 0.070   3.928   10.951  1.00 36.31  ? 52  VAL B CG2 1 
ATOM   945  N N   . VAL B 1 53 ? -3.992  6.058   10.060  1.00 28.54  ? 53  VAL B N   1 
ATOM   946  C CA  . VAL B 1 53 ? -4.779  7.201   9.511   1.00 30.17  ? 53  VAL B CA  1 
ATOM   947  C C   . VAL B 1 53 ? -5.364  7.979   10.689  1.00 32.40  ? 53  VAL B C   1 
ATOM   948  O O   . VAL B 1 53 ? -5.224  9.210   10.708  1.00 38.11  ? 53  VAL B O   1 
ATOM   949  C CB  . VAL B 1 53 ? -5.862  6.721   8.521   1.00 31.56  ? 53  VAL B CB  1 
ATOM   950  C CG1 . VAL B 1 53 ? -6.891  7.795   8.207   1.00 29.98  ? 53  VAL B CG1 1 
ATOM   951  C CG2 . VAL B 1 53 ? -5.228  6.208   7.235   1.00 31.58  ? 53  VAL B CG2 1 
ATOM   952  N N   . LYS B 1 54 ? -5.980  7.268   11.630  1.00 33.71  ? 54  LYS B N   1 
ATOM   953  C CA  . LYS B 1 54 ? -6.674  7.810   12.822  1.00 36.19  ? 54  LYS B CA  1 
ATOM   954  C C   . LYS B 1 54 ? -5.708  8.550   13.749  1.00 34.01  ? 54  LYS B C   1 
ATOM   955  O O   . LYS B 1 54 ? -6.052  9.614   14.186  1.00 34.90  ? 54  LYS B O   1 
ATOM   956  C CB  . LYS B 1 54 ? -7.497  6.703   13.489  1.00 41.41  ? 54  LYS B CB  1 
ATOM   957  C CG  . LYS B 1 54 ? -7.849  6.915   14.948  1.00 44.99  ? 54  LYS B CG  1 
ATOM   958  C CD  . LYS B 1 54 ? -8.658  5.786   15.545  1.00 54.91  ? 54  LYS B CD  1 
ATOM   959  C CE  . LYS B 1 54 ? -7.835  4.658   16.147  1.00 60.76  ? 54  LYS B CE  1 
ATOM   960  N NZ  . LYS B 1 54 ? -7.524  4.860   17.584  1.00 61.27  ? 54  LYS B NZ  1 
ATOM   961  N N   . LEU B 1 55 ? -4.546  7.986   14.029  1.00 32.77  ? 55  LEU B N   1 
ATOM   962  C CA  . LEU B 1 55 ? -3.522  8.668   14.869  1.00 31.77  ? 55  LEU B CA  1 
ATOM   963  C C   . LEU B 1 55 ? -3.023  9.934   14.166  1.00 30.59  ? 55  LEU B C   1 
ATOM   964  O O   . LEU B 1 55 ? -2.866  10.948  14.848  1.00 31.31  ? 55  LEU B O   1 
ATOM   965  C CB  . LEU B 1 55 ? -2.386  7.694   15.169  1.00 30.48  ? 55  LEU B CB  1 
ATOM   966  C CG  . LEU B 1 55 ? -2.826  6.480   15.978  1.00 29.82  ? 55  LEU B CG  1 
ATOM   967  C CD1 . LEU B 1 55 ? -1.692  5.499   16.155  1.00 30.08  ? 55  LEU B CD1 1 
ATOM   968  C CD2 . LEU B 1 55 ? -3.386  6.910   17.320  1.00 30.97  ? 55  LEU B CD2 1 
ATOM   969  N N   . SER B 1 56 ? -2.785  9.876   12.854  1.00 33.17  ? 56  SER B N   1 
ATOM   970  C CA  . SER B 1 56 ? -2.382  11.046  12.029  1.00 33.84  ? 56  SER B CA  1 
ATOM   971  C C   . SER B 1 56 ? -3.440  12.136  12.183  1.00 34.04  ? 56  SER B C   1 
ATOM   972  O O   . SER B 1 56 ? -3.078  13.296  12.485  1.00 33.93  ? 56  SER B O   1 
ATOM   973  C CB  . SER B 1 56 ? -2.207  10.680  10.585  1.00 35.27  ? 56  SER B CB  1 
ATOM   974  O OG  . SER B 1 56 ? -0.952  10.045  10.385  1.00 37.68  ? 56  SER B OG  1 
ATOM   975  N N   . GLU B 1 57 ? -4.711  11.771  12.019  1.00 34.84  ? 57  GLU B N   1 
ATOM   976  C CA  . GLU B 1 57 ? -5.816  12.767  12.044  1.00 35.31  ? 57  GLU B CA  1 
ATOM   977  C C   . GLU B 1 57 ? -5.919  13.327  13.460  1.00 34.68  ? 57  GLU B C   1 
ATOM   978  O O   . GLU B 1 57 ? -5.922  14.563  13.597  1.00 37.02  ? 57  GLU B O   1 
ATOM   979  C CB  . GLU B 1 57 ? -7.081  12.153  11.456  1.00 35.99  ? 57  GLU B CB  1 
ATOM   980  C CG  . GLU B 1 57 ? -6.895  11.911  9.966   1.00 36.18  ? 57  GLU B CG  1 
ATOM   981  C CD  . GLU B 1 57 ? -8.056  11.263  9.236   1.00 41.20  ? 57  GLU B CD  1 
ATOM   982  O OE1 . GLU B 1 57 ? -8.898  10.629  9.925   1.00 44.17  ? 57  GLU B OE1 1 
ATOM   983  O OE2 . GLU B 1 57 ? -8.112  11.384  7.964   1.00 44.28  ? 57  GLU B OE2 1 
ATOM   984  N N   . GLU B 1 58 ? -5.846  12.465  14.472  1.00 34.37  ? 58  GLU B N   1 
ATOM   985  C CA  . GLU B 1 58 ? -5.964  12.883  15.892  1.00 33.31  ? 58  GLU B CA  1 
ATOM   986  C C   . GLU B 1 58 ? -4.817  13.832  16.293  1.00 33.16  ? 58  GLU B C   1 
ATOM   987  O O   . GLU B 1 58 ? -5.101  14.848  16.954  1.00 33.86  ? 58  GLU B O   1 
ATOM   988  C CB  . GLU B 1 58 ? -6.010  11.650  16.778  1.00 32.69  ? 58  GLU B CB  1 
ATOM   989  C CG  . GLU B 1 58 ? -6.025  12.036  18.238  1.00 37.32  ? 58  GLU B CG  1 
ATOM   990  C CD  . GLU B 1 58 ? -6.583  11.009  19.202  1.00 38.04  ? 58  GLU B CD  1 
ATOM   991  O OE1 . GLU B 1 58 ? -6.695  11.351  20.404  1.00 38.03  ? 58  GLU B OE1 1 
ATOM   992  O OE2 . GLU B 1 58 ? -6.917  9.888   18.744  1.00 39.14  ? 58  GLU B OE2 1 
ATOM   993  N N   . ASN B 1 59 ? -3.574  13.524  15.914  1.00 32.09  ? 59  ASN B N   1 
ATOM   994  C CA  . ASN B 1 59 ? -2.364  14.293  16.308  1.00 34.44  ? 59  ASN B CA  1 
ATOM   995  C C   . ASN B 1 59 ? -2.426  15.673  15.654  1.00 35.41  ? 59  ASN B C   1 
ATOM   996  O O   . ASN B 1 59 ? -2.174  16.683  16.348  1.00 36.03  ? 59  ASN B O   1 
ATOM   997  C CB  . ASN B 1 59 ? -1.075  13.537  15.970  1.00 36.11  ? 59  ASN B CB  1 
ATOM   998  C CG  . ASN B 1 59 ? -0.831  12.330  16.864  1.00 37.74  ? 59  ASN B CG  1 
ATOM   999  O OD1 . ASN B 1 59 ? -1.549  12.100  17.841  1.00 31.70  ? 59  ASN B OD1 1 
ATOM   1000 N ND2 . ASN B 1 59 ? 0.192   11.547  16.540  1.00 37.65  ? 59  ASN B ND2 1 
ATOM   1001 N N   . HIS B 1 60 ? -2.767  15.715  14.369  1.00 37.17  ? 60  HIS B N   1 
ATOM   1002 C CA  . HIS B 1 60 ? -2.987  16.979  13.632  1.00 37.37  ? 60  HIS B CA  1 
ATOM   1003 C C   . HIS B 1 60 ? -3.966  17.855  14.419  1.00 36.60  ? 60  HIS B C   1 
ATOM   1004 O O   . HIS B 1 60 ? -3.590  18.997  14.717  1.00 38.61  ? 60  HIS B O   1 
ATOM   1005 C CB  . HIS B 1 60 ? -3.444  16.708  12.202  1.00 41.30  ? 60  HIS B CB  1 
ATOM   1006 C CG  . HIS B 1 60 ? -3.350  17.932  11.366  1.00 43.09  ? 60  HIS B CG  1 
ATOM   1007 N ND1 . HIS B 1 60 ? -2.188  18.684  11.308  1.00 45.85  ? 60  HIS B ND1 1 
ATOM   1008 C CD2 . HIS B 1 60 ? -4.259  18.559  10.589  1.00 44.26  ? 60  HIS B CD2 1 
ATOM   1009 C CE1 . HIS B 1 60 ? -2.386  19.733  10.529  1.00 44.84  ? 60  HIS B CE1 1 
ATOM   1010 N NE2 . HIS B 1 60 ? -3.647  19.673  10.065  1.00 42.42  ? 60  HIS B NE2 1 
ATOM   1011 N N   . LYS B 1 61 ? -5.138  17.323  14.792  1.00 37.02  ? 61  LYS B N   1 
ATOM   1012 C CA  . LYS B 1 61 ? -6.165  18.077  15.571  1.00 37.40  ? 61  LYS B CA  1 
ATOM   1013 C C   . LYS B 1 61 ? -5.591  18.512  16.919  1.00 38.48  ? 61  LYS B C   1 
ATOM   1014 O O   . LYS B 1 61 ? -5.919  19.627  17.335  1.00 42.04  ? 61  LYS B O   1 
ATOM   1015 C CB  . LYS B 1 61 ? -7.418  17.267  15.903  1.00 38.06  ? 61  LYS B CB  1 
ATOM   1016 C CG  . LYS B 1 61 ? -7.955  16.429  14.761  1.00 40.69  ? 61  LYS B CG  1 
ATOM   1017 C CD  . LYS B 1 61 ? -8.916  17.158  13.861  1.00 41.53  ? 61  LYS B CD  1 
ATOM   1018 C CE  . LYS B 1 61 ? -9.911  16.209  13.235  1.00 41.42  ? 61  LYS B CE  1 
ATOM   1019 N NZ  . LYS B 1 61 ? -10.279 15.126  14.178  1.00 44.07  ? 61  LYS B NZ  1 
ATOM   1020 N N   . LEU B 1 62 ? -4.839  17.640  17.608  1.00 38.51  ? 62  LEU B N   1 
ATOM   1021 C CA  . LEU B 1 62 ? -4.233  17.948  18.934  1.00 36.12  ? 62  LEU B CA  1 
ATOM   1022 C C   . LEU B 1 62 ? -3.174  19.054  18.785  1.00 36.31  ? 62  LEU B C   1 
ATOM   1023 O O   . LEU B 1 62 ? -3.129  19.941  19.663  1.00 38.20  ? 62  LEU B O   1 
ATOM   1024 C CB  . LEU B 1 62 ? -3.628  16.684  19.561  1.00 35.76  ? 62  LEU B CB  1 
ATOM   1025 C CG  . LEU B 1 62 ? -4.621  15.661  20.137  1.00 35.97  ? 62  LEU B CG  1 
ATOM   1026 C CD1 . LEU B 1 62 ? -3.890  14.455  20.706  1.00 36.32  ? 62  LEU B CD1 1 
ATOM   1027 C CD2 . LEU B 1 62 ? -5.511  16.264  21.212  1.00 35.34  ? 62  LEU B CD2 1 
ATOM   1028 N N   . LYS B 1 63 ? -2.364  19.038  17.730  1.00 35.12  ? 63  LYS B N   1 
ATOM   1029 C CA  . LYS B 1 63 ? -1.386  20.131  17.469  1.00 36.23  ? 63  LYS B CA  1 
ATOM   1030 C C   . LYS B 1 63 ? -2.130  21.458  17.260  1.00 38.80  ? 63  LYS B C   1 
ATOM   1031 O O   . LYS B 1 63 ? -1.670  22.484  17.796  1.00 41.18  ? 63  LYS B O   1 
ATOM   1032 C CB  . LYS B 1 63 ? -0.551  19.841  16.227  1.00 36.48  ? 63  LYS B CB  1 
ATOM   1033 C CG  . LYS B 1 63 ? 0.624   18.914  16.457  1.00 38.17  ? 63  LYS B CG  1 
ATOM   1034 C CD  . LYS B 1 63 ? 1.264   18.486  15.154  1.00 37.96  ? 63  LYS B CD  1 
ATOM   1035 C CE  . LYS B 1 63 ? 1.644   17.019  15.138  1.00 40.00  ? 63  LYS B CE  1 
ATOM   1036 N NZ  . LYS B 1 63 ? 1.307   16.386  13.839  1.00 41.01  ? 63  LYS B NZ  1 
ATOM   1037 N N   . LYS B 1 64 ? -3.223  21.435  16.490  1.00 38.35  ? 64  LYS B N   1 
ATOM   1038 C CA  . LYS B 1 64 ? -4.128  22.594  16.255  1.00 36.49  ? 64  LYS B CA  1 
ATOM   1039 C C   . LYS B 1 64 ? -4.694  23.106  17.583  1.00 38.63  ? 64  LYS B C   1 
ATOM   1040 O O   . LYS B 1 64 ? -4.787  24.342  17.744  1.00 40.56  ? 64  LYS B O   1 
ATOM   1041 C CB  . LYS B 1 64 ? -5.269  22.197  15.313  1.00 36.03  ? 64  LYS B CB  1 
ATOM   1042 C CG  . LYS B 1 64 ? -4.842  21.898  13.876  1.00 37.33  ? 64  LYS B CG  1 
ATOM   1043 C CD  . LYS B 1 64 ? -6.011  21.876  12.883  1.00 40.89  ? 64  LYS B CD  1 
ATOM   1044 C CE  . LYS B 1 64 ? -6.516  20.485  12.528  1.00 43.87  ? 64  LYS B CE  1 
ATOM   1045 N NZ  . LYS B 1 64 ? -7.944  20.476  12.101  1.00 45.01  ? 64  LYS B NZ  1 
ATOM   1046 N N   . GLU B 1 65 ? -5.086  22.207  18.493  1.00 37.41  ? 65  GLU B N   1 
ATOM   1047 C CA  . GLU B 1 65 ? -5.680  22.589  19.800  1.00 37.51  ? 65  GLU B CA  1 
ATOM   1048 C C   . GLU B 1 65 ? -4.610  23.257  20.670  1.00 38.40  ? 65  GLU B C   1 
ATOM   1049 O O   . GLU B 1 65 ? -4.910  24.253  21.365  1.00 41.28  ? 65  GLU B O   1 
ATOM   1050 C CB  . GLU B 1 65 ? -6.214  21.374  20.562  1.00 41.15  ? 65  GLU B CB  1 
ATOM   1051 C CG  . GLU B 1 65 ? -7.455  20.745  19.957  1.00 41.42  ? 65  GLU B CG  1 
ATOM   1052 C CD  . GLU B 1 65 ? -8.055  19.637  20.814  1.00 45.45  ? 65  GLU B CD  1 
ATOM   1053 O OE1 . GLU B 1 65 ? -7.729  19.600  22.030  1.00 46.72  ? 65  GLU B OE1 1 
ATOM   1054 O OE2 . GLU B 1 65 ? -8.857  18.819  20.274  1.00 43.46  ? 65  GLU B OE2 1 
ATOM   1055 N N   . LEU B 1 66 ? -3.414  22.682  20.697  1.00 38.78  ? 66  LEU B N   1 
ATOM   1056 C CA  . LEU B 1 66 ? -2.276  23.241  21.461  1.00 37.79  ? 66  LEU B CA  1 
ATOM   1057 C C   . LEU B 1 66 ? -1.902  24.600  20.864  1.00 38.43  ? 66  LEU B C   1 
ATOM   1058 O O   . LEU B 1 66 ? -1.675  25.541  21.630  1.00 40.79  ? 66  LEU B O   1 
ATOM   1059 C CB  . LEU B 1 66 ? -1.101  22.264  21.398  1.00 38.17  ? 66  LEU B CB  1 
ATOM   1060 C CG  . LEU B 1 66 ? -1.135  21.115  22.406  1.00 38.88  ? 66  LEU B CG  1 
ATOM   1061 C CD1 . LEU B 1 66 ? 0.146   20.311  22.291  1.00 40.21  ? 66  LEU B CD1 1 
ATOM   1062 C CD2 . LEU B 1 66 ? -1.311  21.610  23.837  1.00 37.63  ? 66  LEU B CD2 1 
ATOM   1063 N N   . GLU B 1 67 ? -1.848  24.704  19.541  1.00 39.58  ? 67  GLU B N   1 
ATOM   1064 C CA  . GLU B 1 67 ? -1.458  25.958  18.847  1.00 41.48  ? 67  GLU B CA  1 
ATOM   1065 C C   . GLU B 1 67 ? -2.247  27.135  19.440  1.00 43.18  ? 67  GLU B C   1 
ATOM   1066 O O   . GLU B 1 67 ? -1.623  28.146  19.746  1.00 48.04  ? 67  GLU B O   1 
ATOM   1067 C CB  . GLU B 1 67 ? -1.717  25.817  17.351  1.00 43.04  ? 67  GLU B CB  1 
ATOM   1068 C CG  . GLU B 1 67 ? -1.217  27.006  16.558  1.00 47.80  ? 67  GLU B CG  1 
ATOM   1069 C CD  . GLU B 1 67 ? -1.392  26.927  15.047  1.00 52.91  ? 67  GLU B CD  1 
ATOM   1070 O OE1 . GLU B 1 67 ? -2.033  25.943  14.541  1.00 49.67  ? 67  GLU B OE1 1 
ATOM   1071 O OE2 . GLU B 1 67 ? -0.876  27.868  14.362  1.00 56.00  ? 67  GLU B OE2 1 
ATOM   1072 N N   . GLU B 1 68 ? -3.566  26.978  19.620  1.00 43.90  ? 68  GLU B N   1 
ATOM   1073 C CA  . GLU B 1 68 ? -4.507  28.033  20.088  1.00 42.81  ? 68  GLU B CA  1 
ATOM   1074 C C   . GLU B 1 68 ? -4.204  28.433  21.535  1.00 45.00  ? 68  GLU B C   1 
ATOM   1075 O O   . GLU B 1 68 ? -4.339  29.618  21.833  1.00 54.38  ? 68  GLU B O   1 
ATOM   1076 C CB  . GLU B 1 68 ? -5.948  27.544  19.922  1.00 43.10  ? 68  GLU B CB  1 
ATOM   1077 C CG  . GLU B 1 68 ? -6.352  27.460  18.453  1.00 40.87  ? 68  GLU B CG  1 
ATOM   1078 C CD  . GLU B 1 68 ? -7.421  26.449  18.067  1.00 42.20  ? 68  GLU B CD  1 
ATOM   1079 O OE1 . GLU B 1 68 ? -8.159  25.960  18.960  1.00 42.21  ? 68  GLU B OE1 1 
ATOM   1080 O OE2 . GLU B 1 68 ? -7.512  26.137  16.849  1.00 43.54  ? 68  GLU B OE2 1 
ATOM   1081 N N   . LEU B 1 69 ? -3.822  27.514  22.421  1.00 44.71  ? 69  LEU B N   1 
ATOM   1082 C CA  . LEU B 1 69 ? -3.504  27.894  23.829  1.00 40.32  ? 69  LEU B CA  1 
ATOM   1083 C C   . LEU B 1 69 ? -2.176  28.667  23.865  1.00 43.43  ? 69  LEU B C   1 
ATOM   1084 O O   . LEU B 1 69 ? -1.072  28.161  23.568  1.00 44.70  ? 69  LEU B O   1 
ATOM   1085 C CB  . LEU B 1 69 ? -3.426  26.649  24.714  1.00 40.71  ? 69  LEU B CB  1 
ATOM   1086 C CG  . LEU B 1 69 ? -4.614  25.688  24.626  1.00 39.63  ? 69  LEU B CG  1 
ATOM   1087 C CD1 . LEU B 1 69 ? -4.309  24.383  25.352  1.00 37.85  ? 69  LEU B CD1 1 
ATOM   1088 C CD2 . LEU B 1 69 ? -5.876  26.327  25.168  1.00 38.23  ? 69  LEU B CD2 1 
ATOM   1089 N N   . ASN C 2 1  ? 11.467  -0.531  -9.373  1.00 50.60  ? 424 ASN C N   1 
ATOM   1090 C CA  . ASN C 2 1  ? 10.394  -0.008  -10.270 1.00 51.63  ? 424 ASN C CA  1 
ATOM   1091 C C   . ASN C 2 1  ? 10.377  -0.845  -11.556 1.00 49.61  ? 424 ASN C C   1 
ATOM   1092 O O   . ASN C 2 1  ? 11.354  -0.781  -12.310 1.00 52.26  ? 424 ASN C O   1 
ATOM   1093 C CB  . ASN C 2 1  ? 10.592  1.487   -10.525 1.00 59.23  ? 424 ASN C CB  1 
ATOM   1094 C CG  . ASN C 2 1  ? 9.469   2.133   -11.305 1.00 65.55  ? 424 ASN C CG  1 
ATOM   1095 O OD1 . ASN C 2 1  ? 8.553   2.704   -10.711 1.00 72.41  ? 424 ASN C OD1 1 
ATOM   1096 N ND2 . ASN C 2 1  ? 9.540   2.064   -12.627 1.00 60.36  ? 424 ASN C ND2 1 
ATOM   1097 N N   . ARG C 2 2  ? 9.306   -1.611  -11.791 1.00 43.54  ? 425 ARG C N   1 
ATOM   1098 C CA  . ARG C 2 2  ? 9.259   -2.671  -12.840 1.00 41.05  ? 425 ARG C CA  1 
ATOM   1099 C C   . ARG C 2 2  ? 8.707   -2.116  -14.162 1.00 38.15  ? 425 ARG C C   1 
ATOM   1100 O O   . ARG C 2 2  ? 8.841   -2.784  -15.192 1.00 34.49  ? 425 ARG C O   1 
ATOM   1101 C CB  . ARG C 2 2  ? 8.438   -3.870  -12.359 1.00 41.17  ? 425 ARG C CB  1 
ATOM   1102 C CG  . ARG C 2 2  ? 7.095   -3.487  -11.768 1.00 43.66  ? 425 ARG C CG  1 
ATOM   1103 C CD  . ARG C 2 2  ? 6.148   -4.649  -11.657 1.00 42.10  ? 425 ARG C CD  1 
ATOM   1104 N NE  . ARG C 2 2  ? 6.768   -5.867  -11.200 1.00 37.07  ? 425 ARG C NE  1 
ATOM   1105 C CZ  . ARG C 2 2  ? 6.742   -7.020  -11.861 1.00 38.28  ? 425 ARG C CZ  1 
ATOM   1106 N NH1 . ARG C 2 2  ? 7.313   -8.097  -11.338 1.00 35.92  ? 425 ARG C NH1 1 
ATOM   1107 N NH2 . ARG C 2 2  ? 6.145   -7.102  -13.040 1.00 36.88  ? 425 ARG C NH2 1 
ATOM   1108 N N   . LEU C 2 3  ? 8.096   -0.936  -14.154 1.00 37.20  ? 426 LEU C N   1 
ATOM   1109 C CA  . LEU C 2 3  ? 7.613   -0.274  -15.395 1.00 39.74  ? 426 LEU C CA  1 
ATOM   1110 C C   . LEU C 2 3  ? 8.801   0.056   -16.321 1.00 39.87  ? 426 LEU C C   1 
ATOM   1111 O O   . LEU C 2 3  ? 8.593   0.088   -17.539 1.00 34.77  ? 426 LEU C O   1 
ATOM   1112 C CB  . LEU C 2 3  ? 6.847   0.995   -15.004 1.00 38.41  ? 426 LEU C CB  1 
ATOM   1113 C CG  . LEU C 2 3  ? 6.227   1.784   -16.157 1.00 38.78  ? 426 LEU C CG  1 
ATOM   1114 C CD1 . LEU C 2 3  ? 5.190   0.950   -16.903 1.00 37.52  ? 426 LEU C CD1 1 
ATOM   1115 C CD2 . LEU C 2 3  ? 5.611   3.073   -15.642 1.00 38.61  ? 426 LEU C CD2 1 
ATOM   1116 N N   . PHE C 2 4  ? 9.992   0.299   -15.761 1.00 44.39  ? 427 PHE C N   1 
ATOM   1117 C CA  . PHE C 2 4  ? 11.208  0.754   -16.486 1.00 46.08  ? 427 PHE C CA  1 
ATOM   1118 C C   . PHE C 2 4  ? 12.220  -0.388  -16.635 1.00 50.06  ? 427 PHE C C   1 
ATOM   1119 O O   . PHE C 2 4  ? 13.379  -0.102  -16.867 1.00 56.30  ? 427 PHE C O   1 
ATOM   1120 C CB  . PHE C 2 4  ? 11.904  1.881   -15.721 1.00 44.50  ? 427 PHE C CB  1 
ATOM   1121 C CG  . PHE C 2 4  ? 11.068  3.081   -15.353 1.00 43.80  ? 427 PHE C CG  1 
ATOM   1122 C CD1 . PHE C 2 4  ? 9.992   3.482   -16.130 1.00 44.93  ? 427 PHE C CD1 1 
ATOM   1123 C CD2 . PHE C 2 4  ? 11.408  3.852   -14.251 1.00 42.98  ? 427 PHE C CD2 1 
ATOM   1124 C CE1 . PHE C 2 4  ? 9.249   4.604   -15.794 1.00 45.67  ? 427 PHE C CE1 1 
ATOM   1125 C CE2 . PHE C 2 4  ? 10.664  4.973   -13.914 1.00 45.46  ? 427 PHE C CE2 1 
ATOM   1126 C CZ  . PHE C 2 4  ? 9.587   5.348   -14.685 1.00 47.20  ? 427 PHE C CZ  1 
ATOM   1127 N N   . ARG C 2 5  ? 11.811  -1.646  -16.498 1.00 61.38  ? 428 ARG C N   1 
ATOM   1128 C CA  . ARG C 2 5  ? 12.748  -2.778  -16.237 1.00 72.78  ? 428 ARG C CA  1 
ATOM   1129 C C   . ARG C 2 5  ? 13.122  -3.462  -17.569 1.00 77.21  ? 428 ARG C C   1 
ATOM   1130 O O   . ARG C 2 5  ? 13.915  -4.436  -17.534 1.00 85.26  ? 428 ARG C O   1 
ATOM   1131 C CB  . ARG C 2 5  ? 12.116  -3.658  -15.144 1.00 78.77  ? 428 ARG C CB  1 
ATOM   1132 C CG  . ARG C 2 5  ? 12.675  -5.066  -14.962 1.00 78.43  ? 428 ARG C CG  1 
ATOM   1133 C CD  . ARG C 2 5  ? 11.804  -6.116  -15.639 1.00 78.13  ? 428 ARG C CD  1 
ATOM   1134 N NE  . ARG C 2 5  ? 10.398  -6.009  -15.251 1.00 76.35  ? 428 ARG C NE  1 
ATOM   1135 C CZ  . ARG C 2 5  ? 9.368   -6.538  -15.912 1.00 74.70  ? 428 ARG C CZ  1 
ATOM   1136 N NH1 . ARG C 2 5  ? 9.558   -7.238  -17.019 1.00 75.32  ? 428 ARG C NH1 1 
ATOM   1137 N NH2 . ARG C 2 5  ? 8.139   -6.357  -15.460 1.00 71.66  ? 428 ARG C NH2 1 
ATOM   1138 N N   . LYS C 2 6  ? 12.638  -2.949  -18.709 1.00 71.59  ? 429 LYS C N   1 
ATOM   1139 C CA  . LYS C 2 6  ? 12.974  -3.504  -20.050 1.00 68.09  ? 429 LYS C CA  1 
ATOM   1140 C C   . LYS C 2 6  ? 12.935  -2.383  -21.098 1.00 64.41  ? 429 LYS C C   1 
ATOM   1141 O O   . LYS C 2 6  ? 11.974  -1.599  -21.091 1.00 57.04  ? 429 LYS C O   1 
ATOM   1142 C CB  . LYS C 2 6  ? 12.042  -4.674  -20.393 1.00 68.31  ? 429 LYS C CB  1 
ATOM   1143 C CG  . LYS C 2 6  ? 12.320  -5.379  -21.717 1.00 68.45  ? 429 LYS C CG  1 
ATOM   1144 C CD  . LYS C 2 6  ? 13.739  -5.886  -21.862 1.00 66.67  ? 429 LYS C CD  1 
ATOM   1145 C CE  . LYS C 2 6  ? 14.180  -6.053  -23.300 1.00 66.68  ? 429 LYS C CE  1 
ATOM   1146 N NZ  . LYS C 2 6  ? 15.574  -5.586  -23.493 1.00 65.02  ? 429 LYS C NZ  1 
ATOM   1147 N N   . ARG C 2 7  ? 13.970  -2.327  -21.948 1.00 69.90  ? 430 ARG C N   1 
ATOM   1148 C CA  . ARG C 2 7  ? 14.100  -1.417  -23.120 1.00 75.61  ? 430 ARG C CA  1 
ATOM   1149 C C   . ARG C 2 7  ? 14.212  0.032   -22.630 1.00 76.79  ? 430 ARG C C   1 
ATOM   1150 O O   . ARG C 2 7  ? 15.234  0.707   -22.810 1.00 76.74  ? 430 ARG C O   1 
ATOM   1151 C CB  . ARG C 2 7  ? 12.912  -1.637  -24.066 1.00 78.03  ? 430 ARG C CB  1 
ATOM   1152 C CG  . ARG C 2 7  ? 12.970  -0.873  -25.384 1.00 78.32  ? 430 ARG C CG  1 
ATOM   1153 C CD  . ARG C 2 7  ? 11.750  -1.115  -26.263 1.00 77.70  ? 430 ARG C CD  1 
ATOM   1154 N NE  . ARG C 2 7  ? 10.573  -1.446  -25.464 1.00 82.18  ? 430 ARG C NE  1 
ATOM   1155 C CZ  . ARG C 2 7  ? 10.220  -2.677  -25.082 1.00 84.72  ? 430 ARG C CZ  1 
ATOM   1156 N NH1 . ARG C 2 7  ? 10.946  -3.727  -25.431 1.00 87.07  ? 430 ARG C NH1 1 
ATOM   1157 N NH2 . ARG C 2 7  ? 9.142   -2.856  -24.336 1.00 79.36  ? 430 ARG C NH2 1 
HETATM 1158 O O   . HOH D 3 .  ? -2.283  0.550   -14.081 1.00 32.86  ? 101 HOH A O   1 
HETATM 1159 O O   . HOH D 3 .  ? 7.507   -1.063  11.372  1.00 31.10  ? 102 HOH A O   1 
HETATM 1160 O O   . HOH E 3 .  ? -5.101  4.702   3.318   1.00 24.71  ? 101 HOH B O   1 
HETATM 1161 O O   . HOH E 3 .  ? -3.454  9.941   6.738   1.00 44.67  ? 102 HOH B O   1 
# 
